data_8VPH
#
_entry.id   8VPH
#
_cell.length_a   81.591
_cell.length_b   161.712
_cell.length_c   235.450
_cell.angle_alpha   90.000
_cell.angle_beta   90.000
_cell.angle_gamma   90.000
#
_symmetry.space_group_name_H-M   'P 21 21 21'
#
loop_
_entity.id
_entity.type
_entity.pdbx_description
1 polymer 'Site-specific DNA-methyltransferase (adenine-specific)'
2 polymer 'DNA Strand II'
3 polymer 'DNA Strand I'
4 non-polymer N-(3-phenylpropyl)adenosine
5 non-polymer N-{3-[(2-amino-6-methylpyrimidin-4-yl)amino]-5-[(dimethylamino)methyl]phenyl}-3-[(quinolin-4-yl)amino]benzamide
6 water water
#
loop_
_entity_poly.entity_id
_entity_poly.type
_entity_poly.pdbx_seq_one_letter_code
_entity_poly.pdbx_strand_id
1 'polypeptide(L)'
;MDDISQDNFLLSKEYENSLDVDTKKASGIYYTPKIIVDYIVKKTLKNHDIIKNPYPRILDISCGCGNFLLEVYDILYDLF
EENIYELKKKYDENYWTVDNIHRHILNYCIYGADIDEKAISILKDSLTNKKVVNDLDESDIKINLFCCDSLKKKWRYKFD
YIVGNPPYIGHKKLEKKYKKFLLEKYSEVYKDKADLYFCFYKKIIDILKQGGIGSVITPRYFLESLSGKDLREYIKSNVN
VQEIVDFLGANIFKNIGVSSCILTFDKKKTKETYIDVFKIKNEDICINKFETLEELLKSSKFEHFNINQRLLSDEWILVN
KDDETFYNKIQEKCKYSLEDIAISFQGIITGCDKAFILSKDDVKLNLVDDKFLKCWIKSKNINKYIVDKSEYRLIYSNDI
DNENTNKRILDEIIGLYKTKLENRRECKSGIRKWYELQWGREKLFFERKKIMYPYKSNENRFAIDYDNNFSSADVYSFFI
KEEYLDKFSYEYLVGILNSSVYDKYFKITAKKMSKNIYDYYPNKVMKIRIFRDNNYEEIENLSKQIISILLNKSIDKGKV
EKLQIKMDNLIMDSLGI
;
A,B,C
2 'polydeoxyribonucleotide' (DA)(DT)(DG)(DG)(DG)(DA)(DC)(DT)(DT)(DT)(DT)(DT)(DG)(DA) E,G,I
3 'polydeoxyribonucleotide' (DT)(DT)(DC)(DA)(DA)(DA)(DA)(DA)(DG)(DT)(DC)(DC)(DC)(DA) D,F,H
#
# COMPACT_ATOMS: atom_id res chain seq x y z
N TYR A 31 -19.46 48.00 -24.19
CA TYR A 31 -20.00 48.46 -25.48
C TYR A 31 -18.89 48.58 -26.52
N THR A 32 -18.98 47.76 -27.57
CA THR A 32 -18.00 47.79 -28.64
C THR A 32 -18.10 49.12 -29.40
N PRO A 33 -16.97 49.71 -29.79
CA PRO A 33 -17.02 50.94 -30.59
C PRO A 33 -17.79 50.73 -31.89
N LYS A 34 -18.52 51.77 -32.29
CA LYS A 34 -19.44 51.64 -33.42
C LYS A 34 -18.72 51.28 -34.71
N ILE A 35 -17.52 51.83 -34.90
CA ILE A 35 -16.76 51.57 -36.12
C ILE A 35 -16.38 50.09 -36.21
N ILE A 36 -15.98 49.50 -35.08
CA ILE A 36 -15.66 48.07 -35.06
C ILE A 36 -16.89 47.24 -35.41
N VAL A 37 -18.03 47.57 -34.83
CA VAL A 37 -19.26 46.83 -35.10
C VAL A 37 -19.63 46.92 -36.57
N ASP A 38 -19.55 48.12 -37.14
CA ASP A 38 -19.87 48.30 -38.56
C ASP A 38 -18.92 47.49 -39.44
N TYR A 39 -17.62 47.51 -39.12
CA TYR A 39 -16.67 46.74 -39.91
C TYR A 39 -16.96 45.25 -39.82
N ILE A 40 -17.27 44.75 -38.63
CA ILE A 40 -17.55 43.32 -38.46
C ILE A 40 -18.78 42.92 -39.26
N VAL A 41 -19.85 43.71 -39.15
CA VAL A 41 -21.08 43.38 -39.86
C VAL A 41 -20.86 43.40 -41.37
N LYS A 42 -20.17 44.43 -41.87
CA LYS A 42 -19.91 44.51 -43.30
C LYS A 42 -19.04 43.35 -43.77
N LYS A 43 -18.03 42.99 -42.97
CA LYS A 43 -17.21 41.81 -43.28
C LYS A 43 -18.08 40.58 -43.42
N THR A 44 -19.08 40.43 -42.54
CA THR A 44 -19.88 39.22 -42.54
C THR A 44 -20.87 39.18 -43.70
N LEU A 45 -21.48 40.32 -44.05
CA LEU A 45 -22.67 40.32 -44.90
C LEU A 45 -22.49 40.93 -46.28
N LYS A 46 -21.35 41.54 -46.59
CA LYS A 46 -21.27 42.39 -47.78
C LYS A 46 -21.48 41.59 -49.06
N ASN A 47 -21.08 40.32 -49.09
CA ASN A 47 -21.15 39.53 -50.31
C ASN A 47 -22.26 38.49 -50.27
N HIS A 48 -23.22 38.63 -49.36
CA HIS A 48 -24.31 37.68 -49.27
C HIS A 48 -25.24 37.81 -50.47
N ASP A 49 -25.63 36.68 -51.03
CA ASP A 49 -26.56 36.64 -52.17
C ASP A 49 -27.97 36.52 -51.60
N ILE A 50 -28.66 37.66 -51.49
CA ILE A 50 -29.99 37.66 -50.90
C ILE A 50 -31.00 36.98 -51.81
N ILE A 51 -30.76 37.00 -53.12
CA ILE A 51 -31.68 36.35 -54.05
C ILE A 51 -31.58 34.84 -53.93
N LYS A 52 -30.35 34.31 -53.86
CA LYS A 52 -30.17 32.87 -53.76
C LYS A 52 -30.71 32.33 -52.44
N ASN A 53 -30.42 33.02 -51.33
CA ASN A 53 -30.89 32.61 -50.01
C ASN A 53 -31.47 33.81 -49.29
N PRO A 54 -32.76 34.09 -49.46
CA PRO A 54 -33.41 35.15 -48.69
C PRO A 54 -33.71 34.78 -47.23
N TYR A 55 -33.17 33.67 -46.75
CA TYR A 55 -33.37 33.21 -45.37
C TYR A 55 -32.01 33.00 -44.70
N PRO A 56 -31.29 34.08 -44.41
CA PRO A 56 -30.04 33.92 -43.65
C PRO A 56 -30.29 34.04 -42.16
N ARG A 57 -29.60 33.21 -41.39
CA ARG A 57 -29.68 33.25 -39.94
C ARG A 57 -28.41 33.89 -39.39
N ILE A 58 -28.55 35.06 -38.77
CA ILE A 58 -27.44 35.84 -38.24
C ILE A 58 -27.59 35.90 -36.74
N LEU A 59 -26.56 35.47 -36.02
CA LEU A 59 -26.62 35.25 -34.58
C LEU A 59 -25.58 36.07 -33.84
N ASP A 60 -26.00 36.68 -32.74
CA ASP A 60 -25.12 37.31 -31.76
C ASP A 60 -25.23 36.53 -30.45
N ILE A 61 -24.20 35.74 -30.14
CA ILE A 61 -24.22 34.89 -28.96
C ILE A 61 -24.32 35.73 -27.69
N SER A 62 -23.58 36.82 -27.63
CA SER A 62 -23.62 37.74 -26.50
C SER A 62 -23.81 39.15 -27.05
N CYS A 63 -25.05 39.64 -27.02
CA CYS A 63 -25.41 40.91 -27.63
C CYS A 63 -25.47 42.07 -26.65
N GLY A 64 -25.96 41.82 -25.43
CA GLY A 64 -26.10 42.91 -24.48
C GLY A 64 -27.13 43.91 -24.95
N CYS A 65 -26.74 45.18 -25.02
CA CYS A 65 -27.64 46.21 -25.52
C CYS A 65 -27.99 46.02 -26.98
N GLY A 66 -27.22 45.20 -27.72
CA GLY A 66 -27.55 44.88 -29.09
C GLY A 66 -26.86 45.75 -30.10
N ASN A 67 -25.58 46.07 -29.86
CA ASN A 67 -24.84 46.92 -30.78
C ASN A 67 -24.73 46.27 -32.16
N PHE A 68 -24.44 44.98 -32.21
CA PHE A 68 -24.27 44.29 -33.48
C PHE A 68 -25.62 44.06 -34.17
N LEU A 69 -26.64 43.67 -33.41
CA LEU A 69 -27.89 43.23 -34.02
C LEU A 69 -28.67 44.39 -34.64
N LEU A 70 -28.59 45.59 -34.08
CA LEU A 70 -29.25 46.74 -34.70
C LEU A 70 -28.64 47.07 -36.05
N GLU A 71 -27.31 47.05 -36.13
CA GLU A 71 -26.65 47.28 -37.41
C GLU A 71 -26.97 46.16 -38.39
N VAL A 72 -27.04 44.92 -37.91
CA VAL A 72 -27.43 43.81 -38.77
C VAL A 72 -28.83 44.03 -39.32
N TYR A 73 -29.74 44.50 -38.46
CA TYR A 73 -31.11 44.78 -38.92
C TYR A 73 -31.11 45.85 -40.00
N ASP A 74 -30.35 46.92 -39.80
CA ASP A 74 -30.32 47.99 -40.80
C ASP A 74 -29.76 47.49 -42.13
N ILE A 75 -28.66 46.72 -42.07
CA ILE A 75 -28.06 46.18 -43.28
C ILE A 75 -29.03 45.25 -44.00
N LEU A 76 -29.70 44.37 -43.23
CA LEU A 76 -30.65 43.45 -43.83
C LEU A 76 -31.83 44.17 -44.46
N TYR A 77 -32.34 45.21 -43.78
CA TYR A 77 -33.46 45.96 -44.35
C TYR A 77 -33.06 46.63 -45.66
N ASP A 78 -31.88 47.24 -45.70
CA ASP A 78 -31.41 47.86 -46.94
C ASP A 78 -31.23 46.82 -48.03
N LEU A 79 -30.66 45.66 -47.69
CA LEU A 79 -30.43 44.62 -48.69
C LEU A 79 -31.74 44.08 -49.24
N PHE A 80 -32.74 43.88 -48.39
CA PHE A 80 -34.03 43.38 -48.85
C PHE A 80 -34.76 44.41 -49.70
N GLU A 81 -34.79 45.67 -49.23
CA GLU A 81 -35.47 46.70 -50.00
C GLU A 81 -34.78 46.96 -51.33
N GLU A 82 -33.47 46.74 -51.41
CA GLU A 82 -32.76 46.93 -52.68
C GLU A 82 -33.19 45.89 -53.71
N ASN A 83 -33.41 44.65 -53.29
CA ASN A 83 -33.76 43.55 -54.19
C ASN A 83 -35.18 43.04 -53.95
N ILE A 84 -36.10 43.94 -53.56
CA ILE A 84 -37.42 43.49 -53.17
C ILE A 84 -38.21 42.98 -54.37
N TYR A 85 -38.10 43.67 -55.52
CA TYR A 85 -38.90 43.28 -56.68
C TYR A 85 -38.35 42.02 -57.35
N GLU A 86 -37.03 41.83 -57.34
CA GLU A 86 -36.49 40.58 -57.89
C GLU A 86 -36.90 39.39 -57.03
N LEU A 87 -36.91 39.55 -55.71
CA LEU A 87 -37.41 38.49 -54.83
C LEU A 87 -38.90 38.25 -55.08
N LYS A 88 -39.67 39.33 -55.28
CA LYS A 88 -41.09 39.17 -55.56
C LYS A 88 -41.32 38.38 -56.83
N LYS A 89 -40.53 38.66 -57.88
CA LYS A 89 -40.67 37.91 -59.12
C LYS A 89 -40.26 36.45 -58.94
N LYS A 90 -39.13 36.20 -58.28
CA LYS A 90 -38.63 34.84 -58.15
C LYS A 90 -39.48 34.02 -57.18
N TYR A 91 -39.57 34.47 -55.93
CA TYR A 91 -40.30 33.75 -54.90
C TYR A 91 -41.76 34.24 -54.86
N ASP A 92 -42.48 33.91 -53.79
CA ASP A 92 -43.89 34.27 -53.69
C ASP A 92 -44.09 35.77 -53.86
N GLU A 93 -45.05 36.13 -54.73
CA GLU A 93 -45.28 37.53 -55.07
C GLU A 93 -45.96 38.30 -53.95
N ASN A 94 -46.63 37.61 -53.03
CA ASN A 94 -47.35 38.27 -51.95
C ASN A 94 -46.56 38.36 -50.66
N TYR A 95 -45.65 37.41 -50.41
CA TYR A 95 -44.88 37.46 -49.17
C TYR A 95 -43.79 38.51 -49.21
N TRP A 96 -43.24 38.78 -50.39
CA TRP A 96 -42.11 39.71 -50.55
C TRP A 96 -42.67 41.10 -50.90
N THR A 97 -43.03 41.85 -49.86
CA THR A 97 -43.43 43.24 -50.01
C THR A 97 -42.64 44.08 -49.02
N VAL A 98 -42.53 45.37 -49.32
CA VAL A 98 -41.71 46.25 -48.50
C VAL A 98 -42.23 46.32 -47.07
N ASP A 99 -43.56 46.31 -46.90
CA ASP A 99 -44.14 46.35 -45.56
C ASP A 99 -43.79 45.09 -44.76
N ASN A 100 -43.62 43.95 -45.42
CA ASN A 100 -43.38 42.69 -44.76
C ASN A 100 -41.91 42.44 -44.43
N ILE A 101 -41.02 43.37 -44.77
CA ILE A 101 -39.59 43.16 -44.54
C ILE A 101 -39.29 43.07 -43.05
N HIS A 102 -39.90 43.94 -42.25
CA HIS A 102 -39.69 43.92 -40.81
C HIS A 102 -40.10 42.57 -40.21
N ARG A 103 -41.27 42.07 -40.61
CA ARG A 103 -41.74 40.79 -40.10
C ARG A 103 -40.78 39.67 -40.47
N HIS A 104 -40.33 39.65 -41.74
CA HIS A 104 -39.43 38.60 -42.19
C HIS A 104 -38.11 38.63 -41.43
N ILE A 105 -37.54 39.83 -41.28
CA ILE A 105 -36.26 39.96 -40.58
C ILE A 105 -36.39 39.50 -39.14
N LEU A 106 -37.46 39.92 -38.45
CA LEU A 106 -37.60 39.56 -37.05
C LEU A 106 -38.01 38.11 -36.85
N ASN A 107 -38.60 37.48 -37.86
CA ASN A 107 -39.07 36.10 -37.69
C ASN A 107 -38.05 35.06 -38.11
N TYR A 108 -37.27 35.33 -39.17
CA TYR A 108 -36.42 34.29 -39.74
C TYR A 108 -34.93 34.61 -39.74
N CYS A 109 -34.53 35.86 -39.51
CA CYS A 109 -33.17 36.30 -39.82
C CYS A 109 -32.32 36.59 -38.59
N ILE A 110 -32.84 37.32 -37.61
CA ILE A 110 -32.04 37.83 -36.49
C ILE A 110 -32.21 36.91 -35.29
N TYR A 111 -31.08 36.48 -34.71
CA TYR A 111 -31.06 35.65 -33.52
C TYR A 111 -30.05 36.24 -32.53
N GLY A 112 -30.46 36.36 -31.28
CA GLY A 112 -29.58 36.89 -30.25
C GLY A 112 -29.75 36.11 -28.96
N ALA A 113 -28.67 36.04 -28.20
CA ALA A 113 -28.67 35.37 -26.91
C ALA A 113 -27.96 36.23 -25.88
N ASP A 114 -28.35 36.07 -24.62
CA ASP A 114 -27.69 36.77 -23.53
C ASP A 114 -28.09 36.12 -22.21
N ILE A 115 -27.30 36.43 -21.17
CA ILE A 115 -27.60 35.99 -19.81
C ILE A 115 -28.18 37.10 -18.96
N ASP A 116 -28.47 38.25 -19.55
CA ASP A 116 -29.02 39.40 -18.84
C ASP A 116 -30.41 39.69 -19.39
N GLU A 117 -31.41 39.65 -18.52
CA GLU A 117 -32.80 39.85 -18.96
C GLU A 117 -33.05 41.31 -19.34
N LYS A 118 -32.45 42.25 -18.59
CA LYS A 118 -32.66 43.66 -18.89
C LYS A 118 -32.14 44.03 -20.27
N ALA A 119 -30.94 43.54 -20.62
CA ALA A 119 -30.39 43.79 -21.94
C ALA A 119 -31.26 43.17 -23.03
N ILE A 120 -31.77 41.96 -22.80
CA ILE A 120 -32.64 41.32 -23.77
C ILE A 120 -33.92 42.13 -23.98
N SER A 121 -34.52 42.61 -22.89
CA SER A 121 -35.73 43.41 -23.02
C SER A 121 -35.46 44.72 -23.74
N ILE A 122 -34.31 45.35 -23.46
CA ILE A 122 -33.96 46.59 -24.15
C ILE A 122 -33.80 46.36 -25.64
N LEU A 123 -33.10 45.28 -26.00
CA LEU A 123 -32.92 44.94 -27.42
C LEU A 123 -34.25 44.63 -28.09
N LYS A 124 -35.13 43.91 -27.40
CA LYS A 124 -36.45 43.61 -27.94
C LYS A 124 -37.25 44.89 -28.19
N ASP A 125 -37.21 45.82 -27.23
CA ASP A 125 -37.92 47.09 -27.41
C ASP A 125 -37.34 47.87 -28.59
N SER A 126 -36.01 47.91 -28.71
CA SER A 126 -35.39 48.63 -29.82
C SER A 126 -35.79 48.03 -31.16
N LEU A 127 -35.72 46.71 -31.28
CA LEU A 127 -36.06 46.06 -32.53
C LEU A 127 -37.53 46.23 -32.88
N THR A 128 -38.41 46.20 -31.87
CA THR A 128 -39.82 46.47 -32.12
C THR A 128 -40.03 47.91 -32.59
N ASN A 129 -39.33 48.86 -31.98
CA ASN A 129 -39.43 50.26 -32.39
C ASN A 129 -38.75 50.56 -33.71
N LYS A 130 -37.96 49.61 -34.25
CA LYS A 130 -37.33 49.83 -35.55
C LYS A 130 -38.35 49.98 -36.68
N LYS A 131 -39.61 49.59 -36.46
CA LYS A 131 -40.64 49.66 -37.49
C LYS A 131 -41.67 50.74 -37.20
N VAL A 132 -42.32 50.68 -36.04
CA VAL A 132 -43.36 51.65 -35.66
C VAL A 132 -44.46 51.73 -36.72
N ASP A 137 -48.97 46.36 -34.26
CA ASP A 137 -49.69 45.62 -33.24
C ASP A 137 -50.94 44.96 -33.81
N GLU A 138 -51.09 45.04 -35.14
CA GLU A 138 -52.22 44.40 -35.80
C GLU A 138 -52.16 42.88 -35.69
N SER A 139 -50.97 42.30 -35.85
CA SER A 139 -50.78 40.87 -35.80
C SER A 139 -49.60 40.53 -34.89
N ASP A 140 -49.56 39.27 -34.44
CA ASP A 140 -48.53 38.84 -33.52
C ASP A 140 -47.15 38.91 -34.18
N ILE A 141 -46.17 39.38 -33.43
CA ILE A 141 -44.80 39.52 -33.89
C ILE A 141 -43.89 38.71 -32.96
N LYS A 142 -43.02 37.89 -33.55
CA LYS A 142 -42.10 37.05 -32.79
C LYS A 142 -40.67 37.49 -33.07
N ILE A 143 -39.85 37.52 -32.01
CA ILE A 143 -38.44 37.87 -32.09
C ILE A 143 -37.64 36.73 -31.49
N ASN A 144 -36.59 36.31 -32.20
CA ASN A 144 -35.77 35.17 -31.77
C ASN A 144 -34.67 35.65 -30.82
N LEU A 145 -35.06 35.90 -29.59
CA LEU A 145 -34.14 36.30 -28.53
C LEU A 145 -34.19 35.28 -27.39
N PHE A 146 -33.01 34.91 -26.91
CA PHE A 146 -32.88 33.92 -25.86
C PHE A 146 -32.18 34.54 -24.65
N CYS A 147 -32.76 34.34 -23.47
CA CYS A 147 -32.16 34.75 -22.20
C CYS A 147 -31.69 33.46 -21.52
N CYS A 148 -30.44 33.08 -21.80
CA CYS A 148 -29.92 31.80 -21.35
C CYS A 148 -28.40 31.85 -21.38
N ASP A 149 -27.78 30.77 -20.91
CA ASP A 149 -26.33 30.59 -20.99
C ASP A 149 -26.01 30.00 -22.36
N SER A 150 -25.29 30.77 -23.19
CA SER A 150 -24.98 30.31 -24.54
C SER A 150 -24.10 29.06 -24.52
N LEU A 151 -23.30 28.89 -23.46
CA LEU A 151 -22.41 27.72 -23.39
C LEU A 151 -23.15 26.45 -23.04
N LYS A 152 -24.21 26.53 -22.23
CA LYS A 152 -24.96 25.36 -21.80
C LYS A 152 -26.28 25.20 -22.55
N LYS A 153 -26.52 26.00 -23.58
CA LYS A 153 -27.76 25.89 -24.33
C LYS A 153 -27.66 24.82 -25.40
N LYS A 154 -28.71 24.01 -25.53
CA LYS A 154 -28.80 23.02 -26.61
C LYS A 154 -29.32 23.74 -27.85
N TRP A 155 -28.39 24.20 -28.68
CA TRP A 155 -28.75 24.94 -29.88
C TRP A 155 -29.42 24.02 -30.90
N ARG A 156 -30.60 24.43 -31.36
CA ARG A 156 -31.41 23.57 -32.21
C ARG A 156 -30.88 23.51 -33.65
N TYR A 157 -30.37 24.63 -34.17
CA TYR A 157 -29.93 24.69 -35.55
C TYR A 157 -28.73 25.61 -35.67
N LYS A 158 -27.96 25.40 -36.73
CA LYS A 158 -26.77 26.19 -37.01
C LYS A 158 -27.13 27.48 -37.74
N PHE A 159 -26.16 28.37 -37.86
CA PHE A 159 -26.39 29.73 -38.34
C PHE A 159 -25.47 30.06 -39.50
N ASP A 160 -26.00 30.78 -40.48
CA ASP A 160 -25.22 31.18 -41.64
C ASP A 160 -24.14 32.20 -41.26
N TYR A 161 -24.48 33.15 -40.40
CA TYR A 161 -23.55 34.21 -40.01
C TYR A 161 -23.59 34.36 -38.50
N ILE A 162 -22.41 34.45 -37.89
CA ILE A 162 -22.29 34.65 -36.45
C ILE A 162 -21.33 35.82 -36.21
N VAL A 163 -21.77 36.80 -35.42
CA VAL A 163 -20.97 38.00 -35.18
C VAL A 163 -20.99 38.34 -33.69
N GLY A 164 -19.96 39.02 -33.25
CA GLY A 164 -20.11 39.70 -31.96
C GLY A 164 -18.81 39.77 -31.17
N ASN A 165 -19.00 39.86 -29.85
CA ASN A 165 -17.93 40.20 -28.91
C ASN A 165 -18.11 39.37 -27.64
N PRO A 166 -17.33 38.30 -27.48
CA PRO A 166 -17.43 37.46 -26.28
C PRO A 166 -17.02 38.23 -25.04
N PRO A 167 -17.45 37.80 -23.86
CA PRO A 167 -17.15 38.55 -22.63
C PRO A 167 -15.74 38.31 -22.13
N TYR A 168 -15.19 39.35 -21.49
CA TYR A 168 -13.87 39.30 -20.90
C TYR A 168 -13.82 39.86 -19.48
N ILE A 169 -14.90 40.48 -18.99
CA ILE A 169 -14.91 41.01 -17.63
C ILE A 169 -14.76 39.88 -16.62
N GLY A 170 -15.46 38.77 -16.82
CA GLY A 170 -15.30 37.62 -15.96
C GLY A 170 -14.19 36.70 -16.44
N HIS A 171 -13.00 36.85 -15.85
CA HIS A 171 -11.82 36.08 -16.26
C HIS A 171 -11.53 34.93 -15.30
N LYS A 172 -11.33 35.23 -14.02
CA LYS A 172 -11.06 34.21 -13.00
C LYS A 172 -12.10 34.24 -11.89
N LYS A 173 -13.23 34.91 -12.11
CA LYS A 173 -14.30 35.00 -11.13
C LYS A 173 -15.32 33.88 -11.27
N LEU A 174 -15.08 32.91 -12.15
CA LEU A 174 -16.01 31.81 -12.32
C LEU A 174 -16.07 30.97 -11.05
N GLU A 175 -17.27 30.57 -10.67
CA GLU A 175 -17.46 29.70 -9.51
C GLU A 175 -16.83 28.33 -9.78
N LYS A 176 -16.53 27.62 -8.69
CA LYS A 176 -15.85 26.33 -8.81
C LYS A 176 -16.67 25.35 -9.65
N LYS A 177 -17.99 25.31 -9.42
CA LYS A 177 -18.86 24.44 -10.21
C LYS A 177 -18.84 24.85 -11.69
N TYR A 178 -18.82 26.15 -11.97
CA TYR A 178 -18.81 26.59 -13.36
C TYR A 178 -17.49 26.22 -14.05
N LYS A 179 -16.37 26.35 -13.33
CA LYS A 179 -15.10 25.95 -13.90
C LYS A 179 -15.04 24.44 -14.12
N LYS A 180 -15.63 23.66 -13.21
CA LYS A 180 -15.72 22.22 -13.42
C LYS A 180 -16.54 21.89 -14.66
N PHE A 181 -17.67 22.59 -14.84
CA PHE A 181 -18.49 22.40 -16.04
C PHE A 181 -17.71 22.74 -17.30
N LEU A 182 -16.97 23.85 -17.27
CA LEU A 182 -16.16 24.24 -18.43
C LEU A 182 -15.09 23.19 -18.73
N LEU A 183 -14.43 22.67 -17.69
CA LEU A 183 -13.41 21.65 -17.91
C LEU A 183 -14.02 20.38 -18.49
N GLU A 184 -15.20 19.98 -18.00
CA GLU A 184 -15.80 18.73 -18.45
C GLU A 184 -16.35 18.85 -19.88
N LYS A 185 -17.00 19.96 -20.20
CA LYS A 185 -17.70 20.11 -21.47
C LYS A 185 -16.87 20.80 -22.55
N TYR A 186 -15.76 21.45 -22.19
CA TYR A 186 -14.93 22.17 -23.14
C TYR A 186 -13.46 21.79 -22.97
N SER A 187 -13.20 20.50 -22.80
CA SER A 187 -11.83 20.04 -22.55
C SER A 187 -10.91 20.29 -23.73
N GLU A 188 -11.45 20.49 -24.93
CA GLU A 188 -10.62 20.70 -26.10
C GLU A 188 -10.11 22.13 -26.23
N VAL A 189 -10.72 23.09 -25.52
CA VAL A 189 -10.26 24.48 -25.57
C VAL A 189 -10.05 25.08 -24.20
N TYR A 190 -10.58 24.51 -23.12
CA TYR A 190 -10.49 25.09 -21.79
C TYR A 190 -9.74 24.14 -20.88
N LYS A 191 -8.66 24.63 -20.27
CA LYS A 191 -7.85 23.82 -19.37
C LYS A 191 -7.16 24.74 -18.36
N ASP A 192 -7.54 24.60 -17.08
CA ASP A 192 -6.91 25.31 -15.99
C ASP A 192 -6.97 26.83 -16.16
N LYS A 193 -5.87 27.43 -16.61
CA LYS A 193 -5.75 28.87 -16.73
C LYS A 193 -6.38 29.43 -17.99
N ALA A 194 -7.20 28.65 -18.68
CA ALA A 194 -7.88 29.14 -19.87
C ALA A 194 -8.94 30.17 -19.49
N ASP A 195 -9.14 31.14 -20.37
CA ASP A 195 -10.14 32.18 -20.14
C ASP A 195 -11.50 31.76 -20.69
N LEU A 196 -12.54 32.43 -20.22
CA LEU A 196 -13.91 32.03 -20.54
C LEU A 196 -14.17 32.12 -22.05
N TYR A 197 -13.76 33.23 -22.67
CA TYR A 197 -14.14 33.46 -24.06
C TYR A 197 -13.62 32.39 -25.00
N PHE A 198 -12.58 31.64 -24.59
CA PHE A 198 -12.11 30.50 -25.38
C PHE A 198 -13.28 29.61 -25.75
N CYS A 199 -14.09 29.24 -24.75
CA CYS A 199 -15.22 28.35 -25.00
C CYS A 199 -16.15 28.95 -26.05
N PHE A 200 -16.39 30.26 -25.97
CA PHE A 200 -17.25 30.92 -26.94
C PHE A 200 -16.77 30.63 -28.35
N TYR A 201 -15.45 30.75 -28.58
CA TYR A 201 -14.90 30.44 -29.90
C TYR A 201 -15.36 29.06 -30.35
N LYS A 202 -15.14 28.06 -29.50
CA LYS A 202 -15.55 26.70 -29.85
C LYS A 202 -17.03 26.67 -30.19
N LYS A 203 -17.86 27.26 -29.35
CA LYS A 203 -19.30 27.26 -29.60
C LYS A 203 -19.60 27.92 -30.94
N ILE A 204 -18.96 29.06 -31.22
CA ILE A 204 -19.22 29.76 -32.47
C ILE A 204 -18.81 28.91 -33.65
N ILE A 205 -17.75 28.12 -33.51
CA ILE A 205 -17.35 27.22 -34.59
C ILE A 205 -18.37 26.10 -34.75
N ASP A 206 -18.90 25.60 -33.64
CA ASP A 206 -19.75 24.42 -33.71
C ASP A 206 -21.14 24.72 -34.27
N ILE A 207 -21.70 25.88 -33.92
CA ILE A 207 -23.06 26.22 -34.33
C ILE A 207 -23.02 27.02 -35.62
N LEU A 208 -21.88 27.00 -36.30
CA LEU A 208 -21.74 27.70 -37.58
C LEU A 208 -22.13 26.76 -38.72
N LYS A 209 -23.01 27.23 -39.59
CA LYS A 209 -23.44 26.45 -40.75
C LYS A 209 -22.26 26.20 -41.67
N GLN A 210 -22.31 25.07 -42.39
CA GLN A 210 -21.27 24.78 -43.38
C GLN A 210 -21.22 25.89 -44.41
N GLY A 211 -20.02 26.41 -44.66
CA GLY A 211 -19.86 27.54 -45.53
C GLY A 211 -20.25 28.88 -44.94
N GLY A 212 -20.55 28.92 -43.64
CA GLY A 212 -20.93 30.15 -42.98
C GLY A 212 -19.74 30.98 -42.58
N ILE A 213 -20.04 32.18 -42.07
CA ILE A 213 -19.01 33.18 -41.76
C ILE A 213 -19.17 33.62 -40.31
N GLY A 214 -18.06 33.62 -39.57
CA GLY A 214 -18.02 34.14 -38.22
C GLY A 214 -17.06 35.31 -38.12
N SER A 215 -17.45 36.31 -37.33
CA SER A 215 -16.63 37.51 -37.15
C SER A 215 -16.81 38.00 -35.72
N VAL A 216 -15.73 37.98 -34.95
CA VAL A 216 -15.77 38.36 -33.54
C VAL A 216 -14.63 39.32 -33.24
N ILE A 217 -14.80 40.07 -32.16
CA ILE A 217 -13.73 40.86 -31.57
C ILE A 217 -13.46 40.31 -30.19
N THR A 218 -12.21 39.92 -29.94
CA THR A 218 -11.85 39.23 -28.70
C THR A 218 -10.56 39.79 -28.15
N PRO A 219 -10.14 39.40 -26.94
CA PRO A 219 -8.76 39.64 -26.54
C PRO A 219 -7.79 38.93 -27.48
N ARG A 220 -6.66 39.55 -27.73
CA ARG A 220 -5.65 38.98 -28.63
C ARG A 220 -4.73 38.00 -27.93
N TYR A 221 -4.91 37.77 -26.62
CA TYR A 221 -3.94 37.03 -25.84
C TYR A 221 -3.83 35.58 -26.27
N PHE A 222 -4.91 35.00 -26.81
CA PHE A 222 -4.87 33.60 -27.22
C PHE A 222 -3.93 33.38 -28.40
N LEU A 223 -3.56 34.43 -29.12
CA LEU A 223 -2.67 34.28 -30.27
C LEU A 223 -1.28 33.80 -29.83
N GLU A 224 -0.81 34.24 -28.67
CA GLU A 224 0.55 33.94 -28.23
C GLU A 224 0.65 33.26 -26.87
N SER A 225 -0.39 33.29 -26.04
CA SER A 225 -0.31 32.71 -24.71
C SER A 225 -0.27 31.19 -24.78
N LEU A 226 0.48 30.58 -23.87
CA LEU A 226 0.57 29.13 -23.82
C LEU A 226 -0.76 28.48 -23.47
N SER A 227 -1.63 29.20 -22.75
CA SER A 227 -2.91 28.64 -22.34
C SER A 227 -3.86 28.42 -23.51
N GLY A 228 -3.61 29.05 -24.65
CA GLY A 228 -4.51 28.97 -25.79
C GLY A 228 -4.06 28.06 -26.92
N LYS A 229 -3.08 27.19 -26.65
CA LYS A 229 -2.59 26.31 -27.71
C LYS A 229 -3.69 25.37 -28.21
N ASP A 230 -4.47 24.82 -27.28
CA ASP A 230 -5.57 23.95 -27.67
C ASP A 230 -6.60 24.71 -28.49
N LEU A 231 -6.93 25.94 -28.08
CA LEU A 231 -7.87 26.75 -28.84
C LEU A 231 -7.34 27.06 -30.23
N ARG A 232 -6.05 27.39 -30.35
CA ARG A 232 -5.48 27.69 -31.65
C ARG A 232 -5.51 26.46 -32.57
N GLU A 233 -5.18 25.29 -32.02
CA GLU A 233 -5.25 24.07 -32.82
C GLU A 233 -6.68 23.76 -33.23
N TYR A 234 -7.64 23.98 -32.34
CA TYR A 234 -9.04 23.76 -32.66
C TYR A 234 -9.50 24.69 -33.79
N ILE A 235 -9.08 25.96 -33.72
CA ILE A 235 -9.45 26.91 -34.77
C ILE A 235 -8.82 26.52 -36.10
N LYS A 236 -7.53 26.13 -36.07
CA LYS A 236 -6.82 25.85 -37.31
C LYS A 236 -7.40 24.65 -38.05
N SER A 237 -7.77 23.61 -37.31
CA SER A 237 -8.15 22.34 -37.93
C SER A 237 -9.62 22.28 -38.34
N ASN A 238 -10.42 23.29 -38.01
CA ASN A 238 -11.85 23.26 -38.31
C ASN A 238 -12.27 24.31 -39.31
N VAL A 239 -11.98 25.58 -39.06
CA VAL A 239 -12.46 26.67 -39.90
C VAL A 239 -11.28 27.31 -40.61
N ASN A 240 -11.55 27.84 -41.79
CA ASN A 240 -10.57 28.59 -42.58
C ASN A 240 -10.59 30.03 -42.10
N VAL A 241 -9.48 30.48 -41.50
CA VAL A 241 -9.36 31.86 -41.05
C VAL A 241 -9.08 32.75 -42.26
N GLN A 242 -9.87 33.81 -42.40
CA GLN A 242 -9.71 34.72 -43.53
C GLN A 242 -8.82 35.91 -43.18
N GLU A 243 -9.06 36.55 -42.04
CA GLU A 243 -8.42 37.82 -41.74
C GLU A 243 -8.25 37.98 -40.24
N ILE A 244 -7.07 38.46 -39.84
CA ILE A 244 -6.77 38.79 -38.45
C ILE A 244 -6.35 40.25 -38.39
N VAL A 245 -7.08 41.04 -37.62
CA VAL A 245 -6.72 42.43 -37.36
C VAL A 245 -6.13 42.48 -35.95
N ASP A 246 -4.84 42.77 -35.85
CA ASP A 246 -4.11 42.76 -34.58
C ASP A 246 -3.83 44.20 -34.19
N PHE A 247 -4.60 44.71 -33.22
CA PHE A 247 -4.44 46.06 -32.71
C PHE A 247 -3.30 46.20 -31.71
N LEU A 248 -2.74 45.09 -31.25
CA LEU A 248 -1.64 45.09 -30.27
C LEU A 248 -2.12 45.86 -29.04
N GLY A 249 -1.28 46.74 -28.47
CA GLY A 249 -1.59 47.46 -27.25
C GLY A 249 -2.43 48.70 -27.41
N ALA A 250 -2.94 48.97 -28.61
CA ALA A 250 -3.79 50.13 -28.81
C ALA A 250 -5.09 49.98 -28.02
N ASN A 251 -5.48 51.04 -27.33
CA ASN A 251 -6.67 51.02 -26.47
C ASN A 251 -7.91 51.13 -27.36
N ILE A 252 -8.38 49.97 -27.83
CA ILE A 252 -9.60 49.95 -28.63
C ILE A 252 -10.81 50.35 -27.79
N PHE A 253 -10.93 49.77 -26.60
CA PHE A 253 -12.02 50.10 -25.68
C PHE A 253 -11.56 51.21 -24.75
N LYS A 254 -12.30 52.30 -24.73
CA LYS A 254 -11.92 53.45 -23.91
C LYS A 254 -11.94 53.08 -22.42
N ASN A 255 -10.89 53.49 -21.72
CA ASN A 255 -10.73 53.28 -20.27
C ASN A 255 -10.75 51.80 -19.91
N ILE A 256 -10.42 50.93 -20.85
CA ILE A 256 -10.32 49.49 -20.60
C ILE A 256 -8.97 49.02 -21.11
N GLY A 257 -8.23 48.31 -20.25
CA GLY A 257 -6.91 47.85 -20.60
C GLY A 257 -6.86 46.44 -21.19
N VAL A 258 -7.48 46.24 -22.34
CA VAL A 258 -7.50 44.95 -23.01
C VAL A 258 -6.97 45.12 -24.43
N SER A 259 -6.00 44.30 -24.80
CA SER A 259 -5.49 44.30 -26.16
C SER A 259 -6.39 43.42 -27.02
N SER A 260 -7.05 44.03 -28.00
CA SER A 260 -8.09 43.36 -28.77
C SER A 260 -7.59 42.95 -30.15
N CYS A 261 -8.31 42.00 -30.75
CA CYS A 261 -8.08 41.60 -32.13
C CYS A 261 -9.39 41.10 -32.72
N ILE A 262 -9.52 41.25 -34.04
CA ILE A 262 -10.73 40.88 -34.77
C ILE A 262 -10.44 39.64 -35.59
N LEU A 263 -11.27 38.61 -35.43
CA LEU A 263 -11.11 37.34 -36.11
C LEU A 263 -12.28 37.09 -37.04
N THR A 264 -11.97 36.80 -38.31
CA THR A 264 -12.96 36.47 -39.32
C THR A 264 -12.62 35.10 -39.91
N PHE A 265 -13.62 34.25 -40.07
CA PHE A 265 -13.39 32.89 -40.53
C PHE A 265 -14.62 32.37 -41.25
N ASP A 266 -14.42 31.31 -42.03
CA ASP A 266 -15.50 30.67 -42.76
C ASP A 266 -15.26 29.17 -42.82
N LYS A 267 -16.34 28.42 -43.05
CA LYS A 267 -16.26 26.98 -43.23
C LYS A 267 -16.52 26.57 -44.68
N LYS A 268 -16.09 27.42 -45.62
CA LYS A 268 -16.28 27.16 -47.04
C LYS A 268 -15.25 26.16 -47.55
N LYS A 269 -15.49 25.66 -48.76
CA LYS A 269 -14.61 24.67 -49.38
C LYS A 269 -13.47 25.33 -50.13
N THR A 270 -12.66 26.08 -49.39
CA THR A 270 -11.48 26.72 -49.95
C THR A 270 -10.36 25.69 -50.12
N LYS A 271 -9.35 26.07 -50.89
CA LYS A 271 -8.22 25.19 -51.19
C LYS A 271 -6.91 25.71 -50.60
N GLU A 272 -6.53 26.94 -50.92
CA GLU A 272 -5.25 27.47 -50.44
C GLU A 272 -5.38 28.04 -49.03
N THR A 273 -6.40 28.85 -48.80
CA THR A 273 -6.71 29.41 -47.48
C THR A 273 -5.53 30.24 -46.95
N TYR A 274 -5.27 31.34 -47.65
CA TYR A 274 -4.34 32.35 -47.19
C TYR A 274 -5.06 33.33 -46.27
N ILE A 275 -4.35 33.81 -45.25
CA ILE A 275 -4.91 34.70 -44.23
C ILE A 275 -4.34 36.09 -44.44
N ASP A 276 -5.23 37.07 -44.59
CA ASP A 276 -4.83 38.47 -44.49
C ASP A 276 -4.54 38.80 -43.03
N VAL A 277 -3.44 39.51 -42.79
CA VAL A 277 -3.08 39.95 -41.45
C VAL A 277 -2.85 41.46 -41.52
N PHE A 278 -3.58 42.20 -40.70
CA PHE A 278 -3.44 43.64 -40.57
C PHE A 278 -2.90 43.91 -39.16
N LYS A 279 -1.59 44.09 -39.07
CA LYS A 279 -0.93 44.35 -37.80
C LYS A 279 -0.72 45.85 -37.64
N ILE A 280 -1.06 46.38 -36.46
CA ILE A 280 -0.90 47.80 -36.23
C ILE A 280 0.59 48.16 -36.21
N LYS A 281 0.90 49.37 -36.63
CA LYS A 281 2.27 49.91 -36.56
C LYS A 281 2.40 50.93 -35.45
N ASN A 282 1.57 51.96 -35.45
CA ASN A 282 1.54 52.97 -34.39
C ASN A 282 0.46 52.56 -33.39
N GLU A 283 0.89 52.16 -32.20
CA GLU A 283 -0.02 51.71 -31.16
C GLU A 283 -0.71 52.86 -30.44
N ASP A 284 -0.35 54.10 -30.74
CA ASP A 284 -0.87 55.27 -30.05
C ASP A 284 -1.94 56.01 -30.86
N ILE A 285 -2.48 55.37 -31.90
CA ILE A 285 -3.50 55.98 -32.74
C ILE A 285 -4.81 56.13 -31.97
N CYS A 286 -5.73 56.93 -32.49
CA CYS A 286 -7.05 57.10 -31.91
C CYS A 286 -8.08 56.53 -32.87
N ILE A 287 -8.94 55.64 -32.36
CA ILE A 287 -9.94 54.99 -33.19
C ILE A 287 -10.97 56.00 -33.69
N ASN A 288 -11.36 56.94 -32.81
CA ASN A 288 -12.42 57.89 -33.13
C ASN A 288 -12.03 58.89 -34.22
N LYS A 289 -10.75 58.95 -34.60
CA LYS A 289 -10.28 59.89 -35.60
C LYS A 289 -10.41 59.35 -37.03
N PHE A 290 -11.28 58.37 -37.25
CA PHE A 290 -11.50 57.82 -38.58
C PHE A 290 -12.98 57.62 -38.83
N GLU A 291 -13.38 57.80 -40.09
CA GLU A 291 -14.78 57.56 -40.46
C GLU A 291 -15.09 56.07 -40.49
N THR A 292 -14.20 55.28 -41.09
CA THR A 292 -14.40 53.84 -41.23
C THR A 292 -13.10 53.12 -40.86
N LEU A 293 -13.24 51.84 -40.49
CA LEU A 293 -12.06 51.05 -40.16
C LEU A 293 -11.26 50.69 -41.40
N GLU A 294 -11.88 50.71 -42.58
CA GLU A 294 -11.14 50.45 -43.81
C GLU A 294 -10.08 51.52 -44.05
N GLU A 295 -10.40 52.77 -43.75
CA GLU A 295 -9.40 53.83 -43.85
C GLU A 295 -8.23 53.56 -42.93
N LEU A 296 -8.50 53.15 -41.68
CA LEU A 296 -7.43 52.88 -40.73
C LEU A 296 -6.57 51.71 -41.19
N LEU A 297 -7.21 50.64 -41.66
CA LEU A 297 -6.44 49.47 -42.10
C LEU A 297 -5.61 49.77 -43.34
N LYS A 298 -6.16 50.55 -44.27
CA LYS A 298 -5.45 50.86 -45.51
C LYS A 298 -4.43 51.98 -45.36
N SER A 299 -4.38 52.63 -44.19
CA SER A 299 -3.45 53.74 -43.99
C SER A 299 -2.06 53.21 -43.64
N SER A 300 -1.14 54.14 -43.38
CA SER A 300 0.20 53.78 -42.92
C SER A 300 0.22 53.32 -41.47
N LYS A 301 -0.88 53.48 -40.74
CA LYS A 301 -0.93 53.04 -39.35
C LYS A 301 -0.98 51.53 -39.22
N PHE A 302 -1.30 50.82 -40.31
CA PHE A 302 -1.36 49.37 -40.32
C PHE A 302 -0.50 48.82 -41.45
N GLU A 303 0.02 47.62 -41.24
CA GLU A 303 0.70 46.87 -42.29
C GLU A 303 -0.07 45.59 -42.58
N HIS A 304 -0.06 45.18 -43.84
CA HIS A 304 -0.79 44.00 -44.29
C HIS A 304 0.19 42.98 -44.85
N PHE A 305 -0.05 41.71 -44.52
CA PHE A 305 0.71 40.63 -45.14
C PHE A 305 -0.10 39.34 -45.10
N ASN A 306 0.24 38.43 -46.00
CA ASN A 306 -0.48 37.17 -46.16
C ASN A 306 0.31 36.03 -45.54
N ILE A 307 -0.41 35.16 -44.82
CA ILE A 307 0.19 34.01 -44.16
C ILE A 307 -0.54 32.75 -44.63
N ASN A 308 0.22 31.74 -45.03
CA ASN A 308 -0.37 30.46 -45.41
C ASN A 308 -0.83 29.72 -44.16
N GLN A 309 -2.14 29.46 -44.07
CA GLN A 309 -2.69 28.85 -42.87
C GLN A 309 -2.12 27.45 -42.65
N ARG A 310 -1.89 26.70 -43.72
CA ARG A 310 -1.35 25.36 -43.60
C ARG A 310 0.04 25.36 -42.97
N LEU A 311 0.74 26.49 -42.98
CA LEU A 311 2.09 26.60 -42.43
C LEU A 311 2.11 27.20 -41.03
N LEU A 312 0.96 27.34 -40.39
CA LEU A 312 0.92 27.89 -39.04
C LEU A 312 1.49 26.91 -38.03
N SER A 313 2.36 27.40 -37.16
CA SER A 313 2.89 26.61 -36.06
C SER A 313 1.90 26.67 -34.89
N ASP A 314 2.32 26.19 -33.73
CA ASP A 314 1.48 26.28 -32.54
C ASP A 314 1.46 27.68 -31.95
N GLU A 315 2.55 28.43 -32.08
CA GLU A 315 2.66 29.75 -31.47
C GLU A 315 1.98 30.84 -32.29
N TRP A 316 1.65 30.57 -33.55
CA TRP A 316 1.07 31.57 -34.46
C TRP A 316 1.99 32.79 -34.59
N ILE A 317 3.16 32.54 -35.16
CA ILE A 317 4.11 33.61 -35.46
C ILE A 317 3.63 34.33 -36.71
N LEU A 318 3.30 35.61 -36.57
CA LEU A 318 2.72 36.41 -37.65
C LEU A 318 3.65 37.56 -37.97
N VAL A 319 4.47 37.41 -39.01
CA VAL A 319 5.39 38.44 -39.46
C VAL A 319 5.30 38.56 -40.98
N ASN A 320 5.82 39.68 -41.49
CA ASN A 320 5.79 39.95 -42.92
C ASN A 320 6.91 39.17 -43.62
N LYS A 321 7.10 39.43 -44.91
CA LYS A 321 8.10 38.68 -45.68
C LYS A 321 9.52 39.06 -45.25
N ASP A 322 9.77 40.35 -45.04
CA ASP A 322 11.12 40.79 -44.70
C ASP A 322 11.56 40.23 -43.36
N ASP A 323 10.71 40.33 -42.34
CA ASP A 323 11.04 39.79 -41.03
C ASP A 323 11.20 38.28 -41.08
N GLU A 324 10.35 37.60 -41.85
CA GLU A 324 10.47 36.16 -41.98
C GLU A 324 11.81 35.77 -42.61
N THR A 325 12.21 36.49 -43.66
CA THR A 325 13.50 36.21 -44.29
C THR A 325 14.66 36.48 -43.34
N PHE A 326 14.58 37.58 -42.58
CA PHE A 326 15.59 37.89 -41.58
C PHE A 326 15.72 36.77 -40.56
N TYR A 327 14.58 36.33 -40.03
CA TYR A 327 14.57 35.25 -39.05
C TYR A 327 15.12 33.96 -39.64
N ASN A 328 14.75 33.64 -40.87
CA ASN A 328 15.23 32.42 -41.51
C ASN A 328 16.74 32.45 -41.73
N LYS A 329 17.27 33.60 -42.18
CA LYS A 329 18.70 33.71 -42.37
C LYS A 329 19.45 33.52 -41.06
N ILE A 330 18.97 34.15 -39.98
CA ILE A 330 19.64 34.00 -38.71
C ILE A 330 19.52 32.57 -38.19
N GLN A 331 18.36 31.94 -38.41
CA GLN A 331 18.16 30.56 -37.96
C GLN A 331 19.11 29.60 -38.68
N GLU A 332 19.24 29.74 -40.00
CA GLU A 332 20.09 28.83 -40.75
C GLU A 332 21.57 29.15 -40.60
N LYS A 333 21.92 30.37 -40.19
CA LYS A 333 23.32 30.73 -40.05
C LYS A 333 23.92 30.30 -38.71
N CYS A 334 23.10 29.93 -37.73
CA CYS A 334 23.57 29.68 -36.37
C CYS A 334 23.50 28.19 -36.07
N LYS A 335 24.66 27.60 -35.75
CA LYS A 335 24.73 26.18 -35.44
C LYS A 335 24.25 25.86 -34.03
N TYR A 336 24.46 26.77 -33.08
CA TYR A 336 24.13 26.53 -31.68
C TYR A 336 22.98 27.43 -31.24
N SER A 337 22.34 27.03 -30.14
CA SER A 337 21.33 27.82 -29.47
C SER A 337 21.73 27.98 -28.01
N LEU A 338 21.11 28.96 -27.34
CA LEU A 338 21.44 29.20 -25.94
C LEU A 338 21.13 27.98 -25.08
N GLU A 339 20.01 27.30 -25.35
CA GLU A 339 19.69 26.10 -24.61
C GLU A 339 20.75 25.02 -24.79
N ASP A 340 21.38 24.97 -25.97
CA ASP A 340 22.42 23.97 -26.22
C ASP A 340 23.65 24.21 -25.37
N ILE A 341 24.02 25.47 -25.15
CA ILE A 341 25.31 25.81 -24.59
C ILE A 341 25.21 26.53 -23.24
N ALA A 342 24.03 26.57 -22.64
CA ALA A 342 23.88 27.31 -21.40
C ALA A 342 22.84 26.63 -20.51
N ILE A 343 22.90 26.96 -19.23
CA ILE A 343 21.97 26.49 -18.21
C ILE A 343 21.27 27.70 -17.62
N SER A 344 19.94 27.70 -17.65
CA SER A 344 19.13 28.83 -17.25
C SER A 344 18.40 28.53 -15.94
N PHE A 345 18.15 29.59 -15.17
CA PHE A 345 17.40 29.42 -13.93
C PHE A 345 16.73 30.73 -13.55
N GLN A 346 15.66 30.59 -12.77
CA GLN A 346 14.89 31.70 -12.22
C GLN A 346 15.43 32.08 -10.85
N GLY A 347 15.23 33.33 -10.48
CA GLY A 347 15.82 33.88 -9.28
C GLY A 347 15.14 33.39 -8.00
N ILE A 348 15.65 33.91 -6.88
CA ILE A 348 15.12 33.56 -5.57
C ILE A 348 13.68 34.04 -5.43
N ILE A 349 12.83 33.19 -4.88
CA ILE A 349 11.47 33.57 -4.52
C ILE A 349 11.37 33.38 -3.01
N THR A 350 11.47 34.47 -2.26
CA THR A 350 11.47 34.37 -0.81
C THR A 350 10.10 34.00 -0.28
N GLY A 351 9.04 34.50 -0.90
CA GLY A 351 7.69 34.39 -0.39
C GLY A 351 7.28 35.53 0.52
N CYS A 352 8.25 36.24 1.09
CA CYS A 352 7.98 37.50 1.79
C CYS A 352 9.28 38.30 1.73
N ASP A 353 9.37 39.21 0.76
CA ASP A 353 10.61 39.97 0.56
C ASP A 353 10.89 40.92 1.72
N LYS A 354 9.87 41.34 2.46
CA LYS A 354 10.07 42.29 3.55
C LYS A 354 10.88 41.71 4.69
N ALA A 355 10.95 40.38 4.80
CA ALA A 355 11.65 39.75 5.92
C ALA A 355 13.11 39.42 5.62
N PHE A 356 13.50 39.39 4.34
CA PHE A 356 14.84 38.95 3.97
C PHE A 356 15.65 39.98 3.20
N ILE A 357 15.01 40.99 2.61
CA ILE A 357 15.72 42.00 1.82
C ILE A 357 15.82 43.26 2.66
N LEU A 358 17.04 43.78 2.79
CA LEU A 358 17.30 44.98 3.58
C LEU A 358 18.18 45.93 2.78
N SER A 359 18.10 47.21 3.14
CA SER A 359 19.03 48.19 2.60
C SER A 359 20.44 47.87 3.09
N LYS A 360 21.42 48.01 2.20
CA LYS A 360 22.78 47.64 2.55
C LYS A 360 23.39 48.52 3.63
N ASP A 361 22.78 49.66 3.94
CA ASP A 361 23.23 50.53 5.01
C ASP A 361 22.40 50.38 6.28
N ASP A 362 21.49 49.40 6.32
CA ASP A 362 20.62 49.24 7.49
C ASP A 362 21.43 48.81 8.70
N VAL A 363 21.06 49.35 9.87
CA VAL A 363 21.75 49.00 11.11
C VAL A 363 21.52 47.53 11.47
N LYS A 364 20.36 46.98 11.07
CA LYS A 364 20.07 45.58 11.37
C LYS A 364 21.07 44.63 10.70
N LEU A 365 21.76 45.08 9.66
CA LEU A 365 22.80 44.27 9.04
C LEU A 365 24.01 44.06 9.95
N ASN A 366 24.13 44.86 11.03
CA ASN A 366 25.12 44.56 12.06
C ASN A 366 24.73 43.35 12.89
N LEU A 367 23.44 43.01 12.89
CA LEU A 367 22.93 41.86 13.65
C LEU A 367 22.99 40.55 12.87
N VAL A 368 23.37 40.59 11.60
CA VAL A 368 23.43 39.41 10.75
C VAL A 368 24.88 39.15 10.37
N ASP A 369 25.32 37.92 10.57
CA ASP A 369 26.66 37.52 10.15
C ASP A 369 26.79 37.69 8.64
N ASP A 370 27.94 38.22 8.21
CA ASP A 370 28.16 38.51 6.80
C ASP A 370 28.22 37.25 5.94
N LYS A 371 28.36 36.08 6.54
CA LYS A 371 28.28 34.84 5.77
C LYS A 371 26.88 34.62 5.21
N PHE A 372 25.85 35.09 5.90
CA PHE A 372 24.46 34.90 5.52
C PHE A 372 23.94 36.00 4.59
N LEU A 373 24.73 37.04 4.33
CA LEU A 373 24.29 38.16 3.52
C LEU A 373 24.79 38.02 2.10
N LYS A 374 23.88 38.17 1.14
CA LYS A 374 24.20 38.11 -0.28
C LYS A 374 23.79 39.41 -0.95
N CYS A 375 24.43 39.73 -2.07
CA CYS A 375 24.06 40.92 -2.82
C CYS A 375 22.73 40.71 -3.53
N TRP A 376 21.91 41.77 -3.57
CA TRP A 376 20.56 41.68 -4.10
C TRP A 376 20.33 42.80 -5.09
N ILE A 377 19.83 42.45 -6.28
CA ILE A 377 19.61 43.41 -7.35
C ILE A 377 18.18 43.30 -7.84
N LYS A 378 17.72 44.38 -8.49
CA LYS A 378 16.41 44.44 -9.11
C LYS A 378 16.56 44.51 -10.62
N SER A 379 15.43 44.44 -11.32
CA SER A 379 15.45 44.55 -12.77
C SER A 379 15.92 45.93 -13.21
N LYS A 380 15.74 46.95 -12.37
CA LYS A 380 16.23 48.29 -12.70
C LYS A 380 17.75 48.39 -12.58
N ASN A 381 18.38 47.48 -11.84
CA ASN A 381 19.83 47.52 -11.68
C ASN A 381 20.57 46.93 -12.87
N ILE A 382 19.87 46.37 -13.85
CA ILE A 382 20.49 45.69 -14.98
C ILE A 382 20.34 46.56 -16.21
N ASN A 383 21.48 46.98 -16.76
CA ASN A 383 21.57 47.66 -18.04
C ASN A 383 22.32 46.76 -19.00
N LYS A 384 22.64 47.28 -20.18
CA LYS A 384 23.38 46.50 -21.16
C LYS A 384 24.82 46.28 -20.68
N TYR A 385 25.25 45.02 -20.70
CA TYR A 385 26.63 44.58 -20.49
C TYR A 385 27.11 44.61 -19.05
N ILE A 386 26.38 45.24 -18.14
CA ILE A 386 26.83 45.40 -16.76
C ILE A 386 25.63 45.49 -15.83
N VAL A 387 25.87 45.19 -14.56
CA VAL A 387 24.87 45.29 -13.50
C VAL A 387 25.32 46.39 -12.54
N ASP A 388 24.39 47.25 -12.17
CA ASP A 388 24.68 48.32 -11.22
C ASP A 388 25.06 47.75 -9.86
N LYS A 389 25.72 48.57 -9.05
CA LYS A 389 26.11 48.17 -7.72
C LYS A 389 24.87 47.83 -6.90
N SER A 390 24.91 46.68 -6.22
CA SER A 390 23.75 46.23 -5.45
C SER A 390 23.50 47.15 -4.27
N GLU A 391 22.29 47.68 -4.19
CA GLU A 391 21.88 48.52 -3.08
C GLU A 391 21.24 47.74 -1.94
N TYR A 392 21.00 46.44 -2.13
CA TYR A 392 20.26 45.65 -1.16
C TYR A 392 21.02 44.39 -0.79
N ARG A 393 20.73 43.87 0.39
CA ARG A 393 21.29 42.62 0.89
C ARG A 393 20.16 41.65 1.20
N LEU A 394 20.38 40.39 0.82
CA LEU A 394 19.45 39.30 1.08
C LEU A 394 19.99 38.44 2.21
N ILE A 395 19.14 38.17 3.20
CA ILE A 395 19.49 37.31 4.32
C ILE A 395 19.15 35.87 3.89
N TYR A 396 20.17 35.11 3.50
CA TYR A 396 19.97 33.74 3.05
C TYR A 396 19.71 32.88 4.28
N SER A 397 18.47 32.90 4.74
CA SER A 397 18.09 32.24 5.98
C SER A 397 18.11 30.72 5.89
N ASN A 398 18.23 30.16 4.68
CA ASN A 398 18.30 28.71 4.55
C ASN A 398 19.56 28.12 5.17
N ASP A 399 20.60 28.94 5.36
CA ASP A 399 21.86 28.48 5.95
C ASP A 399 21.87 28.61 7.47
N ILE A 400 20.81 29.12 8.08
CA ILE A 400 20.70 29.17 9.53
C ILE A 400 20.24 27.81 10.03
N ASP A 401 21.03 27.20 10.92
CA ASP A 401 20.76 25.82 11.32
C ASP A 401 19.68 25.75 12.39
N ASN A 402 19.92 26.35 13.55
CA ASN A 402 19.01 26.26 14.68
C ASN A 402 18.65 27.66 15.16
N GLU A 403 17.49 27.75 15.81
CA GLU A 403 16.97 29.03 16.27
C GLU A 403 17.63 29.51 17.56
N ASN A 404 18.33 28.62 18.28
CA ASN A 404 18.93 29.03 19.54
C ASN A 404 20.14 29.92 19.33
N THR A 405 21.00 29.57 18.35
CA THR A 405 22.22 30.33 18.14
C THR A 405 21.94 31.71 17.55
N ASN A 406 21.03 31.78 16.58
CA ASN A 406 20.73 33.01 15.86
C ASN A 406 19.36 33.57 16.21
N LYS A 407 19.02 33.51 17.51
CA LYS A 407 17.70 33.98 17.94
C LYS A 407 17.51 35.46 17.68
N ARG A 408 18.58 36.24 17.70
CA ARG A 408 18.46 37.68 17.47
C ARG A 408 17.94 37.96 16.07
N ILE A 409 18.47 37.27 15.07
CA ILE A 409 18.00 37.47 13.70
C ILE A 409 16.54 37.01 13.56
N LEU A 410 16.21 35.86 14.13
CA LEU A 410 14.87 35.29 13.98
C LEU A 410 13.82 36.00 14.81
N ASP A 411 14.21 36.85 15.76
CA ASP A 411 13.25 37.57 16.58
C ASP A 411 13.18 39.06 16.28
N GLU A 412 14.29 39.67 15.86
CA GLU A 412 14.34 41.12 15.66
C GLU A 412 14.28 41.55 14.21
N ILE A 413 14.46 40.61 13.26
CA ILE A 413 14.50 40.97 11.85
C ILE A 413 13.45 40.18 11.07
N ILE A 414 13.58 38.84 11.09
CA ILE A 414 12.69 38.01 10.29
C ILE A 414 11.37 37.73 11.02
N GLY A 415 11.41 37.64 12.36
CA GLY A 415 10.22 37.31 13.11
C GLY A 415 9.09 38.30 12.97
N LEU A 416 9.40 39.54 12.56
CA LEU A 416 8.40 40.58 12.39
C LEU A 416 7.30 40.20 11.40
N TYR A 417 7.50 39.14 10.62
CA TYR A 417 6.50 38.68 9.66
C TYR A 417 6.17 37.21 9.85
N LYS A 418 6.49 36.64 11.01
CA LYS A 418 6.42 35.19 11.21
C LYS A 418 5.05 34.64 10.82
N THR A 419 3.97 35.28 11.30
CA THR A 419 2.63 34.82 10.98
C THR A 419 2.42 34.73 9.48
N LYS A 420 2.78 35.79 8.74
CA LYS A 420 2.68 35.73 7.29
C LYS A 420 3.60 34.65 6.74
N LEU A 421 4.83 34.56 7.26
CA LEU A 421 5.73 33.49 6.87
C LEU A 421 5.14 32.12 7.18
N GLU A 422 4.29 32.04 8.22
CA GLU A 422 3.66 30.78 8.55
C GLU A 422 2.55 30.40 7.58
N ASN A 423 2.08 31.33 6.76
CA ASN A 423 0.98 31.04 5.84
C ASN A 423 1.45 30.59 4.46
N ARG A 424 2.77 30.54 4.23
CA ARG A 424 3.27 30.02 2.97
C ARG A 424 2.92 28.54 2.82
N ARG A 425 2.75 28.10 1.57
CA ARG A 425 2.25 26.76 1.32
C ARG A 425 3.19 25.69 1.89
N GLU A 426 4.50 25.84 1.64
CA GLU A 426 5.44 24.85 2.14
C GLU A 426 5.63 24.94 3.64
N CYS A 427 5.51 26.14 4.20
CA CYS A 427 5.57 26.29 5.66
C CYS A 427 4.39 25.58 6.32
N LYS A 428 3.20 25.69 5.73
CA LYS A 428 2.04 24.98 6.26
C LYS A 428 2.17 23.48 6.07
N SER A 429 2.73 23.05 4.93
CA SER A 429 2.86 21.62 4.65
C SER A 429 4.03 20.98 5.38
N GLY A 430 4.92 21.77 5.97
CA GLY A 430 6.05 21.24 6.72
C GLY A 430 7.32 21.02 5.93
N ILE A 431 7.29 21.26 4.61
CA ILE A 431 8.51 21.11 3.82
C ILE A 431 9.53 22.18 4.18
N ARG A 432 9.08 23.41 4.36
CA ARG A 432 9.95 24.56 4.58
C ARG A 432 9.75 25.08 5.99
N LYS A 433 10.85 25.36 6.68
CA LYS A 433 10.77 25.96 8.01
C LYS A 433 10.34 27.42 7.90
N TRP A 434 9.75 27.93 8.98
CA TRP A 434 9.02 29.19 8.91
C TRP A 434 9.94 30.36 8.56
N TYR A 435 11.19 30.33 9.00
CA TYR A 435 12.10 31.44 8.76
C TYR A 435 12.93 31.28 7.50
N GLU A 436 12.78 30.18 6.77
CA GLU A 436 13.57 29.92 5.58
C GLU A 436 12.94 30.55 4.35
N LEU A 437 13.76 30.70 3.31
CA LEU A 437 13.27 31.18 2.02
C LEU A 437 12.38 30.11 1.38
N GLN A 438 11.25 30.55 0.82
CA GLN A 438 10.32 29.61 0.22
C GLN A 438 10.95 28.88 -0.95
N TRP A 439 11.61 29.61 -1.85
CA TRP A 439 12.34 29.03 -2.97
C TRP A 439 13.72 29.69 -3.02
N GLY A 440 14.66 29.14 -2.26
CA GLY A 440 16.00 29.65 -2.18
C GLY A 440 16.94 29.15 -3.25
N ARG A 441 16.44 28.33 -4.18
CA ARG A 441 17.23 27.83 -5.30
C ARG A 441 18.53 27.20 -4.84
N GLU A 442 19.61 27.45 -5.57
CA GLU A 442 20.94 26.95 -5.22
C GLU A 442 21.91 28.12 -5.17
N LYS A 443 22.71 28.19 -4.10
CA LYS A 443 23.66 29.28 -3.96
C LYS A 443 24.70 29.25 -5.08
N LEU A 444 25.22 28.06 -5.40
CA LEU A 444 26.30 27.95 -6.37
C LEU A 444 25.88 28.36 -7.78
N PHE A 445 24.58 28.33 -8.08
CA PHE A 445 24.11 28.90 -9.34
C PHE A 445 24.36 30.40 -9.38
N PHE A 446 23.99 31.11 -8.32
CA PHE A 446 24.13 32.55 -8.29
C PHE A 446 25.56 33.00 -8.07
N GLU A 447 26.31 32.28 -7.23
CA GLU A 447 27.66 32.68 -6.86
C GLU A 447 28.67 32.20 -7.89
N ARG A 448 28.52 32.70 -9.11
CA ARG A 448 29.45 32.42 -10.20
C ARG A 448 29.28 33.48 -11.27
N LYS A 449 30.25 33.54 -12.17
CA LYS A 449 30.14 34.42 -13.33
C LYS A 449 29.02 33.93 -14.23
N LYS A 450 28.05 34.79 -14.49
CA LYS A 450 26.85 34.40 -15.21
C LYS A 450 26.34 35.61 -15.98
N ILE A 451 25.22 35.41 -16.69
CA ILE A 451 24.55 36.47 -17.43
C ILE A 451 23.15 36.61 -16.87
N MET A 452 22.75 37.85 -16.59
CA MET A 452 21.44 38.15 -16.04
C MET A 452 20.69 39.07 -16.99
N TYR A 453 19.36 38.90 -17.02
CA TYR A 453 18.52 39.77 -17.84
C TYR A 453 17.15 39.93 -17.19
N PRO A 454 16.56 41.12 -17.26
CA PRO A 454 15.21 41.31 -16.75
C PRO A 454 14.20 40.52 -17.57
N TYR A 455 13.11 40.14 -16.93
CA TYR A 455 12.11 39.31 -17.60
C TYR A 455 11.10 40.11 -18.40
N LYS A 456 11.05 41.43 -18.22
CA LYS A 456 10.16 42.29 -19.01
C LYS A 456 10.92 43.58 -19.30
N SER A 457 11.22 43.82 -20.58
CA SER A 457 11.98 44.99 -20.98
C SER A 457 11.60 45.38 -22.40
N ASN A 458 11.92 46.61 -22.76
CA ASN A 458 11.65 47.14 -24.09
C ASN A 458 12.79 46.89 -25.07
N GLU A 459 13.91 46.32 -24.62
CA GLU A 459 15.02 45.99 -25.49
C GLU A 459 15.87 44.93 -24.79
N ASN A 460 16.74 44.31 -25.58
CA ASN A 460 17.64 43.29 -25.03
C ASN A 460 18.60 43.93 -24.04
N ARG A 461 18.56 43.47 -22.78
CA ARG A 461 19.45 43.95 -21.73
C ARG A 461 20.06 42.72 -21.05
N PHE A 462 21.17 42.23 -21.60
CA PHE A 462 21.89 41.10 -21.05
C PHE A 462 23.20 41.60 -20.44
N ALA A 463 23.41 41.29 -19.17
CA ALA A 463 24.56 41.82 -18.44
C ALA A 463 25.38 40.70 -17.84
N ILE A 464 26.70 40.88 -17.82
CA ILE A 464 27.59 39.94 -17.14
C ILE A 464 27.64 40.31 -15.67
N ASP A 465 27.35 39.33 -14.82
CA ASP A 465 27.40 39.54 -13.37
C ASP A 465 28.76 39.13 -12.86
N TYR A 466 29.43 40.06 -12.17
CA TYR A 466 30.74 39.79 -11.59
C TYR A 466 30.74 39.74 -10.07
N ASP A 467 29.67 40.21 -9.42
CA ASP A 467 29.64 40.36 -7.97
C ASP A 467 28.83 39.27 -7.29
N ASN A 468 28.52 38.18 -7.98
CA ASN A 468 27.72 37.08 -7.42
C ASN A 468 26.39 37.60 -6.88
N ASN A 469 25.66 38.31 -7.73
CA ASN A 469 24.41 38.93 -7.30
C ASN A 469 23.28 37.91 -7.27
N PHE A 470 22.43 38.02 -6.25
CA PHE A 470 21.19 37.29 -6.16
C PHE A 470 20.04 38.19 -6.61
N SER A 471 19.02 37.58 -7.20
CA SER A 471 17.92 38.34 -7.77
C SER A 471 16.60 37.66 -7.43
N SER A 472 15.53 38.43 -7.50
CA SER A 472 14.17 37.91 -7.34
C SER A 472 13.76 37.24 -8.65
N ALA A 473 12.48 36.91 -8.77
CA ALA A 473 12.00 36.28 -9.99
C ALA A 473 11.91 37.24 -11.16
N ASP A 474 12.12 38.53 -10.94
CA ASP A 474 12.04 39.51 -12.02
C ASP A 474 13.31 39.57 -12.85
N VAL A 475 14.35 38.81 -12.50
CA VAL A 475 15.58 38.73 -13.27
C VAL A 475 15.93 37.25 -13.46
N TYR A 476 16.03 36.83 -14.70
CA TYR A 476 16.45 35.46 -15.00
C TYR A 476 17.95 35.43 -15.25
N SER A 477 18.55 34.26 -15.04
CA SER A 477 19.99 34.13 -15.18
C SER A 477 20.32 32.86 -15.97
N PHE A 478 21.52 32.86 -16.55
CA PHE A 478 22.04 31.64 -17.14
C PHE A 478 23.56 31.69 -17.15
N PHE A 479 24.18 30.52 -17.07
CA PHE A 479 25.63 30.41 -17.15
C PHE A 479 26.00 29.39 -18.22
N ILE A 480 27.14 29.64 -18.87
CA ILE A 480 27.59 28.77 -19.96
C ILE A 480 27.94 27.40 -19.41
N LYS A 481 27.57 26.36 -20.16
CA LYS A 481 27.92 25.00 -19.76
C LYS A 481 29.43 24.81 -19.75
N GLU A 482 29.88 23.83 -18.97
CA GLU A 482 31.31 23.65 -18.77
C GLU A 482 32.03 23.33 -20.07
N GLU A 483 31.44 22.46 -20.90
CA GLU A 483 32.11 22.02 -22.13
C GLU A 483 32.10 23.07 -23.23
N TYR A 484 31.27 24.10 -23.12
CA TYR A 484 31.21 25.16 -24.12
C TYR A 484 31.92 26.43 -23.69
N LEU A 485 32.64 26.40 -22.56
CA LEU A 485 33.36 27.59 -22.12
C LEU A 485 34.49 27.95 -23.07
N ASP A 486 35.11 26.96 -23.70
CA ASP A 486 36.20 27.25 -24.62
C ASP A 486 35.69 27.79 -25.95
N LYS A 487 34.47 27.43 -26.35
CA LYS A 487 33.90 27.92 -27.59
C LYS A 487 33.24 29.28 -27.45
N PHE A 488 32.53 29.52 -26.34
CA PHE A 488 31.82 30.77 -26.12
C PHE A 488 32.25 31.39 -24.81
N SER A 489 32.46 32.70 -24.83
CA SER A 489 32.77 33.48 -23.65
C SER A 489 31.61 34.42 -23.33
N TYR A 490 31.50 34.80 -22.05
CA TYR A 490 30.40 35.66 -21.64
C TYR A 490 30.44 37.01 -22.35
N GLU A 491 31.64 37.55 -22.59
CA GLU A 491 31.76 38.83 -23.26
C GLU A 491 31.23 38.74 -24.69
N TYR A 492 31.57 37.67 -25.42
CA TYR A 492 31.05 37.51 -26.78
C TYR A 492 29.53 37.34 -26.77
N LEU A 493 29.01 36.60 -25.80
CA LEU A 493 27.56 36.40 -25.73
C LEU A 493 26.84 37.72 -25.49
N VAL A 494 27.30 38.51 -24.51
CA VAL A 494 26.62 39.79 -24.28
C VAL A 494 26.88 40.75 -25.41
N GLY A 495 27.96 40.59 -26.17
CA GLY A 495 28.18 41.42 -27.33
C GLY A 495 27.15 41.15 -28.42
N ILE A 496 26.96 39.89 -28.78
CA ILE A 496 26.02 39.59 -29.85
C ILE A 496 24.57 39.77 -29.39
N LEU A 497 24.28 39.41 -28.13
CA LEU A 497 22.90 39.44 -27.65
C LEU A 497 22.37 40.86 -27.48
N ASN A 498 23.23 41.81 -27.14
CA ASN A 498 22.80 43.19 -26.97
C ASN A 498 22.80 43.98 -28.27
N SER A 499 23.28 43.40 -29.36
CA SER A 499 23.33 44.11 -30.63
C SER A 499 21.92 44.31 -31.18
N SER A 500 21.79 45.31 -32.07
CA SER A 500 20.50 45.59 -32.69
C SER A 500 20.01 44.39 -33.51
N VAL A 501 20.94 43.65 -34.11
CA VAL A 501 20.57 42.49 -34.91
C VAL A 501 19.80 41.48 -34.07
N TYR A 502 20.36 41.13 -32.91
CA TYR A 502 19.68 40.17 -32.05
C TYR A 502 18.46 40.78 -31.36
N ASP A 503 18.43 42.10 -31.18
CA ASP A 503 17.21 42.74 -30.68
C ASP A 503 16.06 42.52 -31.64
N LYS A 504 16.28 42.79 -32.94
CA LYS A 504 15.25 42.52 -33.94
C LYS A 504 14.93 41.02 -34.02
N TYR A 505 15.97 40.19 -33.98
CA TYR A 505 15.78 38.74 -34.10
C TYR A 505 14.93 38.19 -32.97
N PHE A 506 15.14 38.67 -31.74
CA PHE A 506 14.30 38.23 -30.63
C PHE A 506 12.91 38.81 -30.73
N LYS A 507 12.79 40.12 -31.02
CA LYS A 507 11.48 40.75 -31.04
C LYS A 507 10.59 40.20 -32.13
N ILE A 508 11.15 39.55 -33.14
CA ILE A 508 10.32 38.95 -34.20
C ILE A 508 9.34 37.94 -33.60
N THR A 509 9.85 37.04 -32.75
CA THR A 509 9.04 35.97 -32.18
C THR A 509 8.72 36.16 -30.70
N ALA A 510 9.11 37.27 -30.10
CA ALA A 510 8.85 37.48 -28.69
C ALA A 510 7.38 37.83 -28.45
N LYS A 511 6.89 37.46 -27.27
CA LYS A 511 5.54 37.83 -26.88
C LYS A 511 5.52 39.28 -26.41
N LYS A 512 4.57 40.05 -26.92
CA LYS A 512 4.40 41.46 -26.57
C LYS A 512 3.26 41.52 -25.55
N MET A 513 3.61 41.71 -24.28
CA MET A 513 2.61 41.67 -23.22
C MET A 513 1.92 43.00 -22.99
N SER A 514 2.58 44.12 -23.32
CA SER A 514 1.96 45.43 -23.22
C SER A 514 2.61 46.33 -24.26
N LYS A 515 2.21 47.61 -24.25
CA LYS A 515 2.74 48.57 -25.21
C LYS A 515 4.22 48.84 -24.92
N ASN A 516 5.07 48.55 -25.90
CA ASN A 516 6.51 48.79 -25.81
C ASN A 516 7.16 47.99 -24.69
N ILE A 517 6.62 46.81 -24.38
CA ILE A 517 7.18 45.91 -23.38
C ILE A 517 7.15 44.49 -23.93
N TYR A 518 8.29 43.81 -23.87
CA TYR A 518 8.41 42.43 -24.31
C TYR A 518 8.75 41.54 -23.13
N ASP A 519 8.16 40.35 -23.10
CA ASP A 519 8.47 39.39 -22.05
C ASP A 519 9.73 38.62 -22.43
N TYR A 520 10.70 38.61 -21.51
CA TYR A 520 11.97 37.91 -21.69
C TYR A 520 11.98 36.73 -20.72
N TYR A 521 11.41 35.62 -21.14
CA TYR A 521 11.35 34.41 -20.33
C TYR A 521 12.19 33.31 -20.95
N PRO A 522 12.67 32.35 -20.15
CA PRO A 522 13.57 31.33 -20.70
C PRO A 522 12.98 30.52 -21.83
N ASN A 523 11.67 30.30 -21.86
CA ASN A 523 11.07 29.53 -22.94
C ASN A 523 11.26 30.20 -24.30
N LYS A 524 11.48 31.52 -24.32
CA LYS A 524 11.81 32.24 -25.55
C LYS A 524 13.28 32.65 -25.63
N VAL A 525 13.86 33.09 -24.50
CA VAL A 525 15.24 33.55 -24.52
C VAL A 525 16.19 32.40 -24.85
N MET A 526 15.97 31.23 -24.27
CA MET A 526 16.87 30.11 -24.46
C MET A 526 16.76 29.49 -25.86
N LYS A 527 15.76 29.87 -26.65
CA LYS A 527 15.67 29.42 -28.03
C LYS A 527 16.46 30.29 -28.99
N ILE A 528 17.05 31.38 -28.49
CA ILE A 528 17.87 32.23 -29.35
C ILE A 528 19.07 31.43 -29.84
N ARG A 529 19.33 31.52 -31.15
CA ARG A 529 20.44 30.81 -31.77
C ARG A 529 21.64 31.73 -31.90
N ILE A 530 22.83 31.18 -31.64
CA ILE A 530 24.06 31.95 -31.67
C ILE A 530 25.07 31.28 -32.60
N PHE A 531 26.01 32.09 -33.08
CA PHE A 531 26.98 31.67 -34.08
C PHE A 531 28.39 31.92 -33.56
N ARG A 532 29.37 31.45 -34.33
CA ARG A 532 30.77 31.77 -34.09
C ARG A 532 31.54 31.53 -35.38
N ASP A 533 32.29 32.54 -35.82
CA ASP A 533 33.01 32.46 -37.08
C ASP A 533 34.29 33.29 -36.96
N ASN A 534 34.87 33.64 -38.10
CA ASN A 534 36.15 34.35 -38.11
C ASN A 534 36.04 35.75 -37.49
N ASN A 535 34.84 36.29 -37.35
CA ASN A 535 34.63 37.58 -36.71
C ASN A 535 34.52 37.49 -35.20
N TYR A 536 34.63 36.28 -34.63
CA TYR A 536 34.38 36.08 -33.21
C TYR A 536 35.31 36.92 -32.34
N GLU A 537 36.61 36.89 -32.65
CA GLU A 537 37.59 37.55 -31.79
C GLU A 537 37.38 39.06 -31.77
N GLU A 538 37.10 39.66 -32.93
CA GLU A 538 36.90 41.10 -32.98
C GLU A 538 35.64 41.52 -32.23
N ILE A 539 34.58 40.73 -32.35
CA ILE A 539 33.35 41.01 -31.61
C ILE A 539 33.61 40.91 -30.11
N GLU A 540 34.35 39.88 -29.68
CA GLU A 540 34.67 39.75 -28.26
C GLU A 540 35.50 40.93 -27.77
N ASN A 541 36.46 41.38 -28.58
CA ASN A 541 37.29 42.52 -28.19
C ASN A 541 36.47 43.79 -28.08
N LEU A 542 35.56 44.03 -29.03
CA LEU A 542 34.70 45.20 -28.95
C LEU A 542 33.80 45.14 -27.72
N SER A 543 33.28 43.95 -27.41
CA SER A 543 32.46 43.80 -26.21
C SER A 543 33.27 44.11 -24.95
N LYS A 544 34.51 43.63 -24.91
CA LYS A 544 35.39 43.92 -23.77
C LYS A 544 35.64 45.41 -23.66
N GLN A 545 35.86 46.09 -24.78
CA GLN A 545 36.07 47.53 -24.76
C GLN A 545 34.84 48.25 -24.20
N ILE A 546 33.65 47.85 -24.65
CA ILE A 546 32.42 48.48 -24.16
C ILE A 546 32.27 48.26 -22.67
N ILE A 547 32.53 47.04 -22.20
CA ILE A 547 32.42 46.73 -20.77
C ILE A 547 33.40 47.58 -19.97
N SER A 548 34.65 47.66 -20.44
CA SER A 548 35.67 48.43 -19.73
C SER A 548 35.29 49.91 -19.65
N ILE A 549 34.75 50.46 -20.74
CA ILE A 549 34.28 51.84 -20.71
C ILE A 549 33.14 52.01 -19.71
N LEU A 550 32.21 51.05 -19.71
CA LEU A 550 31.07 51.13 -18.80
C LEU A 550 31.47 51.00 -17.34
N LEU A 551 32.62 50.39 -17.05
CA LEU A 551 32.99 50.12 -15.67
C LEU A 551 33.82 51.23 -15.03
N ASN A 552 34.53 52.05 -15.80
CA ASN A 552 35.49 52.98 -15.21
C ASN A 552 34.77 54.12 -14.47
N LYS A 553 35.57 55.00 -13.88
CA LYS A 553 35.03 56.08 -13.05
C LYS A 553 34.48 57.22 -13.89
N SER A 554 35.34 57.86 -14.69
CA SER A 554 34.93 58.96 -15.54
C SER A 554 34.04 58.41 -16.64
N ILE A 555 32.73 58.59 -16.49
CA ILE A 555 31.74 57.91 -17.33
C ILE A 555 31.13 58.92 -18.30
N ASP A 556 31.28 58.63 -19.59
CA ASP A 556 30.45 59.20 -20.64
C ASP A 556 30.23 58.11 -21.67
N LYS A 557 28.96 57.85 -22.01
CA LYS A 557 28.64 56.73 -22.88
C LYS A 557 29.40 56.85 -24.20
N GLY A 558 29.08 57.88 -24.98
CA GLY A 558 29.93 58.29 -26.10
C GLY A 558 30.45 57.17 -26.98
N LYS A 559 31.77 56.97 -26.91
CA LYS A 559 32.46 55.97 -27.73
C LYS A 559 31.76 54.63 -27.74
N VAL A 560 31.13 54.24 -26.61
CA VAL A 560 30.41 52.97 -26.53
C VAL A 560 29.50 52.81 -27.74
N GLU A 561 28.63 53.80 -27.98
CA GLU A 561 27.72 53.74 -29.11
C GLU A 561 28.47 53.46 -30.40
N LYS A 562 29.53 54.24 -30.65
CA LYS A 562 30.35 54.02 -31.84
C LYS A 562 30.85 52.58 -31.90
N LEU A 563 31.42 52.10 -30.79
CA LEU A 563 31.88 50.71 -30.75
C LEU A 563 30.75 49.76 -31.10
N GLN A 564 29.59 49.97 -30.49
CA GLN A 564 28.43 49.13 -30.78
C GLN A 564 28.19 49.05 -32.27
N ILE A 565 28.22 50.21 -32.94
CA ILE A 565 27.95 50.24 -34.38
C ILE A 565 28.89 49.30 -35.11
N LYS A 566 30.19 49.42 -34.82
CA LYS A 566 31.16 48.55 -35.49
C LYS A 566 30.82 47.09 -35.25
N MET A 567 30.53 46.75 -33.98
CA MET A 567 30.17 45.38 -33.66
C MET A 567 29.02 44.90 -34.52
N ASP A 568 27.97 45.73 -34.62
CA ASP A 568 26.81 45.33 -35.40
C ASP A 568 27.19 45.02 -36.84
N ASN A 569 28.06 45.86 -37.42
CA ASN A 569 28.53 45.59 -38.77
C ASN A 569 29.09 44.18 -38.86
N LEU A 570 30.01 43.84 -37.96
CA LEU A 570 30.59 42.50 -37.96
C LEU A 570 29.51 41.46 -37.92
N ILE A 571 28.53 41.63 -37.02
CA ILE A 571 27.48 40.64 -36.86
C ILE A 571 26.70 40.49 -38.16
N MET A 572 26.38 41.62 -38.80
CA MET A 572 25.70 41.53 -40.09
C MET A 572 26.59 40.86 -41.12
N ASP A 573 27.89 41.20 -41.12
CA ASP A 573 28.84 40.51 -41.99
C ASP A 573 28.81 39.02 -41.72
N SER A 574 28.62 38.63 -40.47
CA SER A 574 28.60 37.22 -40.13
C SER A 574 27.32 36.54 -40.60
N LEU A 575 26.24 37.30 -40.74
CA LEU A 575 24.93 36.73 -41.07
C LEU A 575 24.48 37.06 -42.49
N GLY A 576 25.26 37.81 -43.24
CA GLY A 576 24.88 38.16 -44.61
C GLY A 576 23.60 38.95 -44.69
N ILE A 577 23.39 39.90 -43.79
CA ILE A 577 22.17 40.67 -43.74
C ILE A 577 22.46 42.15 -43.88
N SER B 27 -4.94 -12.06 16.58
CA SER B 27 -3.88 -11.76 15.62
C SER B 27 -3.20 -10.43 15.97
N GLY B 28 -4.00 -9.44 16.37
CA GLY B 28 -3.48 -8.14 16.72
C GLY B 28 -2.97 -8.03 18.14
N ILE B 29 -2.98 -9.12 18.90
CA ILE B 29 -2.52 -9.13 20.29
C ILE B 29 -1.16 -9.83 20.33
N TYR B 30 -0.20 -9.19 21.00
CA TYR B 30 1.15 -9.70 21.12
C TYR B 30 1.46 -10.01 22.57
N TYR B 31 2.10 -11.14 22.81
CA TYR B 31 2.33 -11.64 24.17
C TYR B 31 3.68 -11.13 24.69
N THR B 32 3.64 -10.31 25.73
CA THR B 32 4.86 -9.84 26.38
C THR B 32 5.43 -10.96 27.25
N PRO B 33 6.73 -11.22 27.18
CA PRO B 33 7.33 -12.27 28.03
C PRO B 33 7.12 -11.98 29.51
N LYS B 34 6.93 -13.05 30.28
CA LYS B 34 6.53 -12.91 31.68
C LYS B 34 7.61 -12.22 32.50
N ILE B 35 8.88 -12.51 32.22
CA ILE B 35 9.97 -11.92 33.00
C ILE B 35 10.00 -10.41 32.81
N ILE B 36 9.75 -9.94 31.59
CA ILE B 36 9.69 -8.51 31.31
C ILE B 36 8.53 -7.87 32.08
N VAL B 37 7.38 -8.53 32.08
CA VAL B 37 6.21 -7.99 32.77
C VAL B 37 6.47 -7.89 34.26
N ASP B 38 7.04 -8.94 34.84
CA ASP B 38 7.38 -8.93 36.26
C ASP B 38 8.35 -7.81 36.57
N TYR B 39 9.38 -7.64 35.73
CA TYR B 39 10.35 -6.57 35.96
C TYR B 39 9.66 -5.21 35.93
N ILE B 40 8.80 -4.97 34.93
CA ILE B 40 8.17 -3.67 34.79
C ILE B 40 7.27 -3.37 35.98
N VAL B 41 6.39 -4.32 36.34
CA VAL B 41 5.43 -4.08 37.41
C VAL B 41 6.15 -3.88 38.74
N LYS B 42 7.10 -4.76 39.06
CA LYS B 42 7.88 -4.59 40.28
C LYS B 42 8.70 -3.31 40.25
N LYS B 43 9.15 -2.89 39.07
CA LYS B 43 9.90 -1.65 38.93
C LYS B 43 9.04 -0.45 39.27
N THR B 44 7.75 -0.51 38.96
CA THR B 44 6.87 0.61 39.30
C THR B 44 6.44 0.57 40.76
N LEU B 45 6.18 -0.61 41.33
CA LEU B 45 5.51 -0.70 42.61
C LEU B 45 6.39 -1.12 43.79
N LYS B 46 7.67 -1.42 43.57
CA LYS B 46 8.45 -2.04 44.64
C LYS B 46 8.68 -1.13 45.83
N ASN B 47 8.41 0.17 45.72
CA ASN B 47 8.63 1.11 46.81
C ASN B 47 7.39 1.96 47.06
N HIS B 48 6.21 1.36 46.97
CA HIS B 48 4.96 2.08 47.23
C HIS B 48 4.56 1.91 48.68
N ASP B 49 4.33 3.03 49.36
CA ASP B 49 3.86 3.02 50.75
C ASP B 49 2.35 2.84 50.73
N ILE B 50 1.90 1.60 50.93
CA ILE B 50 0.47 1.33 50.91
C ILE B 50 -0.22 1.89 52.15
N ILE B 51 0.53 2.14 53.23
CA ILE B 51 -0.07 2.72 54.42
C ILE B 51 -0.44 4.18 54.18
N LYS B 52 0.47 4.94 53.56
CA LYS B 52 0.21 6.36 53.31
C LYS B 52 -0.85 6.54 52.24
N ASN B 53 -0.79 5.76 51.17
CA ASN B 53 -1.74 5.84 50.06
C ASN B 53 -2.27 4.45 49.74
N PRO B 54 -3.35 4.03 50.40
CA PRO B 54 -3.98 2.74 50.08
C PRO B 54 -4.92 2.77 48.88
N TYR B 55 -4.92 3.84 48.09
CA TYR B 55 -5.77 3.95 46.91
C TYR B 55 -4.91 4.26 45.68
N PRO B 56 -4.03 3.32 45.27
CA PRO B 56 -3.17 3.61 44.12
C PRO B 56 -3.81 3.18 42.81
N ARG B 57 -3.86 4.08 41.83
CA ARG B 57 -4.41 3.78 40.52
C ARG B 57 -3.30 3.28 39.61
N ILE B 58 -3.43 2.04 39.13
CA ILE B 58 -2.50 1.45 38.18
C ILE B 58 -3.27 1.23 36.88
N LEU B 59 -2.79 1.84 35.80
CA LEU B 59 -3.49 1.88 34.53
C LEU B 59 -2.68 1.21 33.44
N ASP B 60 -3.36 0.50 32.54
CA ASP B 60 -2.77 -0.04 31.33
C ASP B 60 -3.70 0.30 30.16
N ILE B 61 -3.24 1.18 29.26
CA ILE B 61 -4.07 1.63 28.15
C ILE B 61 -3.94 0.74 26.92
N SER B 62 -3.15 -0.32 26.98
CA SER B 62 -3.07 -1.32 25.91
C SER B 62 -3.02 -2.72 26.53
N CYS B 63 -3.91 -2.97 27.49
CA CYS B 63 -3.82 -4.17 28.32
C CYS B 63 -4.01 -5.44 27.51
N GLY B 64 -4.96 -5.44 26.58
CA GLY B 64 -5.27 -6.67 25.87
C GLY B 64 -5.88 -7.68 26.81
N CYS B 65 -5.40 -8.92 26.75
CA CYS B 65 -5.84 -9.94 27.70
C CYS B 65 -5.43 -9.61 29.13
N GLY B 66 -4.42 -8.75 29.30
CA GLY B 66 -4.10 -8.22 30.62
C GLY B 66 -3.02 -8.95 31.38
N ASN B 67 -1.88 -9.22 30.75
CA ASN B 67 -0.76 -9.79 31.48
C ASN B 67 -0.31 -8.85 32.58
N PHE B 68 -0.08 -7.58 32.23
CA PHE B 68 0.35 -6.60 33.21
C PHE B 68 -0.67 -6.42 34.31
N LEU B 69 -1.96 -6.37 33.97
CA LEU B 69 -2.98 -6.12 34.98
C LEU B 69 -3.15 -7.30 35.92
N LEU B 70 -3.05 -8.53 35.41
CA LEU B 70 -3.11 -9.70 36.30
C LEU B 70 -1.90 -9.72 37.25
N GLU B 71 -0.71 -9.42 36.72
CA GLU B 71 0.46 -9.35 37.59
C GLU B 71 0.31 -8.24 38.62
N VAL B 72 -0.27 -7.11 38.21
CA VAL B 72 -0.52 -6.01 39.13
C VAL B 72 -1.49 -6.44 40.22
N TYR B 73 -2.53 -7.20 39.86
CA TYR B 73 -3.45 -7.70 40.86
C TYR B 73 -2.74 -8.57 41.88
N ASP B 74 -1.88 -9.48 41.41
CA ASP B 74 -1.15 -10.33 42.34
C ASP B 74 -0.27 -9.50 43.28
N ILE B 75 0.47 -8.55 42.72
CA ILE B 75 1.37 -7.73 43.53
C ILE B 75 0.59 -6.91 44.54
N LEU B 76 -0.52 -6.31 44.11
CA LEU B 76 -1.32 -5.48 45.00
C LEU B 76 -1.99 -6.30 46.09
N TYR B 77 -2.44 -7.51 45.75
CA TYR B 77 -3.05 -8.37 46.77
C TYR B 77 -2.02 -8.72 47.85
N ASP B 78 -0.81 -9.09 47.44
CA ASP B 78 0.23 -9.39 48.42
C ASP B 78 0.56 -8.15 49.26
N LEU B 79 0.66 -6.98 48.60
CA LEU B 79 1.00 -5.75 49.32
C LEU B 79 -0.07 -5.39 50.34
N PHE B 80 -1.35 -5.50 49.96
CA PHE B 80 -2.42 -5.20 50.89
C PHE B 80 -2.47 -6.19 52.03
N GLU B 81 -2.30 -7.49 51.74
CA GLU B 81 -2.39 -8.49 52.79
C GLU B 81 -1.25 -8.36 53.80
N GLU B 82 -0.05 -8.03 53.32
CA GLU B 82 1.09 -7.93 54.23
C GLU B 82 0.91 -6.81 55.26
N ASN B 83 0.15 -5.77 54.91
CA ASN B 83 -0.05 -4.61 55.78
C ASN B 83 -1.51 -4.43 56.15
N ILE B 84 -2.26 -5.53 56.22
CA ILE B 84 -3.71 -5.41 56.41
C ILE B 84 -4.04 -4.88 57.80
N TYR B 85 -3.28 -5.28 58.82
CA TYR B 85 -3.58 -4.84 60.18
C TYR B 85 -3.19 -3.39 60.40
N GLU B 86 -2.09 -2.94 59.78
CA GLU B 86 -1.73 -1.53 59.87
C GLU B 86 -2.80 -0.65 59.24
N LEU B 87 -3.35 -1.07 58.11
CA LEU B 87 -4.46 -0.34 57.50
C LEU B 87 -5.70 -0.39 58.37
N LYS B 88 -5.98 -1.55 58.97
CA LYS B 88 -7.15 -1.66 59.84
C LYS B 88 -7.02 -0.76 61.06
N LYS B 89 -5.79 -0.53 61.53
CA LYS B 89 -5.59 0.32 62.69
C LYS B 89 -5.62 1.80 62.31
N LYS B 90 -4.91 2.17 61.24
CA LYS B 90 -4.86 3.58 60.83
C LYS B 90 -6.22 4.06 60.33
N TYR B 91 -6.82 3.31 59.42
CA TYR B 91 -8.06 3.68 58.76
C TYR B 91 -9.26 2.98 59.42
N ASP B 92 -10.41 3.03 58.76
CA ASP B 92 -11.62 2.38 59.23
C ASP B 92 -11.36 0.91 59.54
N GLU B 93 -11.56 0.54 60.81
CA GLU B 93 -11.23 -0.81 61.26
C GLU B 93 -12.15 -1.86 60.64
N ASN B 94 -13.36 -1.47 60.23
CA ASN B 94 -14.31 -2.43 59.68
C ASN B 94 -14.05 -2.70 58.20
N TYR B 95 -13.70 -1.66 57.44
CA TYR B 95 -13.56 -1.81 56.00
C TYR B 95 -12.41 -2.74 55.63
N TRP B 96 -11.28 -2.63 56.33
CA TRP B 96 -10.05 -3.31 55.92
C TRP B 96 -10.03 -4.72 56.51
N THR B 97 -10.47 -5.70 55.72
CA THR B 97 -10.34 -7.11 56.03
C THR B 97 -9.84 -7.83 54.78
N VAL B 98 -9.18 -8.97 55.00
CA VAL B 98 -8.57 -9.69 53.89
C VAL B 98 -9.60 -10.04 52.83
N ASP B 99 -10.78 -10.53 53.26
CA ASP B 99 -11.83 -10.90 52.33
C ASP B 99 -12.24 -9.72 51.46
N ASN B 100 -12.19 -8.50 51.99
CA ASN B 100 -12.59 -7.32 51.23
C ASN B 100 -11.56 -6.92 50.18
N ILE B 101 -10.30 -7.37 50.33
CA ILE B 101 -9.20 -6.85 49.51
C ILE B 101 -9.53 -7.01 48.03
N HIS B 102 -10.01 -8.20 47.64
CA HIS B 102 -10.29 -8.48 46.23
C HIS B 102 -11.22 -7.44 45.62
N ARG B 103 -12.20 -6.96 46.38
CA ARG B 103 -13.09 -5.93 45.84
C ARG B 103 -12.38 -4.59 45.75
N HIS B 104 -11.62 -4.22 46.79
CA HIS B 104 -10.95 -2.92 46.81
C HIS B 104 -10.08 -2.75 45.57
N ILE B 105 -9.25 -3.75 45.28
CA ILE B 105 -8.37 -3.71 44.11
C ILE B 105 -9.20 -3.49 42.85
N LEU B 106 -10.34 -4.15 42.74
CA LEU B 106 -11.14 -4.03 41.53
C LEU B 106 -11.95 -2.75 41.46
N ASN B 107 -12.08 -2.00 42.56
CA ASN B 107 -12.93 -0.82 42.56
C ASN B 107 -12.16 0.49 42.53
N TYR B 108 -10.93 0.51 43.02
CA TYR B 108 -10.18 1.75 43.14
C TYR B 108 -8.77 1.70 42.57
N CYS B 109 -8.25 0.53 42.21
CA CYS B 109 -6.83 0.39 41.89
C CYS B 109 -6.56 0.02 40.44
N ILE B 110 -7.15 -1.06 39.93
CA ILE B 110 -6.81 -1.57 38.61
C ILE B 110 -7.66 -0.86 37.56
N TYR B 111 -6.99 -0.35 36.52
CA TYR B 111 -7.65 0.28 35.38
C TYR B 111 -7.03 -0.26 34.10
N GLY B 112 -7.88 -0.67 33.17
CA GLY B 112 -7.40 -1.12 31.86
C GLY B 112 -8.27 -0.55 30.77
N ALA B 113 -7.66 -0.39 29.59
CA ALA B 113 -8.37 0.13 28.43
C ALA B 113 -7.84 -0.54 27.18
N ASP B 114 -8.75 -0.94 26.29
CA ASP B 114 -8.36 -1.60 25.05
C ASP B 114 -9.49 -1.47 24.03
N ILE B 115 -9.13 -1.64 22.75
CA ILE B 115 -10.12 -1.56 21.68
C ILE B 115 -10.74 -2.90 21.33
N ASP B 116 -10.22 -4.00 21.88
CA ASP B 116 -10.71 -5.33 21.56
C ASP B 116 -11.76 -5.74 22.59
N GLU B 117 -12.98 -6.02 22.13
CA GLU B 117 -14.04 -6.45 23.04
C GLU B 117 -13.73 -7.80 23.67
N LYS B 118 -13.27 -8.76 22.87
CA LYS B 118 -12.99 -10.10 23.39
C LYS B 118 -11.87 -10.07 24.42
N ALA B 119 -10.82 -9.29 24.16
CA ALA B 119 -9.71 -9.20 25.11
C ALA B 119 -10.18 -8.62 26.45
N ILE B 120 -11.00 -7.57 26.39
CA ILE B 120 -11.51 -6.96 27.63
C ILE B 120 -12.43 -7.91 28.37
N SER B 121 -13.27 -8.65 27.64
CA SER B 121 -14.15 -9.62 28.30
C SER B 121 -13.34 -10.73 28.98
N ILE B 122 -12.32 -11.23 28.30
CA ILE B 122 -11.48 -12.28 28.88
C ILE B 122 -10.75 -11.74 30.11
N LEU B 123 -10.25 -10.50 30.03
CA LEU B 123 -9.58 -9.90 31.18
C LEU B 123 -10.55 -9.73 32.34
N LYS B 124 -11.80 -9.35 32.06
CA LYS B 124 -12.79 -9.22 33.12
C LYS B 124 -13.04 -10.57 33.79
N ASP B 125 -13.16 -11.64 32.98
CA ASP B 125 -13.38 -12.97 33.55
C ASP B 125 -12.21 -13.40 34.42
N SER B 126 -11.00 -13.20 33.93
CA SER B 126 -9.82 -13.62 34.69
C SER B 126 -9.70 -12.83 35.99
N LEU B 127 -9.87 -11.51 35.92
CA LEU B 127 -9.90 -10.67 37.13
C LEU B 127 -10.92 -11.16 38.14
N THR B 128 -12.16 -11.41 37.68
CA THR B 128 -13.19 -11.86 38.60
C THR B 128 -12.87 -13.23 39.19
N ASN B 129 -12.17 -14.10 38.45
CA ASN B 129 -11.81 -15.43 38.93
C ASN B 129 -10.50 -15.44 39.72
N LYS B 130 -9.89 -14.26 39.92
CA LYS B 130 -8.78 -14.19 40.88
C LYS B 130 -9.23 -14.64 42.27
N LYS B 131 -10.40 -14.20 42.72
CA LYS B 131 -10.97 -14.70 43.98
C LYS B 131 -11.98 -15.79 43.63
N VAL B 132 -11.50 -17.04 43.59
CA VAL B 132 -12.34 -18.15 43.18
C VAL B 132 -13.47 -18.44 44.17
N VAL B 133 -13.47 -17.76 45.32
CA VAL B 133 -14.65 -17.73 46.17
C VAL B 133 -15.77 -17.03 45.43
N ASN B 134 -16.96 -17.62 45.43
CA ASN B 134 -18.06 -17.12 44.63
C ASN B 134 -19.37 -17.18 45.40
N ASP B 135 -20.25 -16.22 45.10
CA ASP B 135 -21.64 -16.08 45.56
C ASP B 135 -21.77 -15.59 46.99
N LEU B 136 -20.68 -15.41 47.74
CA LEU B 136 -20.80 -14.90 49.10
C LEU B 136 -21.24 -13.44 49.11
N ASP B 137 -20.67 -12.62 48.22
CA ASP B 137 -21.06 -11.23 48.07
C ASP B 137 -21.96 -10.98 46.86
N GLU B 138 -22.18 -12.00 46.04
CA GLU B 138 -23.06 -11.96 44.87
C GLU B 138 -22.75 -10.79 43.95
N SER B 139 -21.52 -10.79 43.45
CA SER B 139 -21.12 -9.99 42.28
C SER B 139 -21.29 -8.49 42.53
N ASP B 140 -20.93 -8.02 43.73
CA ASP B 140 -20.93 -6.59 43.99
C ASP B 140 -19.88 -5.86 43.15
N ILE B 141 -18.83 -6.57 42.74
CA ILE B 141 -17.67 -5.93 42.15
C ILE B 141 -18.02 -5.22 40.85
N LYS B 142 -17.46 -4.03 40.67
CA LYS B 142 -17.53 -3.29 39.42
C LYS B 142 -16.10 -3.03 38.97
N ILE B 143 -15.76 -3.51 37.77
CA ILE B 143 -14.38 -3.51 37.29
C ILE B 143 -14.16 -2.29 36.41
N ASN B 144 -12.99 -1.67 36.55
CA ASN B 144 -12.65 -0.44 35.83
C ASN B 144 -11.92 -0.75 34.51
N LEU B 145 -12.58 -1.55 33.68
CA LEU B 145 -12.08 -1.88 32.35
C LEU B 145 -12.91 -1.14 31.31
N PHE B 146 -12.23 -0.55 30.33
CA PHE B 146 -12.85 0.23 29.28
C PHE B 146 -12.52 -0.37 27.92
N CYS B 147 -13.55 -0.53 27.09
CA CYS B 147 -13.37 -0.95 25.71
C CYS B 147 -13.49 0.31 24.85
N CYS B 148 -12.34 0.92 24.57
CA CYS B 148 -12.32 2.22 23.91
C CYS B 148 -10.97 2.43 23.25
N ASP B 149 -10.88 3.51 22.48
CA ASP B 149 -9.60 3.97 21.95
C ASP B 149 -8.91 4.83 22.99
N SER B 150 -7.76 4.37 23.47
CA SER B 150 -7.08 5.06 24.57
C SER B 150 -6.70 6.48 24.17
N LEU B 151 -6.29 6.68 22.92
CA LEU B 151 -5.87 8.01 22.47
C LEU B 151 -7.03 8.99 22.32
N LYS B 152 -8.28 8.50 22.36
CA LYS B 152 -9.43 9.39 22.25
C LYS B 152 -10.22 9.52 23.55
N LYS B 153 -9.93 8.71 24.56
CA LYS B 153 -10.70 8.77 25.81
C LYS B 153 -10.30 10.00 26.61
N LYS B 154 -11.31 10.72 27.10
CA LYS B 154 -11.10 11.90 27.94
C LYS B 154 -11.15 11.45 29.39
N TRP B 155 -9.98 11.13 29.95
CA TRP B 155 -9.90 10.70 31.34
C TRP B 155 -10.20 11.86 32.28
N ARG B 156 -10.85 11.55 33.40
CA ARG B 156 -11.21 12.57 34.37
C ARG B 156 -10.17 12.75 35.47
N TYR B 157 -9.15 11.91 35.52
CA TYR B 157 -8.11 12.06 36.54
C TYR B 157 -6.84 11.36 36.06
N LYS B 158 -5.71 11.77 36.64
CA LYS B 158 -4.42 11.18 36.33
C LYS B 158 -4.16 9.97 37.23
N PHE B 159 -3.12 9.21 36.89
CA PHE B 159 -2.92 7.89 37.47
C PHE B 159 -1.56 7.80 38.15
N ASP B 160 -1.54 7.07 39.27
CA ASP B 160 -0.31 6.90 40.04
C ASP B 160 0.74 6.12 39.25
N TYR B 161 0.35 5.03 38.62
CA TYR B 161 1.29 4.17 37.92
C TYR B 161 0.69 3.71 36.60
N ILE B 162 1.52 3.71 35.55
CA ILE B 162 1.11 3.27 34.23
C ILE B 162 2.13 2.26 33.72
N VAL B 163 1.65 1.10 33.30
CA VAL B 163 2.47 0.03 32.74
C VAL B 163 1.88 -0.40 31.41
N GLY B 164 2.49 -1.41 30.81
CA GLY B 164 1.88 -2.03 29.66
C GLY B 164 2.82 -2.10 28.48
N ASN B 165 2.25 -2.38 27.31
CA ASN B 165 2.99 -2.60 26.08
C ASN B 165 2.17 -2.02 24.94
N PRO B 166 2.45 -0.79 24.52
CA PRO B 166 1.59 -0.12 23.53
C PRO B 166 1.72 -0.78 22.16
N PRO B 167 0.78 -0.52 21.26
CA PRO B 167 0.89 -1.10 19.91
C PRO B 167 1.98 -0.41 19.10
N TYR B 168 2.62 -1.19 18.24
CA TYR B 168 3.60 -0.67 17.29
C TYR B 168 2.96 -0.78 15.90
N ILE B 169 2.65 0.36 15.29
CA ILE B 169 2.07 0.39 13.95
C ILE B 169 2.83 1.42 13.13
N GLY B 170 3.44 0.97 12.04
CA GLY B 170 4.19 1.85 11.17
C GLY B 170 3.28 2.76 10.36
N HIS B 171 3.92 3.60 9.54
CA HIS B 171 3.16 4.49 8.67
C HIS B 171 2.50 3.76 7.51
N LYS B 172 3.03 2.60 7.12
CA LYS B 172 2.41 1.83 6.05
C LYS B 172 1.12 1.16 6.52
N LYS B 173 1.15 0.57 7.72
CA LYS B 173 0.07 -0.28 8.20
C LYS B 173 -1.01 0.46 8.98
N LEU B 174 -0.90 1.79 9.11
CA LEU B 174 -1.88 2.59 9.83
C LEU B 174 -2.86 3.20 8.85
N GLU B 175 -4.16 3.10 9.16
CA GLU B 175 -5.16 3.64 8.26
C GLU B 175 -5.10 5.16 8.24
N LYS B 176 -5.41 5.74 7.08
CA LYS B 176 -5.05 7.13 6.82
C LYS B 176 -5.95 8.11 7.56
N LYS B 177 -7.23 7.79 7.76
CA LYS B 177 -8.09 8.68 8.53
C LYS B 177 -7.61 8.80 9.97
N TYR B 178 -7.22 7.67 10.57
CA TYR B 178 -6.64 7.72 11.91
C TYR B 178 -5.34 8.51 11.91
N LYS B 179 -4.58 8.45 10.82
CA LYS B 179 -3.37 9.28 10.73
C LYS B 179 -3.72 10.76 10.69
N LYS B 180 -4.80 11.13 10.00
CA LYS B 180 -5.26 12.51 10.06
C LYS B 180 -5.60 12.92 11.49
N PHE B 181 -6.29 12.04 12.21
CA PHE B 181 -6.62 12.33 13.61
C PHE B 181 -5.35 12.52 14.44
N LEU B 182 -4.37 11.64 14.25
CA LEU B 182 -3.13 11.73 15.02
C LEU B 182 -2.39 13.03 14.71
N LEU B 183 -2.30 13.40 13.44
CA LEU B 183 -1.65 14.65 13.08
C LEU B 183 -2.39 15.84 13.66
N GLU B 184 -3.72 15.76 13.77
CA GLU B 184 -4.48 16.87 14.34
C GLU B 184 -4.24 16.99 15.85
N LYS B 185 -4.21 15.86 16.56
CA LYS B 185 -4.21 15.91 18.02
C LYS B 185 -2.89 15.52 18.68
N TYR B 186 -2.04 14.75 18.01
CA TYR B 186 -0.76 14.31 18.58
C TYR B 186 0.41 14.87 17.79
N SER B 187 0.27 16.12 17.31
CA SER B 187 1.33 16.74 16.51
C SER B 187 2.59 17.00 17.33
N GLU B 188 2.49 17.05 18.66
CA GLU B 188 3.69 17.28 19.47
C GLU B 188 4.68 16.15 19.33
N VAL B 189 4.22 14.94 19.02
CA VAL B 189 5.12 13.80 18.87
C VAL B 189 4.93 13.04 17.57
N TYR B 190 3.82 13.19 16.86
CA TYR B 190 3.55 12.40 15.66
C TYR B 190 3.56 13.31 14.44
N LYS B 191 4.40 12.97 13.46
CA LYS B 191 4.41 13.60 12.14
C LYS B 191 5.27 12.74 11.22
N ASP B 192 4.99 12.86 9.92
CA ASP B 192 5.77 12.20 8.86
C ASP B 192 5.74 10.69 9.14
N LYS B 193 6.89 10.01 9.19
CA LYS B 193 6.94 8.56 9.30
C LYS B 193 6.95 8.09 10.75
N ALA B 194 6.35 8.85 11.66
CA ALA B 194 6.33 8.48 13.07
C ALA B 194 5.48 7.22 13.28
N ASP B 195 5.47 6.74 14.51
CA ASP B 195 4.78 5.51 14.87
C ASP B 195 3.73 5.80 15.93
N LEU B 196 2.78 4.86 16.07
CA LEU B 196 1.67 5.04 17.00
C LEU B 196 2.13 5.04 18.46
N TYR B 197 3.16 4.25 18.78
CA TYR B 197 3.62 4.21 20.16
C TYR B 197 4.24 5.54 20.58
N PHE B 198 4.58 6.41 19.63
CA PHE B 198 4.91 7.80 19.99
C PHE B 198 3.70 8.47 20.66
N CYS B 199 2.53 8.34 20.03
CA CYS B 199 1.31 8.89 20.60
C CYS B 199 0.99 8.23 21.93
N PHE B 200 1.28 6.93 22.05
CA PHE B 200 1.03 6.27 23.33
C PHE B 200 1.97 6.76 24.42
N TYR B 201 3.23 7.05 24.06
CA TYR B 201 4.14 7.69 25.01
C TYR B 201 3.59 9.04 25.47
N LYS B 202 3.11 9.85 24.52
CA LYS B 202 2.57 11.15 24.89
C LYS B 202 1.35 11.01 25.79
N LYS B 203 0.46 10.09 25.46
CA LYS B 203 -0.74 9.90 26.28
C LYS B 203 -0.38 9.42 27.68
N ILE B 204 0.57 8.48 27.79
CA ILE B 204 1.00 7.99 29.10
C ILE B 204 1.58 9.13 29.93
N ILE B 205 2.41 9.96 29.32
CA ILE B 205 3.01 11.08 30.04
C ILE B 205 1.92 12.05 30.50
N ASP B 206 0.95 12.34 29.62
CA ASP B 206 -0.04 13.39 29.92
C ASP B 206 -0.91 13.01 31.11
N ILE B 207 -1.30 11.75 31.23
CA ILE B 207 -2.24 11.32 32.25
C ILE B 207 -1.53 10.67 33.44
N LEU B 208 -0.25 10.97 33.63
CA LEU B 208 0.50 10.45 34.77
C LEU B 208 0.44 11.46 35.91
N LYS B 209 0.04 10.98 37.09
CA LYS B 209 -0.07 11.84 38.25
C LYS B 209 1.29 12.35 38.70
N GLN B 210 1.30 13.51 39.35
CA GLN B 210 2.55 14.06 39.88
C GLN B 210 3.16 13.10 40.89
N GLY B 211 4.45 12.82 40.73
CA GLY B 211 5.11 11.82 41.53
C GLY B 211 4.85 10.39 41.08
N GLY B 212 4.12 10.19 39.99
CA GLY B 212 3.84 8.86 39.53
C GLY B 212 4.95 8.27 38.70
N ILE B 213 5.00 6.93 38.69
CA ILE B 213 6.03 6.18 37.98
C ILE B 213 5.37 5.42 36.84
N GLY B 214 5.89 5.61 35.62
CA GLY B 214 5.46 4.85 34.46
C GLY B 214 6.60 4.01 33.95
N SER B 215 6.25 2.85 33.39
CA SER B 215 7.25 1.95 32.83
C SER B 215 6.62 1.14 31.72
N VAL B 216 7.24 1.18 30.54
CA VAL B 216 6.71 0.53 29.35
C VAL B 216 7.84 -0.19 28.61
N ILE B 217 7.44 -1.10 27.72
CA ILE B 217 8.35 -1.73 26.78
C ILE B 217 7.87 -1.38 25.38
N THR B 218 8.75 -0.76 24.58
CA THR B 218 8.42 -0.27 23.26
C THR B 218 9.53 -0.69 22.30
N PRO B 219 9.45 -0.39 21.00
CA PRO B 219 10.62 -0.56 20.14
C PRO B 219 11.70 0.43 20.54
N ARG B 220 12.95 0.02 20.32
CA ARG B 220 14.10 0.85 20.68
C ARG B 220 14.41 1.93 19.66
N TYR B 221 13.74 1.92 18.51
CA TYR B 221 14.17 2.75 17.38
C TYR B 221 14.02 4.24 17.66
N PHE B 222 13.00 4.64 18.43
CA PHE B 222 12.78 6.07 18.68
C PHE B 222 13.96 6.72 19.40
N LEU B 223 14.77 5.93 20.09
CA LEU B 223 15.95 6.48 20.77
C LEU B 223 16.93 7.08 19.78
N GLU B 224 16.95 6.57 18.55
CA GLU B 224 17.92 6.99 17.55
C GLU B 224 17.33 7.44 16.23
N SER B 225 16.07 7.11 15.94
CA SER B 225 15.53 7.38 14.62
C SER B 225 15.28 8.88 14.42
N LEU B 226 15.22 9.26 13.15
CA LEU B 226 14.93 10.66 12.80
C LEU B 226 13.56 11.09 13.29
N SER B 227 12.55 10.21 13.15
CA SER B 227 11.19 10.58 13.49
C SER B 227 10.98 10.72 14.98
N GLY B 228 11.88 10.20 15.80
CA GLY B 228 11.75 10.26 17.24
C GLY B 228 12.23 11.53 17.89
N LYS B 229 12.68 12.51 17.09
CA LYS B 229 13.24 13.74 17.65
C LYS B 229 12.22 14.46 18.54
N ASP B 230 11.01 14.69 18.02
CA ASP B 230 9.99 15.36 18.81
C ASP B 230 9.61 14.54 20.03
N LEU B 231 9.49 13.21 19.87
CA LEU B 231 9.19 12.35 21.01
C LEU B 231 10.28 12.42 22.05
N ARG B 232 11.55 12.40 21.62
CA ARG B 232 12.66 12.51 22.56
C ARG B 232 12.60 13.83 23.33
N GLU B 233 12.30 14.92 22.63
CA GLU B 233 12.20 16.21 23.31
C GLU B 233 11.05 16.21 24.32
N TYR B 234 9.91 15.62 23.95
CA TYR B 234 8.77 15.57 24.87
C TYR B 234 9.10 14.77 26.11
N ILE B 235 9.72 13.60 25.93
CA ILE B 235 10.12 12.77 27.06
C ILE B 235 11.12 13.49 27.95
N LYS B 236 12.12 14.14 27.34
CA LYS B 236 13.14 14.83 28.11
C LYS B 236 12.53 15.99 28.89
N SER B 237 11.60 16.72 28.29
CA SER B 237 11.10 17.95 28.88
C SER B 237 9.89 17.75 29.78
N ASN B 238 9.30 16.55 29.84
CA ASN B 238 8.10 16.37 30.63
C ASN B 238 8.20 15.34 31.75
N VAL B 239 9.15 14.40 31.69
CA VAL B 239 9.32 13.40 32.74
C VAL B 239 10.79 13.26 33.10
N ASN B 240 11.03 12.66 34.26
CA ASN B 240 12.38 12.27 34.68
C ASN B 240 12.59 10.82 34.29
N VAL B 241 13.47 10.58 33.33
CA VAL B 241 13.74 9.23 32.86
C VAL B 241 14.58 8.51 33.90
N GLN B 242 13.96 7.59 34.64
CA GLN B 242 14.69 6.85 35.66
C GLN B 242 15.70 5.89 35.05
N GLU B 243 15.27 5.13 34.03
CA GLU B 243 16.08 4.02 33.57
C GLU B 243 15.70 3.64 32.14
N ILE B 244 16.71 3.25 31.36
CA ILE B 244 16.53 2.76 30.01
C ILE B 244 17.28 1.44 29.88
N VAL B 245 16.57 0.39 29.48
CA VAL B 245 17.16 -0.91 29.18
C VAL B 245 17.06 -1.11 27.67
N ASP B 246 18.21 -1.17 27.00
CA ASP B 246 18.26 -1.37 25.56
C ASP B 246 18.74 -2.79 25.28
N PHE B 247 17.91 -3.57 24.61
CA PHE B 247 18.26 -4.93 24.24
C PHE B 247 18.92 -5.01 22.87
N LEU B 248 19.06 -3.87 22.17
CA LEU B 248 19.70 -3.78 20.86
C LEU B 248 19.00 -4.77 19.93
N GLY B 249 19.72 -5.64 19.23
CA GLY B 249 19.13 -6.55 18.27
C GLY B 249 18.56 -7.83 18.83
N ALA B 250 18.59 -8.02 20.16
CA ALA B 250 18.06 -9.22 20.75
C ALA B 250 16.56 -9.33 20.53
N ASN B 251 16.08 -10.56 20.33
CA ASN B 251 14.66 -10.81 20.05
C ASN B 251 13.94 -11.10 21.36
N ILE B 252 13.34 -10.05 21.93
CA ILE B 252 12.55 -10.21 23.14
C ILE B 252 11.26 -10.97 22.84
N PHE B 253 10.65 -10.69 21.69
CA PHE B 253 9.38 -11.29 21.30
C PHE B 253 9.62 -12.41 20.30
N LYS B 254 9.08 -13.60 20.60
CA LYS B 254 9.31 -14.78 19.78
C LYS B 254 8.66 -14.62 18.41
N ASN B 255 9.43 -14.91 17.36
CA ASN B 255 8.95 -14.87 15.97
C ASN B 255 8.36 -13.51 15.62
N ILE B 256 8.94 -12.45 16.17
CA ILE B 256 8.55 -11.07 15.86
C ILE B 256 9.81 -10.31 15.45
N GLY B 257 9.74 -9.62 14.32
CA GLY B 257 10.90 -8.91 13.81
C GLY B 257 11.01 -7.49 14.33
N VAL B 258 11.09 -7.33 15.65
CA VAL B 258 11.22 -6.01 16.27
C VAL B 258 12.33 -6.06 17.31
N SER B 259 12.91 -4.90 17.58
CA SER B 259 13.93 -4.74 18.61
C SER B 259 13.37 -3.82 19.70
N SER B 260 13.44 -4.27 20.94
CA SER B 260 12.70 -3.66 22.03
C SER B 260 13.61 -3.02 23.07
N CYS B 261 13.01 -2.10 23.83
CA CYS B 261 13.65 -1.45 24.96
C CYS B 261 12.61 -1.20 26.02
N ILE B 262 13.08 -1.03 27.26
CA ILE B 262 12.23 -0.76 28.41
C ILE B 262 12.57 0.61 28.96
N LEU B 263 11.56 1.47 29.08
CA LEU B 263 11.73 2.80 29.62
C LEU B 263 10.96 2.93 30.92
N THR B 264 11.64 3.42 31.96
CA THR B 264 11.03 3.71 33.25
C THR B 264 11.26 5.17 33.56
N PHE B 265 10.17 5.92 33.72
CA PHE B 265 10.22 7.35 34.00
C PHE B 265 9.32 7.68 35.18
N ASP B 266 9.43 8.90 35.68
CA ASP B 266 8.64 9.34 36.82
C ASP B 266 8.29 10.81 36.65
N LYS B 267 7.52 11.33 37.60
CA LYS B 267 7.16 12.75 37.67
C LYS B 267 7.43 13.28 39.07
N LYS B 268 8.51 12.81 39.69
CA LYS B 268 8.88 13.25 41.03
C LYS B 268 9.85 14.42 40.97
N LYS B 269 9.96 15.14 42.09
CA LYS B 269 10.92 16.23 42.19
C LYS B 269 12.32 15.66 42.33
N THR B 270 13.17 15.91 41.33
CA THR B 270 14.52 15.37 41.31
C THR B 270 15.54 16.50 41.25
N LYS B 271 16.73 16.22 41.76
CA LYS B 271 17.79 17.22 41.79
C LYS B 271 18.53 17.28 40.45
N GLU B 272 19.16 16.18 40.05
CA GLU B 272 19.89 16.13 38.79
C GLU B 272 19.47 14.99 37.87
N THR B 273 18.59 14.09 38.33
CA THR B 273 17.95 13.04 37.53
C THR B 273 18.92 12.39 36.53
N TYR B 274 19.96 11.77 37.07
CA TYR B 274 20.80 10.90 36.25
C TYR B 274 20.01 9.67 35.82
N ILE B 275 20.25 9.21 34.60
CA ILE B 275 19.54 8.10 34.00
C ILE B 275 20.44 6.87 34.04
N ASP B 276 19.91 5.78 34.59
CA ASP B 276 20.57 4.48 34.49
C ASP B 276 20.33 3.89 33.11
N VAL B 277 21.39 3.48 32.43
CA VAL B 277 21.29 2.89 31.11
C VAL B 277 21.95 1.52 31.16
N PHE B 278 21.20 0.50 30.74
CA PHE B 278 21.68 -0.87 30.65
C PHE B 278 21.64 -1.27 29.18
N LYS B 279 22.82 -1.39 28.57
CA LYS B 279 22.94 -1.79 27.17
C LYS B 279 23.41 -3.24 27.11
N ILE B 280 22.74 -4.05 26.30
CA ILE B 280 23.13 -5.44 26.19
C ILE B 280 24.48 -5.56 25.50
N LYS B 281 25.27 -6.56 25.89
CA LYS B 281 26.58 -6.81 25.30
C LYS B 281 26.52 -7.82 24.17
N ASN B 282 25.90 -8.98 24.41
CA ASN B 282 25.74 -10.01 23.39
C ASN B 282 24.24 -10.22 23.14
N GLU B 283 23.87 -10.33 21.87
CA GLU B 283 22.48 -10.37 21.45
C GLU B 283 21.90 -11.78 21.40
N ASP B 284 22.65 -12.79 21.83
CA ASP B 284 22.19 -14.18 21.90
C ASP B 284 21.86 -14.59 23.32
N ILE B 285 21.23 -13.68 24.08
CA ILE B 285 21.10 -13.85 25.53
C ILE B 285 20.29 -15.08 25.90
N CYS B 286 19.29 -15.44 25.09
CA CYS B 286 18.31 -16.46 25.47
C CYS B 286 17.60 -16.03 26.76
N ILE B 287 16.81 -14.96 26.62
CA ILE B 287 16.31 -14.10 27.68
C ILE B 287 15.87 -14.87 28.92
N ASN B 288 15.34 -16.08 28.74
CA ASN B 288 14.95 -16.90 29.88
C ASN B 288 16.16 -17.62 30.47
N LYS B 289 17.22 -16.87 30.78
CA LYS B 289 18.43 -17.42 31.38
C LYS B 289 18.44 -17.34 32.90
N PHE B 290 17.74 -16.37 33.47
CA PHE B 290 17.61 -16.21 34.92
C PHE B 290 16.13 -16.17 35.28
N GLU B 291 15.83 -16.43 36.55
CA GLU B 291 14.47 -16.29 37.04
C GLU B 291 13.99 -14.85 36.94
N THR B 292 14.88 -13.90 37.22
CA THR B 292 14.55 -12.50 37.27
C THR B 292 15.37 -11.72 36.23
N LEU B 293 14.78 -10.63 35.72
CA LEU B 293 15.52 -9.76 34.79
C LEU B 293 16.64 -9.05 35.52
N GLU B 294 16.45 -8.75 36.81
CA GLU B 294 17.46 -8.01 37.57
C GLU B 294 18.78 -8.78 37.63
N GLU B 295 18.72 -10.09 37.87
CA GLU B 295 19.92 -10.90 37.91
C GLU B 295 20.65 -10.85 36.56
N LEU B 296 19.91 -10.92 35.46
CA LEU B 296 20.49 -10.78 34.14
C LEU B 296 21.16 -9.41 33.96
N LEU B 297 20.45 -8.33 34.30
CA LEU B 297 21.01 -6.98 34.14
C LEU B 297 22.30 -6.80 34.92
N LYS B 298 22.37 -7.34 36.14
CA LYS B 298 23.56 -7.22 36.97
C LYS B 298 24.69 -8.16 36.54
N SER B 299 24.44 -9.07 35.58
CA SER B 299 25.48 -9.98 35.14
C SER B 299 26.43 -9.29 34.16
N SER B 300 27.44 -10.03 33.70
CA SER B 300 28.37 -9.51 32.70
C SER B 300 27.76 -9.41 31.32
N LYS B 301 26.53 -9.93 31.12
CA LYS B 301 25.85 -9.83 29.84
C LYS B 301 25.35 -8.43 29.53
N PHE B 302 25.40 -7.51 30.49
CA PHE B 302 24.93 -6.15 30.31
C PHE B 302 26.00 -5.16 30.75
N GLU B 303 25.92 -3.95 30.21
CA GLU B 303 26.80 -2.85 30.57
C GLU B 303 25.94 -1.72 31.13
N HIS B 304 26.36 -1.15 32.26
CA HIS B 304 25.61 -0.10 32.93
C HIS B 304 26.40 1.19 32.92
N PHE B 305 25.70 2.30 32.66
CA PHE B 305 26.33 3.61 32.79
C PHE B 305 25.26 4.67 33.00
N ASN B 306 25.69 5.81 33.54
CA ASN B 306 24.79 6.92 33.84
C ASN B 306 24.88 7.99 32.76
N ILE B 307 23.74 8.65 32.51
CA ILE B 307 23.65 9.75 31.56
C ILE B 307 22.92 10.90 32.21
N ASN B 308 23.49 12.10 32.16
CA ASN B 308 22.83 13.27 32.74
C ASN B 308 21.73 13.72 31.79
N GLN B 309 20.48 13.73 32.28
CA GLN B 309 19.35 14.09 31.43
C GLN B 309 19.41 15.57 31.02
N ARG B 310 19.85 16.44 31.93
CA ARG B 310 19.90 17.86 31.62
C ARG B 310 20.86 18.16 30.48
N LEU B 311 21.86 17.31 30.28
CA LEU B 311 22.85 17.52 29.23
C LEU B 311 22.50 16.83 27.92
N LEU B 312 21.34 16.18 27.83
CA LEU B 312 20.91 15.58 26.58
C LEU B 312 20.56 16.66 25.57
N SER B 313 20.92 16.42 24.31
CA SER B 313 20.56 17.31 23.22
C SER B 313 19.26 16.83 22.58
N ASP B 314 18.93 17.38 21.40
CA ASP B 314 17.75 16.91 20.69
C ASP B 314 17.87 15.44 20.31
N GLU B 315 19.09 14.95 20.13
CA GLU B 315 19.36 13.54 19.90
C GLU B 315 20.12 12.97 21.08
N TRP B 316 19.73 11.79 21.52
CA TRP B 316 20.32 11.17 22.70
C TRP B 316 21.48 10.29 22.29
N ILE B 317 22.68 10.63 22.75
CA ILE B 317 23.88 9.84 22.49
C ILE B 317 24.17 9.11 23.80
N LEU B 318 23.64 7.89 23.92
CA LEU B 318 23.74 7.11 25.15
C LEU B 318 24.87 6.11 25.02
N VAL B 319 26.09 6.59 25.31
CA VAL B 319 27.29 5.76 25.29
C VAL B 319 28.13 6.08 26.53
N ASN B 320 29.03 5.16 26.85
CA ASN B 320 29.89 5.32 28.00
C ASN B 320 30.90 6.45 27.78
N LYS B 321 31.72 6.70 28.80
CA LYS B 321 32.64 7.84 28.75
C LYS B 321 33.68 7.66 27.65
N ASP B 322 34.24 6.45 27.51
CA ASP B 322 35.26 6.22 26.50
C ASP B 322 34.73 6.44 25.10
N ASP B 323 33.55 5.87 24.81
CA ASP B 323 32.95 6.06 23.49
C ASP B 323 32.58 7.52 23.26
N GLU B 324 32.11 8.21 24.30
CA GLU B 324 31.80 9.63 24.15
C GLU B 324 33.04 10.44 23.82
N THR B 325 34.16 10.17 24.49
CA THR B 325 35.39 10.90 24.22
C THR B 325 35.91 10.59 22.82
N PHE B 326 35.81 9.32 22.40
CA PHE B 326 36.17 8.94 21.04
C PHE B 326 35.34 9.71 20.02
N TYR B 327 34.03 9.77 20.24
CA TYR B 327 33.12 10.49 19.36
C TYR B 327 33.47 11.97 19.30
N ASN B 328 33.73 12.58 20.46
CA ASN B 328 34.03 14.01 20.49
C ASN B 328 35.36 14.32 19.80
N LYS B 329 36.37 13.46 20.00
CA LYS B 329 37.64 13.65 19.30
C LYS B 329 37.44 13.63 17.80
N ILE B 330 36.71 12.62 17.29
CA ILE B 330 36.53 12.53 15.85
C ILE B 330 35.69 13.70 15.33
N GLN B 331 34.66 14.10 16.07
CA GLN B 331 33.83 15.22 15.64
C GLN B 331 34.63 16.52 15.57
N GLU B 332 35.47 16.78 16.58
CA GLU B 332 36.24 18.01 16.59
C GLU B 332 37.32 18.01 15.51
N LYS B 333 38.00 16.87 15.31
CA LYS B 333 39.12 16.85 14.38
C LYS B 333 38.67 17.13 12.95
N CYS B 334 37.53 16.57 12.54
CA CYS B 334 37.09 16.67 11.16
C CYS B 334 36.35 17.99 10.92
N LYS B 335 36.74 18.71 9.88
CA LYS B 335 36.16 20.01 9.55
C LYS B 335 35.11 19.95 8.47
N TYR B 336 34.97 18.82 7.78
CA TYR B 336 33.96 18.64 6.74
C TYR B 336 33.05 17.48 7.11
N SER B 337 31.85 17.50 6.53
CA SER B 337 30.92 16.38 6.62
C SER B 337 30.57 15.92 5.22
N LEU B 338 30.15 14.65 5.11
CA LEU B 338 29.81 14.08 3.81
C LEU B 338 28.70 14.87 3.13
N GLU B 339 27.80 15.48 3.91
CA GLU B 339 26.77 16.33 3.32
C GLU B 339 27.37 17.56 2.65
N ASP B 340 28.44 18.10 3.25
CA ASP B 340 29.06 19.31 2.70
C ASP B 340 29.71 19.06 1.35
N ILE B 341 30.21 17.84 1.12
CA ILE B 341 31.08 17.59 -0.03
C ILE B 341 30.45 16.67 -1.07
N ALA B 342 29.28 16.10 -0.81
CA ALA B 342 28.73 15.09 -1.71
C ALA B 342 27.23 15.31 -1.90
N ILE B 343 26.74 14.81 -3.03
CA ILE B 343 25.32 14.76 -3.35
C ILE B 343 24.87 13.31 -3.21
N SER B 344 23.89 13.08 -2.34
CA SER B 344 23.40 11.74 -2.05
C SER B 344 22.02 11.54 -2.67
N PHE B 345 21.69 10.29 -2.96
CA PHE B 345 20.39 9.95 -3.49
C PHE B 345 20.07 8.49 -3.22
N GLN B 346 18.77 8.21 -3.20
CA GLN B 346 18.20 6.88 -3.01
C GLN B 346 17.97 6.22 -4.36
N GLY B 347 17.96 4.89 -4.34
CA GLY B 347 17.86 4.11 -5.57
C GLY B 347 16.49 4.19 -6.20
N ILE B 348 16.37 3.50 -7.33
CA ILE B 348 15.12 3.47 -8.09
C ILE B 348 14.03 2.79 -7.27
N ILE B 349 12.85 3.38 -7.27
CA ILE B 349 11.66 2.75 -6.70
C ILE B 349 10.70 2.51 -7.86
N THR B 350 10.75 1.30 -8.42
CA THR B 350 9.89 0.97 -9.55
C THR B 350 8.42 0.97 -9.14
N GLY B 351 8.12 0.46 -7.94
CA GLY B 351 6.77 0.23 -7.50
C GLY B 351 6.28 -1.18 -7.69
N CYS B 352 6.89 -1.93 -8.61
CA CYS B 352 6.69 -3.37 -8.74
C CYS B 352 7.94 -3.94 -9.37
N ASP B 353 8.87 -4.43 -8.52
CA ASP B 353 10.17 -4.88 -9.02
C ASP B 353 10.04 -6.09 -9.92
N LYS B 354 9.00 -6.90 -9.74
CA LYS B 354 8.82 -8.08 -10.59
C LYS B 354 8.56 -7.69 -12.04
N ALA B 355 7.86 -6.58 -12.27
CA ALA B 355 7.52 -6.18 -13.64
C ALA B 355 8.74 -5.70 -14.42
N PHE B 356 9.70 -5.05 -13.75
CA PHE B 356 10.77 -4.36 -14.43
C PHE B 356 12.14 -5.03 -14.31
N ILE B 357 12.40 -5.78 -13.23
CA ILE B 357 13.69 -6.39 -13.02
C ILE B 357 13.67 -7.80 -13.59
N LEU B 358 14.67 -8.11 -14.42
CA LEU B 358 14.77 -9.43 -15.05
C LEU B 358 16.17 -9.99 -14.84
N SER B 359 16.25 -11.29 -14.57
CA SER B 359 17.55 -11.94 -14.48
C SER B 359 18.25 -11.87 -15.82
N LYS B 360 19.58 -11.72 -15.78
CA LYS B 360 20.33 -11.56 -17.02
C LYS B 360 20.28 -12.80 -17.89
N ASP B 361 19.90 -13.95 -17.34
CA ASP B 361 19.73 -15.17 -18.11
C ASP B 361 18.32 -15.33 -18.67
N ASP B 362 17.42 -14.39 -18.39
CA ASP B 362 16.04 -14.52 -18.82
C ASP B 362 15.93 -14.37 -20.34
N VAL B 363 15.05 -15.17 -20.94
CA VAL B 363 14.84 -15.12 -22.38
C VAL B 363 14.19 -13.80 -22.78
N LYS B 364 13.29 -13.29 -21.93
CA LYS B 364 12.53 -12.08 -22.27
C LYS B 364 13.42 -10.89 -22.53
N LEU B 365 14.65 -10.87 -22.01
CA LEU B 365 15.57 -9.77 -22.27
C LEU B 365 15.89 -9.64 -23.76
N ASN B 366 15.70 -10.69 -24.54
CA ASN B 366 15.91 -10.61 -25.98
C ASN B 366 14.85 -9.76 -26.67
N LEU B 367 13.72 -9.52 -26.01
CA LEU B 367 12.63 -8.74 -26.56
C LEU B 367 12.75 -7.25 -26.24
N VAL B 368 13.73 -6.86 -25.43
CA VAL B 368 13.93 -5.48 -25.01
C VAL B 368 15.22 -4.96 -25.61
N ASP B 369 15.16 -3.80 -26.24
CA ASP B 369 16.36 -3.18 -26.79
C ASP B 369 17.34 -2.89 -25.69
N ASP B 370 18.64 -3.05 -25.99
CA ASP B 370 19.68 -2.88 -24.99
C ASP B 370 19.74 -1.44 -24.46
N LYS B 371 19.18 -0.47 -25.18
CA LYS B 371 19.18 0.89 -24.68
C LYS B 371 18.31 1.03 -23.43
N PHE B 372 17.23 0.26 -23.34
CA PHE B 372 16.38 0.32 -22.16
C PHE B 372 16.97 -0.41 -20.96
N LEU B 373 17.94 -1.30 -21.17
CA LEU B 373 18.44 -2.16 -20.12
C LEU B 373 19.55 -1.47 -19.33
N LYS B 374 19.45 -1.53 -18.00
CA LYS B 374 20.44 -1.00 -17.09
C LYS B 374 20.89 -2.09 -16.14
N CYS B 375 22.13 -2.00 -15.68
CA CYS B 375 22.62 -2.96 -14.68
C CYS B 375 21.91 -2.73 -13.35
N TRP B 376 21.69 -3.81 -12.61
CA TRP B 376 20.88 -3.77 -11.40
C TRP B 376 21.56 -4.58 -10.32
N ILE B 377 21.75 -3.99 -9.14
CA ILE B 377 22.41 -4.66 -8.03
C ILE B 377 21.54 -4.56 -6.79
N LYS B 378 21.71 -5.52 -5.89
CA LYS B 378 21.08 -5.54 -4.58
C LYS B 378 22.12 -5.23 -3.52
N SER B 379 21.67 -5.13 -2.27
CA SER B 379 22.55 -4.72 -1.18
C SER B 379 23.70 -5.69 -0.98
N LYS B 380 23.48 -6.99 -1.24
CA LYS B 380 24.53 -7.97 -1.01
C LYS B 380 25.68 -7.84 -2.01
N ASN B 381 25.44 -7.20 -3.15
CA ASN B 381 26.48 -7.03 -4.16
C ASN B 381 27.56 -6.04 -3.74
N ILE B 382 27.33 -5.26 -2.69
CA ILE B 382 28.24 -4.19 -2.30
C ILE B 382 29.15 -4.72 -1.20
N ASN B 383 30.44 -4.83 -1.52
CA ASN B 383 31.48 -5.13 -0.55
C ASN B 383 32.23 -3.84 -0.26
N LYS B 384 33.35 -3.95 0.46
CA LYS B 384 34.22 -2.80 0.63
C LYS B 384 34.99 -2.53 -0.66
N TYR B 385 34.93 -1.28 -1.12
CA TYR B 385 35.71 -0.73 -2.22
C TYR B 385 35.28 -1.18 -3.62
N ILE B 386 34.42 -2.19 -3.73
CA ILE B 386 34.04 -2.74 -5.03
C ILE B 386 32.64 -3.34 -4.96
N VAL B 387 32.00 -3.41 -6.11
CA VAL B 387 30.65 -3.97 -6.25
C VAL B 387 30.75 -5.25 -7.06
N ASP B 388 30.09 -6.30 -6.59
CA ASP B 388 30.06 -7.56 -7.34
C ASP B 388 29.35 -7.37 -8.67
N LYS B 389 29.57 -8.33 -9.57
CA LYS B 389 28.94 -8.28 -10.89
C LYS B 389 27.43 -8.31 -10.75
N SER B 390 26.75 -7.56 -11.61
CA SER B 390 25.30 -7.48 -11.57
C SER B 390 24.70 -8.62 -12.39
N GLU B 391 23.76 -9.35 -11.77
CA GLU B 391 23.06 -10.43 -12.44
C GLU B 391 21.62 -10.07 -12.80
N TYR B 392 21.23 -8.81 -12.60
CA TYR B 392 19.88 -8.35 -12.90
C TYR B 392 19.93 -7.14 -13.81
N ARG B 393 18.87 -6.99 -14.61
CA ARG B 393 18.71 -5.87 -15.52
C ARG B 393 17.39 -5.16 -15.26
N LEU B 394 17.45 -3.84 -15.28
CA LEU B 394 16.29 -2.99 -15.11
C LEU B 394 15.85 -2.45 -16.47
N ILE B 395 14.56 -2.56 -16.76
CA ILE B 395 13.98 -2.01 -17.97
C ILE B 395 13.51 -0.61 -17.64
N TYR B 396 14.28 0.39 -18.06
CA TYR B 396 13.96 1.79 -17.75
C TYR B 396 12.82 2.21 -18.67
N SER B 397 11.59 1.95 -18.21
CA SER B 397 10.41 2.13 -19.05
C SER B 397 10.06 3.60 -19.28
N ASN B 398 10.62 4.51 -18.49
CA ASN B 398 10.33 5.93 -18.69
C ASN B 398 10.84 6.43 -20.04
N ASP B 399 11.74 5.68 -20.68
CA ASP B 399 12.25 6.03 -21.99
C ASP B 399 11.37 5.55 -23.13
N ILE B 400 10.24 4.92 -22.83
CA ILE B 400 9.29 4.51 -23.85
C ILE B 400 8.32 5.66 -24.10
N ASP B 401 8.34 6.19 -25.32
CA ASP B 401 7.52 7.36 -25.64
C ASP B 401 6.09 6.97 -25.95
N ASN B 402 5.89 6.18 -27.00
CA ASN B 402 4.57 5.74 -27.43
C ASN B 402 4.42 4.25 -27.19
N GLU B 403 3.21 3.85 -26.75
CA GLU B 403 2.96 2.44 -26.52
C GLU B 403 2.95 1.65 -27.83
N ASN B 404 2.63 2.31 -28.94
CA ASN B 404 2.60 1.63 -30.24
C ASN B 404 4.00 1.17 -30.65
N THR B 405 5.02 1.99 -30.41
CA THR B 405 6.37 1.67 -30.87
C THR B 405 6.90 0.41 -30.18
N ASN B 406 6.64 0.26 -28.89
CA ASN B 406 7.19 -0.86 -28.12
C ASN B 406 6.08 -1.73 -27.56
N LYS B 407 5.10 -2.08 -28.39
CA LYS B 407 3.97 -2.89 -27.94
C LYS B 407 4.43 -4.25 -27.43
N ARG B 408 5.52 -4.79 -27.98
CA ARG B 408 6.00 -6.11 -27.57
C ARG B 408 6.37 -6.13 -26.10
N ILE B 409 7.22 -5.18 -25.69
CA ILE B 409 7.69 -5.14 -24.31
C ILE B 409 6.54 -4.93 -23.34
N LEU B 410 5.64 -3.99 -23.67
CA LEU B 410 4.52 -3.70 -22.78
C LEU B 410 3.59 -4.90 -22.66
N ASP B 411 3.30 -5.57 -23.78
CA ASP B 411 2.35 -6.67 -23.74
C ASP B 411 2.94 -7.89 -23.02
N GLU B 412 4.20 -8.20 -23.25
CA GLU B 412 4.75 -9.49 -22.84
C GLU B 412 5.61 -9.44 -21.59
N ILE B 413 6.03 -8.25 -21.14
CA ILE B 413 6.87 -8.17 -19.95
C ILE B 413 6.25 -7.27 -18.88
N ILE B 414 6.10 -5.98 -19.21
CA ILE B 414 5.63 -5.03 -18.22
C ILE B 414 4.14 -5.24 -17.91
N GLY B 415 3.33 -5.46 -18.95
CA GLY B 415 1.89 -5.57 -18.78
C GLY B 415 1.44 -6.75 -17.96
N LEU B 416 2.32 -7.73 -17.72
CA LEU B 416 1.95 -8.88 -16.92
C LEU B 416 1.49 -8.50 -15.52
N TYR B 417 1.87 -7.32 -15.03
CA TYR B 417 1.44 -6.81 -13.74
C TYR B 417 0.64 -5.52 -13.89
N LYS B 418 0.06 -5.28 -15.08
CA LYS B 418 -0.53 -3.99 -15.40
C LYS B 418 -1.51 -3.53 -14.33
N THR B 419 -2.42 -4.41 -13.93
CA THR B 419 -3.40 -4.05 -12.90
C THR B 419 -2.71 -3.51 -11.65
N LYS B 420 -1.74 -4.27 -11.12
CA LYS B 420 -1.01 -3.79 -9.96
C LYS B 420 -0.34 -2.46 -10.25
N LEU B 421 0.26 -2.32 -11.44
CA LEU B 421 0.92 -1.07 -11.80
C LEU B 421 -0.08 0.09 -11.79
N GLU B 422 -1.32 -0.17 -12.18
CA GLU B 422 -2.31 0.90 -12.21
C GLU B 422 -2.72 1.34 -10.82
N ASN B 423 -2.42 0.55 -9.79
CA ASN B 423 -2.84 0.87 -8.43
C ASN B 423 -1.87 1.78 -7.69
N ARG B 424 -0.71 2.07 -8.28
CA ARG B 424 0.24 2.98 -7.66
C ARG B 424 -0.32 4.40 -7.63
N ARG B 425 0.09 5.16 -6.61
CA ARG B 425 -0.54 6.45 -6.32
C ARG B 425 -0.43 7.41 -7.49
N GLU B 426 0.74 7.50 -8.11
CA GLU B 426 0.94 8.43 -9.21
C GLU B 426 0.15 8.00 -10.45
N CYS B 427 0.01 6.70 -10.67
CA CYS B 427 -0.83 6.23 -11.77
C CYS B 427 -2.28 6.60 -11.57
N LYS B 428 -2.78 6.42 -10.33
CA LYS B 428 -4.17 6.78 -10.04
C LYS B 428 -4.39 8.29 -10.16
N SER B 429 -3.42 9.09 -9.71
CA SER B 429 -3.53 10.53 -9.83
C SER B 429 -3.36 11.02 -11.26
N GLY B 430 -2.92 10.15 -12.17
CA GLY B 430 -2.82 10.48 -13.58
C GLY B 430 -1.55 11.19 -14.00
N ILE B 431 -0.58 11.37 -13.10
CA ILE B 431 0.66 12.04 -13.44
C ILE B 431 1.76 11.06 -13.81
N ARG B 432 1.43 9.78 -13.94
CA ARG B 432 2.42 8.76 -14.30
C ARG B 432 1.75 7.72 -15.18
N LYS B 433 2.37 7.39 -16.30
CA LYS B 433 1.85 6.35 -17.17
C LYS B 433 1.93 4.99 -16.48
N TRP B 434 1.01 4.10 -16.84
CA TRP B 434 0.87 2.84 -16.12
C TRP B 434 2.13 1.99 -16.23
N TYR B 435 2.86 2.08 -17.34
CA TYR B 435 4.03 1.25 -17.54
C TYR B 435 5.33 1.90 -17.09
N GLU B 436 5.29 3.16 -16.64
CA GLU B 436 6.50 3.85 -16.22
C GLU B 436 6.88 3.45 -14.80
N LEU B 437 8.17 3.65 -14.48
CA LEU B 437 8.64 3.45 -13.12
C LEU B 437 8.03 4.51 -12.20
N GLN B 438 7.69 4.11 -10.98
CA GLN B 438 7.03 5.03 -10.07
C GLN B 438 7.96 6.19 -9.68
N TRP B 439 9.22 5.90 -9.35
CA TRP B 439 10.23 6.92 -9.07
C TRP B 439 11.49 6.55 -9.81
N GLY B 440 11.61 7.03 -11.05
CA GLY B 440 12.75 6.73 -11.88
C GLY B 440 14.00 7.55 -11.62
N ARG B 441 13.93 8.51 -10.71
CA ARG B 441 15.08 9.34 -10.32
C ARG B 441 15.62 10.05 -11.56
N GLU B 442 16.92 10.30 -11.59
CA GLU B 442 17.60 10.89 -12.75
C GLU B 442 18.74 9.96 -13.17
N LYS B 443 18.74 9.57 -14.44
CA LYS B 443 19.75 8.64 -14.93
C LYS B 443 21.15 9.24 -14.88
N LEU B 444 21.26 10.57 -14.96
CA LEU B 444 22.57 11.21 -14.94
C LEU B 444 23.29 10.99 -13.62
N PHE B 445 22.54 10.78 -12.53
CA PHE B 445 23.18 10.52 -11.25
C PHE B 445 23.71 9.09 -11.15
N PHE B 446 23.06 8.14 -11.81
CA PHE B 446 23.45 6.74 -11.71
C PHE B 446 24.54 6.35 -12.70
N GLU B 447 24.46 6.86 -13.93
CA GLU B 447 25.41 6.48 -14.98
C GLU B 447 26.67 7.35 -14.89
N ARG B 448 27.37 7.19 -13.78
CA ARG B 448 28.63 7.88 -13.53
C ARG B 448 29.40 7.10 -12.47
N LYS B 449 30.65 7.49 -12.27
CA LYS B 449 31.44 6.95 -11.17
C LYS B 449 30.93 7.53 -9.86
N LYS B 450 30.53 6.66 -8.93
CA LYS B 450 29.93 7.15 -7.68
C LYS B 450 30.32 6.20 -6.55
N ILE B 451 29.74 6.42 -5.37
CA ILE B 451 29.96 5.55 -4.22
C ILE B 451 28.62 4.99 -3.78
N MET B 452 28.54 3.68 -3.67
CA MET B 452 27.31 2.99 -3.28
C MET B 452 27.52 2.25 -1.98
N TYR B 453 26.44 2.14 -1.20
CA TYR B 453 26.51 1.41 0.05
C TYR B 453 25.15 0.81 0.38
N PRO B 454 25.11 -0.39 0.97
CA PRO B 454 23.82 -1.00 1.32
C PRO B 454 23.11 -0.18 2.39
N TYR B 455 21.78 -0.18 2.30
CA TYR B 455 20.98 0.59 3.24
C TYR B 455 20.92 -0.06 4.61
N LYS B 456 21.27 -1.34 4.71
CA LYS B 456 21.26 -2.06 5.98
C LYS B 456 22.38 -3.08 5.94
N SER B 457 23.37 -2.91 6.81
CA SER B 457 24.49 -3.84 6.85
C SER B 457 25.01 -3.91 8.28
N ASN B 458 25.75 -4.98 8.56
CA ASN B 458 26.38 -5.15 9.86
C ASN B 458 27.63 -4.29 10.02
N GLU B 459 28.14 -3.72 8.94
CA GLU B 459 29.39 -2.97 8.98
C GLU B 459 29.38 -1.93 7.85
N ASN B 460 30.42 -1.11 7.85
CA ASN B 460 30.59 -0.12 6.78
C ASN B 460 31.02 -0.81 5.50
N ARG B 461 30.18 -0.74 4.48
CA ARG B 461 30.50 -1.29 3.16
C ARG B 461 30.25 -0.20 2.12
N PHE B 462 31.25 0.63 1.89
CA PHE B 462 31.20 1.67 0.87
C PHE B 462 32.08 1.26 -0.29
N ALA B 463 31.53 1.29 -1.51
CA ALA B 463 32.23 0.81 -2.69
C ALA B 463 32.18 1.85 -3.80
N ILE B 464 33.21 1.85 -4.63
CA ILE B 464 33.26 2.71 -5.80
C ILE B 464 32.61 1.99 -6.97
N ASP B 465 31.59 2.61 -7.56
CA ASP B 465 30.91 2.07 -8.72
C ASP B 465 31.41 2.77 -9.97
N TYR B 466 32.01 1.99 -10.88
CA TYR B 466 32.41 2.44 -12.19
C TYR B 466 31.41 2.05 -13.27
N ASP B 467 30.63 1.00 -13.06
CA ASP B 467 29.86 0.34 -14.12
C ASP B 467 28.44 0.87 -14.23
N ASN B 468 28.17 2.08 -13.74
CA ASN B 468 26.86 2.72 -13.90
C ASN B 468 25.73 1.82 -13.38
N ASN B 469 25.97 1.19 -12.24
CA ASN B 469 24.97 0.31 -11.66
C ASN B 469 23.76 1.10 -11.16
N PHE B 470 22.58 0.56 -11.43
CA PHE B 470 21.33 1.05 -10.83
C PHE B 470 20.93 0.12 -9.70
N SER B 471 20.13 0.65 -8.78
CA SER B 471 19.75 -0.12 -7.61
C SER B 471 18.37 0.32 -7.13
N SER B 472 17.74 -0.54 -6.34
CA SER B 472 16.50 -0.20 -5.66
C SER B 472 16.86 0.66 -4.44
N ALA B 473 15.87 0.96 -3.61
CA ALA B 473 16.10 1.75 -2.41
C ALA B 473 16.81 0.97 -1.31
N ASP B 474 17.25 -0.26 -1.58
CA ASP B 474 18.09 -1.00 -0.65
C ASP B 474 19.55 -0.61 -0.76
N VAL B 475 19.89 0.29 -1.68
CA VAL B 475 21.26 0.78 -1.87
C VAL B 475 21.19 2.29 -2.01
N TYR B 476 22.07 3.00 -1.31
CA TYR B 476 22.17 4.45 -1.41
C TYR B 476 23.45 4.82 -2.13
N SER B 477 23.42 5.94 -2.86
CA SER B 477 24.58 6.37 -3.62
C SER B 477 24.87 7.82 -3.31
N PHE B 478 26.12 8.22 -3.55
CA PHE B 478 26.48 9.63 -3.55
C PHE B 478 27.68 9.85 -4.46
N PHE B 479 27.78 11.07 -4.96
CA PHE B 479 28.92 11.47 -5.78
C PHE B 479 29.47 12.79 -5.27
N ILE B 480 30.79 12.96 -5.39
CA ILE B 480 31.46 14.13 -4.83
C ILE B 480 31.06 15.37 -5.61
N LYS B 481 30.76 16.45 -4.89
CA LYS B 481 30.36 17.69 -5.51
C LYS B 481 31.46 18.22 -6.42
N GLU B 482 31.06 19.03 -7.40
CA GLU B 482 31.98 19.49 -8.42
C GLU B 482 33.09 20.36 -7.82
N GLU B 483 32.75 21.24 -6.88
CA GLU B 483 33.71 22.16 -6.31
C GLU B 483 34.52 21.55 -5.17
N TYR B 484 34.24 20.31 -4.76
CA TYR B 484 35.04 19.63 -3.75
C TYR B 484 35.91 18.54 -4.35
N LEU B 485 35.98 18.44 -5.68
CA LEU B 485 36.75 17.37 -6.31
C LEU B 485 38.25 17.57 -6.10
N ASP B 486 38.72 18.82 -6.09
CA ASP B 486 40.15 19.06 -5.91
C ASP B 486 40.62 18.74 -4.49
N LYS B 487 39.70 18.71 -3.52
CA LYS B 487 40.06 18.40 -2.14
C LYS B 487 39.92 16.91 -1.82
N PHE B 488 38.80 16.31 -2.21
CA PHE B 488 38.50 14.93 -1.85
C PHE B 488 38.28 14.09 -3.11
N SER B 489 38.86 12.90 -3.12
CA SER B 489 38.69 11.92 -4.17
C SER B 489 37.90 10.73 -3.64
N TYR B 490 37.36 9.94 -4.58
CA TYR B 490 36.57 8.78 -4.18
C TYR B 490 37.43 7.74 -3.46
N GLU B 491 38.68 7.57 -3.89
CA GLU B 491 39.54 6.58 -3.27
C GLU B 491 39.80 6.92 -1.80
N TYR B 492 40.06 8.19 -1.51
CA TYR B 492 40.25 8.62 -0.12
C TYR B 492 38.99 8.39 0.71
N LEU B 493 37.82 8.71 0.13
CA LEU B 493 36.58 8.55 0.87
C LEU B 493 36.30 7.09 1.19
N VAL B 494 36.44 6.20 0.21
CA VAL B 494 36.19 4.79 0.49
C VAL B 494 37.27 4.22 1.40
N GLY B 495 38.49 4.77 1.34
CA GLY B 495 39.53 4.32 2.24
C GLY B 495 39.23 4.64 3.69
N ILE B 496 38.79 5.88 3.96
CA ILE B 496 38.57 6.24 5.36
C ILE B 496 37.21 5.76 5.85
N LEU B 497 36.24 5.58 4.95
CA LEU B 497 34.92 5.12 5.37
C LEU B 497 34.90 3.63 5.67
N ASN B 498 35.72 2.85 4.99
CA ASN B 498 35.79 1.41 5.23
C ASN B 498 36.78 1.04 6.34
N SER B 499 37.43 2.03 6.95
CA SER B 499 38.35 1.75 8.05
C SER B 499 37.58 1.32 9.29
N SER B 500 38.30 0.62 10.18
CA SER B 500 37.71 0.23 11.45
C SER B 500 37.33 1.46 12.27
N VAL B 501 38.14 2.52 12.18
CA VAL B 501 37.88 3.73 12.95
C VAL B 501 36.54 4.32 12.59
N TYR B 502 36.26 4.47 11.30
CA TYR B 502 35.00 5.09 10.90
C TYR B 502 33.83 4.13 11.08
N ASP B 503 34.07 2.82 11.01
CA ASP B 503 33.01 1.87 11.35
C ASP B 503 32.56 2.06 12.79
N LYS B 504 33.51 2.08 13.73
CA LYS B 504 33.17 2.32 15.13
C LYS B 504 32.54 3.70 15.31
N TYR B 505 33.08 4.71 14.62
CA TYR B 505 32.58 6.06 14.75
C TYR B 505 31.13 6.18 14.30
N PHE B 506 30.78 5.53 13.18
CA PHE B 506 29.40 5.58 12.70
C PHE B 506 28.47 4.76 13.59
N LYS B 507 28.95 3.63 14.10
CA LYS B 507 28.08 2.79 14.93
C LYS B 507 27.82 3.39 16.31
N ILE B 508 28.52 4.46 16.69
CA ILE B 508 28.25 5.11 17.96
C ILE B 508 26.82 5.65 18.00
N THR B 509 26.42 6.33 16.93
CA THR B 509 25.11 6.96 16.86
C THR B 509 24.22 6.39 15.77
N ALA B 510 24.59 5.23 15.20
CA ALA B 510 23.77 4.62 14.17
C ALA B 510 22.49 4.06 14.76
N LYS B 511 21.61 3.59 13.89
CA LYS B 511 20.30 3.08 14.26
C LYS B 511 20.33 1.55 14.20
N LYS B 512 20.27 0.91 15.38
CA LYS B 512 20.36 -0.54 15.46
C LYS B 512 19.00 -1.14 15.13
N MET B 513 18.90 -1.85 14.00
CA MET B 513 17.62 -2.33 13.53
C MET B 513 17.31 -3.74 14.04
N SER B 514 18.18 -4.70 13.74
CA SER B 514 17.98 -6.07 14.17
C SER B 514 19.34 -6.63 14.59
N LYS B 515 19.40 -7.95 14.78
CA LYS B 515 20.65 -8.58 15.18
C LYS B 515 21.70 -8.39 14.09
N ASN B 516 22.78 -7.70 14.43
CA ASN B 516 23.89 -7.42 13.51
C ASN B 516 23.41 -6.67 12.26
N ILE B 517 22.54 -5.67 12.45
CA ILE B 517 22.08 -4.83 11.36
C ILE B 517 21.98 -3.39 11.86
N TYR B 518 22.69 -2.48 11.19
CA TYR B 518 22.56 -1.05 11.40
C TYR B 518 21.94 -0.41 10.17
N ASP B 519 21.24 0.70 10.39
CA ASP B 519 20.56 1.42 9.31
C ASP B 519 21.55 2.41 8.69
N TYR B 520 21.97 2.13 7.46
CA TYR B 520 22.87 3.02 6.72
C TYR B 520 22.04 3.87 5.78
N TYR B 521 21.41 4.89 6.35
CA TYR B 521 20.57 5.82 5.60
C TYR B 521 21.23 7.20 5.55
N PRO B 522 20.93 7.99 4.52
CA PRO B 522 21.58 9.32 4.41
C PRO B 522 21.32 10.21 5.60
N ASN B 523 20.21 10.04 6.31
CA ASN B 523 19.93 10.92 7.45
C ASN B 523 20.97 10.77 8.54
N LYS B 524 21.76 9.70 8.52
CA LYS B 524 22.90 9.54 9.41
C LYS B 524 24.22 9.36 8.68
N VAL B 525 24.22 8.73 7.51
CA VAL B 525 25.46 8.56 6.75
C VAL B 525 25.99 9.91 6.29
N MET B 526 25.11 10.80 5.82
CA MET B 526 25.55 12.11 5.36
C MET B 526 26.00 13.01 6.51
N LYS B 527 25.77 12.62 7.76
CA LYS B 527 26.27 13.37 8.90
C LYS B 527 27.64 12.92 9.36
N ILE B 528 28.26 11.96 8.67
CA ILE B 528 29.61 11.54 8.99
C ILE B 528 30.58 12.65 8.65
N ARG B 529 31.46 12.97 9.59
CA ARG B 529 32.43 14.05 9.41
C ARG B 529 33.76 13.49 8.94
N ILE B 530 34.38 14.16 7.97
CA ILE B 530 35.62 13.70 7.35
C ILE B 530 36.65 14.81 7.41
N PHE B 531 37.92 14.41 7.31
CA PHE B 531 39.06 15.30 7.48
C PHE B 531 39.99 15.19 6.29
N ARG B 532 40.95 16.10 6.22
CA ARG B 532 42.04 15.99 5.26
C ARG B 532 43.28 16.64 5.88
N ASP B 533 44.39 15.92 5.85
CA ASP B 533 45.62 16.39 6.48
C ASP B 533 46.81 15.81 5.71
N ASN B 534 47.99 15.84 6.33
CA ASN B 534 49.22 15.41 5.67
C ASN B 534 49.25 13.91 5.39
N ASN B 535 48.34 13.14 5.98
CA ASN B 535 48.24 11.71 5.68
C ASN B 535 47.34 11.41 4.49
N TYR B 536 46.81 12.46 3.84
CA TYR B 536 45.88 12.26 2.73
C TYR B 536 46.50 11.43 1.62
N GLU B 537 47.73 11.77 1.22
CA GLU B 537 48.36 11.10 0.09
C GLU B 537 48.60 9.63 0.38
N GLU B 538 49.11 9.30 1.58
CA GLU B 538 49.42 7.91 1.90
C GLU B 538 48.14 7.09 2.07
N ILE B 539 47.12 7.68 2.68
CA ILE B 539 45.84 6.98 2.83
C ILE B 539 45.24 6.69 1.46
N GLU B 540 45.26 7.68 0.56
CA GLU B 540 44.73 7.48 -0.78
C GLU B 540 45.53 6.44 -1.54
N ASN B 541 46.86 6.44 -1.38
CA ASN B 541 47.68 5.45 -2.06
C ASN B 541 47.38 4.04 -1.55
N LEU B 542 47.19 3.88 -0.24
CA LEU B 542 46.81 2.58 0.30
C LEU B 542 45.45 2.14 -0.23
N SER B 543 44.51 3.08 -0.32
CA SER B 543 43.19 2.75 -0.87
C SER B 543 43.30 2.31 -2.32
N LYS B 544 44.12 2.99 -3.11
CA LYS B 544 44.29 2.61 -4.51
C LYS B 544 44.96 1.24 -4.62
N GLN B 545 45.94 0.96 -3.75
CA GLN B 545 46.54 -0.38 -3.74
C GLN B 545 45.50 -1.45 -3.43
N ILE B 546 44.64 -1.19 -2.45
CA ILE B 546 43.61 -2.15 -2.08
C ILE B 546 42.67 -2.39 -3.26
N ILE B 547 42.23 -1.32 -3.91
CA ILE B 547 41.32 -1.46 -5.05
C ILE B 547 42.00 -2.22 -6.19
N SER B 548 43.29 -1.97 -6.41
CA SER B 548 44.02 -2.70 -7.44
C SER B 548 44.08 -4.19 -7.11
N ILE B 549 44.33 -4.52 -5.85
CA ILE B 549 44.37 -5.93 -5.47
C ILE B 549 43.01 -6.58 -5.65
N LEU B 550 41.94 -5.87 -5.28
CA LEU B 550 40.61 -6.48 -5.33
C LEU B 550 40.14 -6.73 -6.76
N LEU B 551 40.60 -5.92 -7.72
CA LEU B 551 40.24 -6.12 -9.12
C LEU B 551 41.22 -7.02 -9.84
N ASN B 552 42.22 -7.55 -9.15
CA ASN B 552 43.22 -8.39 -9.78
C ASN B 552 42.65 -9.77 -10.10
N LYS B 553 43.37 -10.50 -10.95
CA LYS B 553 42.94 -11.85 -11.33
C LYS B 553 42.95 -12.78 -10.11
N SER B 554 44.02 -12.75 -9.33
CA SER B 554 44.16 -13.53 -8.12
C SER B 554 44.23 -12.58 -6.94
N ILE B 555 43.34 -12.76 -5.97
CA ILE B 555 43.24 -11.87 -4.80
C ILE B 555 43.79 -12.59 -3.59
N ASP B 556 44.73 -11.95 -2.90
CA ASP B 556 45.29 -12.46 -1.65
C ASP B 556 44.79 -11.59 -0.51
N LYS B 557 44.08 -12.20 0.44
CA LYS B 557 43.49 -11.43 1.53
C LYS B 557 44.55 -10.89 2.48
N GLY B 558 45.71 -11.53 2.55
CA GLY B 558 46.73 -11.12 3.50
C GLY B 558 47.27 -9.73 3.23
N LYS B 559 47.58 -9.44 1.96
CA LYS B 559 48.10 -8.13 1.61
C LYS B 559 47.03 -7.05 1.77
N VAL B 560 45.78 -7.38 1.44
CA VAL B 560 44.68 -6.46 1.66
C VAL B 560 44.57 -6.14 3.15
N GLU B 561 44.70 -7.17 3.99
CA GLU B 561 44.63 -6.96 5.44
C GLU B 561 45.77 -6.08 5.93
N LYS B 562 46.98 -6.31 5.42
CA LYS B 562 48.12 -5.48 5.82
C LYS B 562 47.90 -4.02 5.43
N LEU B 563 47.46 -3.78 4.20
CA LEU B 563 47.20 -2.42 3.76
C LEU B 563 46.10 -1.77 4.57
N GLN B 564 45.03 -2.52 4.87
CA GLN B 564 43.92 -1.97 5.66
C GLN B 564 44.37 -1.62 7.07
N ILE B 565 45.19 -2.48 7.69
CA ILE B 565 45.69 -2.19 9.02
C ILE B 565 46.58 -0.95 9.00
N LYS B 566 47.43 -0.82 7.98
CA LYS B 566 48.27 0.36 7.87
C LYS B 566 47.42 1.62 7.74
N MET B 567 46.36 1.56 6.92
CA MET B 567 45.49 2.71 6.77
C MET B 567 44.75 3.02 8.07
N ASP B 568 44.31 1.98 8.79
CA ASP B 568 43.66 2.20 10.08
C ASP B 568 44.59 2.90 11.06
N ASN B 569 45.85 2.47 11.11
CA ASN B 569 46.82 3.12 11.99
C ASN B 569 47.05 4.58 11.56
N LEU B 570 47.12 4.83 10.25
CA LEU B 570 47.28 6.20 9.79
C LEU B 570 46.10 7.06 10.18
N ILE B 571 44.89 6.53 10.08
CA ILE B 571 43.69 7.29 10.43
C ILE B 571 43.65 7.56 11.93
N MET B 572 44.03 6.55 12.73
CA MET B 572 44.10 6.76 14.19
C MET B 572 45.11 7.83 14.53
N ASP B 573 46.27 7.82 13.87
CA ASP B 573 47.27 8.87 14.08
C ASP B 573 46.72 10.23 13.68
N SER B 574 45.98 10.29 12.57
CA SER B 574 45.41 11.56 12.12
C SER B 574 44.41 12.11 13.11
N LEU B 575 43.52 11.26 13.62
CA LEU B 575 42.44 11.70 14.49
C LEU B 575 42.84 11.79 15.95
N GLY B 576 44.07 11.38 16.30
CA GLY B 576 44.55 11.49 17.67
C GLY B 576 43.78 10.64 18.66
N ILE B 577 43.52 9.39 18.31
CA ILE B 577 42.80 8.46 19.19
C ILE B 577 43.64 7.23 19.46
N GLY C 28 -9.16 -48.21 -9.98
CA GLY C 28 -9.90 -48.15 -8.74
C GLY C 28 -11.35 -47.71 -8.91
N ILE C 29 -12.18 -48.62 -9.41
CA ILE C 29 -13.61 -48.38 -9.59
C ILE C 29 -14.36 -49.19 -8.55
N TYR C 30 -15.17 -48.52 -7.75
CA TYR C 30 -15.90 -49.14 -6.65
C TYR C 30 -17.39 -49.13 -6.94
N TYR C 31 -18.03 -50.28 -6.75
CA TYR C 31 -19.44 -50.45 -7.09
C TYR C 31 -20.31 -49.92 -5.95
N THR C 32 -21.19 -48.96 -6.28
CA THR C 32 -22.15 -48.38 -5.34
C THR C 32 -23.40 -49.25 -5.29
N PRO C 33 -23.91 -49.58 -4.10
CA PRO C 33 -25.10 -50.44 -4.01
C PRO C 33 -26.29 -49.86 -4.74
N LYS C 34 -27.13 -50.75 -5.29
CA LYS C 34 -28.27 -50.33 -6.09
C LYS C 34 -29.27 -49.52 -5.27
N ILE C 35 -29.49 -49.91 -4.02
CA ILE C 35 -30.44 -49.21 -3.16
C ILE C 35 -30.01 -47.76 -2.95
N ILE C 36 -28.71 -47.54 -2.72
CA ILE C 36 -28.21 -46.19 -2.54
C ILE C 36 -28.41 -45.36 -3.80
N VAL C 37 -28.10 -45.94 -4.96
CA VAL C 37 -28.25 -45.23 -6.23
C VAL C 37 -29.71 -44.84 -6.45
N ASP C 38 -30.62 -45.78 -6.24
CA ASP C 38 -32.05 -45.50 -6.42
C ASP C 38 -32.51 -44.41 -5.46
N TYR C 39 -32.08 -44.48 -4.19
CA TYR C 39 -32.49 -43.46 -3.23
C TYR C 39 -31.96 -42.09 -3.61
N ILE C 40 -30.70 -42.01 -4.07
CA ILE C 40 -30.13 -40.73 -4.45
C ILE C 40 -30.85 -40.14 -5.66
N VAL C 41 -31.14 -40.98 -6.66
CA VAL C 41 -31.87 -40.50 -7.83
C VAL C 41 -33.26 -40.03 -7.44
N LYS C 42 -33.95 -40.80 -6.57
CA LYS C 42 -35.27 -40.40 -6.10
C LYS C 42 -35.23 -39.07 -5.36
N LYS C 43 -34.21 -38.88 -4.52
CA LYS C 43 -34.10 -37.63 -3.77
C LYS C 43 -33.84 -36.46 -4.70
N THR C 44 -33.02 -36.65 -5.74
CA THR C 44 -32.72 -35.54 -6.64
C THR C 44 -33.91 -35.20 -7.52
N LEU C 45 -34.60 -36.20 -8.07
CA LEU C 45 -35.65 -35.98 -9.05
C LEU C 45 -37.04 -36.18 -8.47
N LYS C 46 -37.22 -35.92 -7.18
CA LYS C 46 -38.50 -36.18 -6.53
C LYS C 46 -39.59 -35.25 -7.04
N ASN C 47 -39.30 -33.95 -7.11
CA ASN C 47 -40.32 -32.93 -7.36
C ASN C 47 -39.93 -32.06 -8.55
N HIS C 48 -39.55 -32.69 -9.65
CA HIS C 48 -39.26 -31.98 -10.88
C HIS C 48 -40.52 -31.84 -11.71
N ASP C 49 -40.80 -30.61 -12.16
CA ASP C 49 -41.94 -30.34 -13.03
C ASP C 49 -41.52 -30.61 -14.46
N ILE C 50 -42.00 -31.72 -15.02
CA ILE C 50 -41.54 -32.14 -16.35
C ILE C 50 -42.04 -31.18 -17.43
N ILE C 51 -43.27 -30.67 -17.28
CA ILE C 51 -43.81 -29.75 -18.27
C ILE C 51 -43.10 -28.40 -18.21
N LYS C 52 -42.84 -27.91 -16.99
CA LYS C 52 -42.22 -26.59 -16.84
C LYS C 52 -40.81 -26.58 -17.43
N ASN C 53 -40.03 -27.63 -17.20
CA ASN C 53 -38.66 -27.73 -17.69
C ASN C 53 -38.49 -29.06 -18.42
N PRO C 54 -38.90 -29.12 -19.69
CA PRO C 54 -38.68 -30.34 -20.48
C PRO C 54 -37.25 -30.54 -20.94
N TYR C 55 -36.32 -29.64 -20.58
CA TYR C 55 -34.92 -29.73 -20.96
C TYR C 55 -34.06 -29.71 -19.70
N PRO C 56 -34.04 -30.80 -18.93
CA PRO C 56 -33.21 -30.84 -17.74
C PRO C 56 -31.83 -31.42 -18.02
N ARG C 57 -30.87 -31.00 -17.19
CA ARG C 57 -29.51 -31.51 -17.27
C ARG C 57 -29.16 -32.19 -15.94
N ILE C 58 -28.75 -33.45 -16.03
CA ILE C 58 -28.34 -34.23 -14.87
C ILE C 58 -26.89 -34.66 -15.08
N LEU C 59 -26.07 -34.46 -14.06
CA LEU C 59 -24.63 -34.65 -14.17
C LEU C 59 -24.16 -35.73 -13.19
N ASP C 60 -23.25 -36.58 -13.66
CA ASP C 60 -22.57 -37.56 -12.81
C ASP C 60 -21.08 -37.35 -12.97
N ILE C 61 -20.44 -36.78 -11.94
CA ILE C 61 -19.04 -36.38 -12.05
C ILE C 61 -18.09 -37.57 -11.85
N SER C 62 -18.54 -38.65 -11.22
CA SER C 62 -17.73 -39.84 -10.97
C SER C 62 -18.50 -41.08 -11.40
N CYS C 63 -19.02 -41.05 -12.62
CA CYS C 63 -19.91 -42.12 -13.08
C CYS C 63 -19.19 -43.46 -13.15
N GLY C 64 -17.95 -43.48 -13.63
CA GLY C 64 -17.27 -44.74 -13.81
C GLY C 64 -17.99 -45.58 -14.85
N CYS C 65 -18.41 -46.79 -14.46
CA CYS C 65 -19.27 -47.59 -15.33
C CYS C 65 -20.65 -46.99 -15.52
N GLY C 66 -21.02 -46.01 -14.70
CA GLY C 66 -22.29 -45.34 -14.85
C GLY C 66 -23.39 -45.96 -14.00
N ASN C 67 -23.10 -46.23 -12.73
CA ASN C 67 -24.10 -46.81 -11.84
C ASN C 67 -25.30 -45.88 -11.70
N PHE C 68 -25.05 -44.59 -11.50
CA PHE C 68 -26.15 -43.63 -11.32
C PHE C 68 -26.82 -43.27 -12.64
N LEU C 69 -26.06 -43.20 -13.73
CA LEU C 69 -26.60 -42.70 -14.99
C LEU C 69 -27.63 -43.64 -15.61
N LEU C 70 -27.46 -44.96 -15.43
CA LEU C 70 -28.45 -45.89 -15.97
C LEU C 70 -29.80 -45.72 -15.27
N GLU C 71 -29.79 -45.59 -13.94
CA GLU C 71 -31.04 -45.35 -13.22
C GLU C 71 -31.61 -43.96 -13.54
N VAL C 72 -30.74 -42.99 -13.76
CA VAL C 72 -31.21 -41.68 -14.21
C VAL C 72 -31.93 -41.79 -15.54
N TYR C 73 -31.36 -42.58 -16.47
CA TYR C 73 -32.00 -42.80 -17.76
C TYR C 73 -33.35 -43.50 -17.60
N ASP C 74 -33.42 -44.50 -16.72
CA ASP C 74 -34.68 -45.21 -16.50
C ASP C 74 -35.76 -44.26 -15.95
N ILE C 75 -35.40 -43.47 -14.93
CA ILE C 75 -36.36 -42.56 -14.33
C ILE C 75 -36.79 -41.50 -15.34
N LEU C 76 -35.84 -40.96 -16.11
CA LEU C 76 -36.19 -39.98 -17.12
C LEU C 76 -37.11 -40.55 -18.18
N TYR C 77 -36.84 -41.78 -18.63
CA TYR C 77 -37.70 -42.43 -19.62
C TYR C 77 -39.10 -42.62 -19.09
N ASP C 78 -39.22 -43.10 -17.84
CA ASP C 78 -40.55 -43.29 -17.25
C ASP C 78 -41.29 -41.96 -17.11
N LEU C 79 -40.60 -40.92 -16.65
CA LEU C 79 -41.25 -39.63 -16.46
C LEU C 79 -41.67 -39.01 -17.79
N PHE C 80 -40.83 -39.14 -18.83
CA PHE C 80 -41.20 -38.63 -20.14
C PHE C 80 -42.38 -39.38 -20.73
N GLU C 81 -42.40 -40.70 -20.59
CA GLU C 81 -43.50 -41.48 -21.14
C GLU C 81 -44.79 -41.30 -20.33
N GLU C 82 -44.69 -40.89 -19.06
CA GLU C 82 -45.87 -40.71 -18.22
C GLU C 82 -46.72 -39.50 -18.62
N ASN C 83 -46.20 -38.62 -19.46
CA ASN C 83 -46.88 -37.37 -19.80
C ASN C 83 -47.09 -37.26 -21.30
N ILE C 84 -48.26 -36.72 -21.69
CA ILE C 84 -48.58 -36.47 -23.09
C ILE C 84 -48.87 -35.00 -23.36
N TYR C 85 -48.92 -34.15 -22.32
CA TYR C 85 -49.31 -32.76 -22.52
C TYR C 85 -48.22 -31.95 -23.22
N GLU C 86 -46.95 -32.29 -23.03
CA GLU C 86 -45.88 -31.52 -23.64
C GLU C 86 -45.96 -31.58 -25.16
N LEU C 87 -46.21 -32.78 -25.71
CA LEU C 87 -46.43 -32.88 -27.15
C LEU C 87 -47.77 -32.30 -27.55
N LYS C 88 -48.77 -32.39 -26.68
CA LYS C 88 -50.10 -31.88 -27.01
C LYS C 88 -50.14 -30.36 -26.99
N LYS C 89 -49.54 -29.74 -25.96
CA LYS C 89 -49.68 -28.31 -25.74
C LYS C 89 -48.38 -27.55 -25.86
N LYS C 90 -47.32 -27.97 -25.15
CA LYS C 90 -46.12 -27.15 -25.04
C LYS C 90 -45.36 -27.10 -26.37
N TYR C 91 -44.87 -28.24 -26.84
CA TYR C 91 -44.04 -28.31 -28.04
C TYR C 91 -44.83 -28.90 -29.20
N ASP C 92 -44.14 -29.08 -30.31
CA ASP C 92 -44.75 -29.69 -31.49
C ASP C 92 -45.09 -31.15 -31.22
N GLU C 93 -46.20 -31.59 -31.83
CA GLU C 93 -46.61 -32.98 -31.68
C GLU C 93 -45.58 -33.93 -32.27
N ASN C 94 -45.03 -33.60 -33.44
CA ASN C 94 -44.03 -34.45 -34.07
C ASN C 94 -42.67 -34.33 -33.39
N TYR C 95 -42.33 -33.14 -32.91
CA TYR C 95 -41.04 -32.95 -32.25
C TYR C 95 -40.93 -33.79 -30.98
N TRP C 96 -41.99 -33.81 -30.18
CA TRP C 96 -42.04 -34.60 -28.95
C TRP C 96 -42.74 -35.92 -29.29
N THR C 97 -41.95 -36.92 -29.68
CA THR C 97 -42.45 -38.24 -30.02
C THR C 97 -41.60 -39.30 -29.34
N VAL C 98 -42.14 -40.51 -29.28
CA VAL C 98 -41.43 -41.61 -28.63
C VAL C 98 -40.17 -41.96 -29.38
N ASP C 99 -40.19 -41.85 -30.71
CA ASP C 99 -39.00 -42.15 -31.51
C ASP C 99 -37.86 -41.20 -31.18
N ASN C 100 -38.17 -39.91 -31.01
CA ASN C 100 -37.16 -38.91 -30.69
C ASN C 100 -36.91 -38.77 -29.19
N ILE C 101 -37.64 -39.51 -28.35
CA ILE C 101 -37.46 -39.41 -26.91
C ILE C 101 -36.09 -39.91 -26.50
N HIS C 102 -35.66 -41.04 -27.09
CA HIS C 102 -34.33 -41.58 -26.77
C HIS C 102 -33.23 -40.60 -27.17
N ARG C 103 -33.35 -40.00 -28.36
CA ARG C 103 -32.38 -39.01 -28.80
C ARG C 103 -32.36 -37.80 -27.88
N HIS C 104 -33.55 -37.33 -27.47
CA HIS C 104 -33.62 -36.20 -26.55
C HIS C 104 -32.93 -36.50 -25.24
N ILE C 105 -33.20 -37.68 -24.66
CA ILE C 105 -32.62 -38.04 -23.38
C ILE C 105 -31.10 -38.18 -23.50
N LEU C 106 -30.62 -38.79 -24.59
CA LEU C 106 -29.19 -39.06 -24.73
C LEU C 106 -28.40 -37.89 -25.30
N ASN C 107 -29.06 -36.83 -25.78
CA ASN C 107 -28.35 -35.68 -26.31
C ASN C 107 -28.65 -34.37 -25.59
N TYR C 108 -29.54 -34.37 -24.59
CA TYR C 108 -29.85 -33.16 -23.86
C TYR C 108 -29.87 -33.31 -22.33
N CYS C 109 -30.04 -34.52 -21.80
CA CYS C 109 -30.24 -34.72 -20.37
C CYS C 109 -29.02 -35.29 -19.67
N ILE C 110 -28.51 -36.44 -20.12
CA ILE C 110 -27.50 -37.17 -19.37
C ILE C 110 -26.12 -36.63 -19.69
N TYR C 111 -25.37 -36.29 -18.64
CA TYR C 111 -23.98 -35.88 -18.74
C TYR C 111 -23.15 -36.62 -17.70
N GLY C 112 -22.00 -37.12 -18.13
CA GLY C 112 -21.12 -37.86 -17.23
C GLY C 112 -19.67 -37.59 -17.56
N ALA C 113 -18.83 -37.64 -16.52
CA ALA C 113 -17.40 -37.39 -16.65
C ALA C 113 -16.62 -38.45 -15.89
N ASP C 114 -15.49 -38.85 -16.44
CA ASP C 114 -14.62 -39.84 -15.80
C ASP C 114 -13.21 -39.68 -16.36
N ILE C 115 -12.24 -40.11 -15.56
CA ILE C 115 -10.83 -40.07 -15.95
C ILE C 115 -10.36 -41.42 -16.48
N ASP C 116 -11.27 -42.37 -16.68
CA ASP C 116 -10.94 -43.70 -17.18
C ASP C 116 -11.54 -43.87 -18.57
N GLU C 117 -10.70 -44.26 -19.54
CA GLU C 117 -11.19 -44.47 -20.90
C GLU C 117 -12.06 -45.71 -21.00
N LYS C 118 -11.66 -46.81 -20.35
CA LYS C 118 -12.42 -48.05 -20.44
C LYS C 118 -13.80 -47.91 -19.82
N ALA C 119 -13.90 -47.23 -18.67
CA ALA C 119 -15.19 -47.04 -18.04
C ALA C 119 -16.12 -46.19 -18.90
N ILE C 120 -15.57 -45.13 -19.52
CA ILE C 120 -16.36 -44.30 -20.41
C ILE C 120 -16.84 -45.10 -21.61
N SER C 121 -15.96 -45.92 -22.18
CA SER C 121 -16.36 -46.76 -23.31
C SER C 121 -17.46 -47.74 -22.90
N ILE C 122 -17.34 -48.35 -21.72
CA ILE C 122 -18.36 -49.28 -21.25
C ILE C 122 -19.69 -48.56 -21.06
N LEU C 123 -19.65 -47.36 -20.48
CA LEU C 123 -20.88 -46.60 -20.27
C LEU C 123 -21.52 -46.20 -21.59
N LYS C 124 -20.71 -45.80 -22.58
CA LYS C 124 -21.25 -45.47 -23.89
C LYS C 124 -21.88 -46.68 -24.55
N ASP C 125 -21.22 -47.85 -24.44
CA ASP C 125 -21.79 -49.07 -25.01
C ASP C 125 -23.10 -49.43 -24.33
N SER C 126 -23.18 -49.27 -23.00
CA SER C 126 -24.40 -49.58 -22.28
C SER C 126 -25.53 -48.63 -22.65
N LEU C 127 -25.25 -47.33 -22.74
CA LEU C 127 -26.29 -46.37 -23.08
C LEU C 127 -26.71 -46.48 -24.53
N THR C 128 -25.83 -46.98 -25.41
CA THR C 128 -26.23 -47.20 -26.79
C THR C 128 -27.26 -48.31 -26.92
N ASN C 129 -27.19 -49.33 -26.05
CA ASN C 129 -28.08 -50.47 -26.10
C ASN C 129 -29.30 -50.32 -25.20
N LYS C 130 -29.47 -49.17 -24.55
CA LYS C 130 -30.62 -48.96 -23.68
C LYS C 130 -31.75 -48.25 -24.42
N ASN C 144 -23.00 -38.43 -25.42
CA ASN C 144 -22.99 -37.08 -24.85
C ASN C 144 -22.40 -37.10 -23.44
N LEU C 145 -21.10 -37.40 -23.35
CA LEU C 145 -20.42 -37.44 -22.06
C LEU C 145 -18.95 -37.15 -22.28
N PHE C 146 -18.43 -36.13 -21.59
CA PHE C 146 -17.03 -35.75 -21.71
C PHE C 146 -16.17 -36.63 -20.80
N CYS C 147 -15.01 -37.03 -21.31
CA CYS C 147 -14.04 -37.81 -20.55
C CYS C 147 -12.82 -36.94 -20.29
N CYS C 148 -12.73 -36.40 -19.08
CA CYS C 148 -11.65 -35.50 -18.71
C CYS C 148 -11.54 -35.43 -17.20
N ASP C 149 -10.48 -34.77 -16.74
CA ASP C 149 -10.34 -34.50 -15.31
C ASP C 149 -11.45 -33.56 -14.86
N SER C 150 -12.25 -34.01 -13.89
CA SER C 150 -13.42 -33.26 -13.48
C SER C 150 -13.07 -32.03 -12.65
N LEU C 151 -11.98 -32.08 -11.90
CA LEU C 151 -11.60 -30.95 -11.05
C LEU C 151 -10.83 -29.87 -11.80
N LYS C 152 -10.57 -30.06 -13.09
CA LYS C 152 -9.85 -29.08 -13.90
C LYS C 152 -10.56 -28.83 -15.23
N LYS C 153 -11.89 -28.97 -15.25
CA LYS C 153 -12.68 -28.79 -16.47
C LYS C 153 -13.80 -27.80 -16.19
N LYS C 154 -13.70 -26.62 -16.81
CA LYS C 154 -14.73 -25.60 -16.69
C LYS C 154 -15.81 -25.81 -17.74
N TRP C 155 -17.07 -25.63 -17.34
CA TRP C 155 -18.21 -25.84 -18.22
C TRP C 155 -18.93 -24.52 -18.45
N ARG C 156 -19.40 -24.31 -19.67
CA ARG C 156 -20.04 -23.05 -20.04
C ARG C 156 -21.43 -22.92 -19.42
N TYR C 157 -22.08 -24.04 -19.12
CA TYR C 157 -23.40 -24.03 -18.51
C TYR C 157 -23.43 -24.93 -17.29
N LYS C 158 -24.25 -24.56 -16.31
CA LYS C 158 -24.36 -25.30 -15.06
C LYS C 158 -25.29 -26.49 -15.24
N PHE C 159 -25.63 -27.16 -14.13
CA PHE C 159 -26.44 -28.35 -14.15
C PHE C 159 -27.53 -28.27 -13.10
N ASP C 160 -28.72 -28.79 -13.43
CA ASP C 160 -29.83 -28.75 -12.48
C ASP C 160 -29.62 -29.76 -11.34
N TYR C 161 -29.23 -30.98 -11.68
CA TYR C 161 -29.10 -32.05 -10.69
C TYR C 161 -27.73 -32.70 -10.81
N ILE C 162 -27.14 -33.03 -9.66
CA ILE C 162 -25.84 -33.68 -9.60
C ILE C 162 -25.93 -34.89 -8.70
N VAL C 163 -25.53 -36.05 -9.20
CA VAL C 163 -25.50 -37.30 -8.44
C VAL C 163 -24.18 -38.00 -8.72
N GLY C 164 -23.83 -38.93 -7.86
CA GLY C 164 -22.66 -39.77 -8.09
C GLY C 164 -21.98 -40.14 -6.79
N ASN C 165 -20.86 -40.85 -6.94
CA ASN C 165 -20.05 -41.34 -5.83
C ASN C 165 -18.60 -40.91 -6.09
N PRO C 166 -18.18 -39.77 -5.56
CA PRO C 166 -16.84 -39.24 -5.87
C PRO C 166 -15.75 -40.12 -5.29
N PRO C 167 -14.54 -40.04 -5.83
CA PRO C 167 -13.44 -40.85 -5.29
C PRO C 167 -13.02 -40.38 -3.91
N TYR C 168 -12.56 -41.34 -3.10
CA TYR C 168 -12.03 -41.08 -1.76
C TYR C 168 -10.53 -41.35 -1.81
N ILE C 169 -9.72 -40.29 -1.79
CA ILE C 169 -8.27 -40.42 -1.82
C ILE C 169 -7.69 -39.63 -0.66
N GLY C 170 -7.04 -40.32 0.27
CA GLY C 170 -6.43 -39.68 1.42
C GLY C 170 -5.13 -38.99 1.07
N HIS C 171 -4.51 -38.40 2.09
CA HIS C 171 -3.27 -37.67 1.90
C HIS C 171 -2.07 -38.56 1.69
N LYS C 172 -2.22 -39.89 1.86
CA LYS C 172 -1.13 -40.81 1.63
C LYS C 172 -1.11 -41.39 0.22
N LYS C 173 -2.29 -41.59 -0.38
CA LYS C 173 -2.39 -42.22 -1.69
C LYS C 173 -2.55 -41.20 -2.82
N LEU C 174 -2.43 -39.91 -2.53
CA LEU C 174 -2.63 -38.86 -3.51
C LEU C 174 -1.28 -38.35 -4.02
N GLU C 175 -1.17 -38.20 -5.33
CA GLU C 175 0.07 -37.69 -5.92
C GLU C 175 0.34 -36.27 -5.44
N LYS C 176 1.61 -35.97 -5.18
CA LYS C 176 1.96 -34.69 -4.56
C LYS C 176 1.83 -33.52 -5.54
N LYS C 177 2.10 -33.75 -6.83
CA LYS C 177 1.87 -32.71 -7.82
C LYS C 177 0.38 -32.36 -7.92
N TYR C 178 -0.47 -33.39 -7.93
CA TYR C 178 -1.91 -33.13 -7.90
C TYR C 178 -2.32 -32.45 -6.61
N LYS C 179 -1.64 -32.76 -5.50
CA LYS C 179 -1.92 -32.07 -4.24
C LYS C 179 -1.55 -30.59 -4.34
N LYS C 180 -0.45 -30.27 -5.03
CA LYS C 180 -0.10 -28.88 -5.26
C LYS C 180 -1.16 -28.18 -6.10
N PHE C 181 -1.65 -28.86 -7.14
CA PHE C 181 -2.73 -28.29 -7.94
C PHE C 181 -3.98 -28.04 -7.09
N LEU C 182 -4.33 -29.00 -6.23
CA LEU C 182 -5.50 -28.85 -5.38
C LEU C 182 -5.34 -27.68 -4.40
N LEU C 183 -4.14 -27.54 -3.82
CA LEU C 183 -3.90 -26.41 -2.93
C LEU C 183 -3.95 -25.09 -3.68
N GLU C 184 -3.54 -25.08 -4.96
CA GLU C 184 -3.61 -23.85 -5.75
C GLU C 184 -5.05 -23.47 -6.06
N LYS C 185 -5.85 -24.43 -6.54
CA LYS C 185 -7.17 -24.11 -7.08
C LYS C 185 -8.32 -24.42 -6.13
N TYR C 186 -8.10 -25.20 -5.08
CA TYR C 186 -9.15 -25.56 -4.15
C TYR C 186 -8.71 -25.28 -2.71
N SER C 187 -8.00 -24.17 -2.51
CA SER C 187 -7.48 -23.80 -1.20
C SER C 187 -8.58 -23.46 -0.21
N GLU C 188 -9.81 -23.24 -0.68
CA GLU C 188 -10.88 -22.88 0.23
C GLU C 188 -11.38 -24.06 1.07
N VAL C 189 -11.17 -25.30 0.62
CA VAL C 189 -11.69 -26.45 1.35
C VAL C 189 -10.61 -27.52 1.53
N TYR C 190 -9.52 -27.42 0.77
CA TYR C 190 -8.48 -28.44 0.78
C TYR C 190 -7.19 -27.85 1.36
N LYS C 191 -6.68 -28.48 2.40
CA LYS C 191 -5.41 -28.12 3.03
C LYS C 191 -5.04 -29.20 4.03
N ASP C 192 -3.74 -29.31 4.31
CA ASP C 192 -3.20 -30.20 5.33
C ASP C 192 -3.59 -31.63 4.99
N LYS C 193 -4.35 -32.33 5.84
CA LYS C 193 -4.71 -33.72 5.63
C LYS C 193 -6.09 -33.88 4.99
N ALA C 194 -6.47 -32.94 4.13
CA ALA C 194 -7.79 -32.98 3.51
C ALA C 194 -7.88 -34.12 2.49
N ASP C 195 -9.07 -34.29 1.93
CA ASP C 195 -9.36 -35.40 1.03
C ASP C 195 -9.84 -34.87 -0.31
N LEU C 196 -9.76 -35.73 -1.33
CA LEU C 196 -10.15 -35.36 -2.68
C LEU C 196 -11.66 -35.08 -2.77
N TYR C 197 -12.48 -35.81 -2.00
CA TYR C 197 -13.91 -35.59 -2.09
C TYR C 197 -14.31 -34.25 -1.49
N PHE C 198 -13.45 -33.60 -0.70
CA PHE C 198 -13.70 -32.21 -0.34
C PHE C 198 -13.74 -31.33 -1.59
N CYS C 199 -12.73 -31.48 -2.45
CA CYS C 199 -12.69 -30.73 -3.70
C CYS C 199 -13.83 -31.14 -4.62
N PHE C 200 -14.22 -32.41 -4.61
CA PHE C 200 -15.39 -32.82 -5.41
C PHE C 200 -16.67 -32.17 -4.89
N TYR C 201 -16.82 -32.06 -3.57
CA TYR C 201 -17.95 -31.32 -3.00
C TYR C 201 -17.95 -29.87 -3.48
N LYS C 202 -16.78 -29.22 -3.42
CA LYS C 202 -16.71 -27.83 -3.85
C LYS C 202 -17.07 -27.69 -5.33
N LYS C 203 -16.56 -28.59 -6.17
CA LYS C 203 -16.88 -28.54 -7.59
C LYS C 203 -18.37 -28.75 -7.83
N ILE C 204 -18.98 -29.70 -7.12
CA ILE C 204 -20.40 -29.95 -7.28
C ILE C 204 -21.22 -28.72 -6.87
N ILE C 205 -20.84 -28.08 -5.76
CA ILE C 205 -21.57 -26.90 -5.31
C ILE C 205 -21.43 -25.76 -6.30
N ASP C 206 -20.21 -25.55 -6.81
CA ASP C 206 -19.96 -24.40 -7.68
C ASP C 206 -20.72 -24.48 -8.99
N ILE C 207 -20.74 -25.64 -9.64
CA ILE C 207 -21.35 -25.76 -10.96
C ILE C 207 -22.80 -26.21 -10.81
N LEU C 208 -23.34 -26.13 -9.60
CA LEU C 208 -24.75 -26.42 -9.37
C LEU C 208 -25.56 -25.18 -9.73
N LYS C 209 -26.52 -25.35 -10.64
CA LYS C 209 -27.35 -24.23 -11.06
C LYS C 209 -28.16 -23.70 -9.89
N GLN C 210 -28.36 -22.38 -9.87
CA GLN C 210 -29.11 -21.75 -8.79
C GLN C 210 -30.53 -22.27 -8.76
N GLY C 211 -30.89 -22.93 -7.66
CA GLY C 211 -32.18 -23.59 -7.54
C GLY C 211 -32.17 -25.08 -7.77
N GLY C 212 -31.01 -25.66 -8.09
CA GLY C 212 -30.91 -27.09 -8.31
C GLY C 212 -30.74 -27.89 -7.04
N ILE C 213 -30.71 -29.20 -7.19
CA ILE C 213 -30.58 -30.14 -6.09
C ILE C 213 -29.43 -31.08 -6.36
N GLY C 214 -28.55 -31.24 -5.38
CA GLY C 214 -27.45 -32.19 -5.47
C GLY C 214 -27.59 -33.25 -4.39
N SER C 215 -27.19 -34.48 -4.73
CA SER C 215 -27.25 -35.59 -3.78
C SER C 215 -26.08 -36.52 -4.04
N VAL C 216 -25.29 -36.78 -2.99
CA VAL C 216 -24.08 -37.58 -3.13
C VAL C 216 -23.93 -38.51 -1.93
N ILE C 217 -23.07 -39.50 -2.08
CA ILE C 217 -22.64 -40.38 -0.99
C ILE C 217 -21.14 -40.28 -0.85
N THR C 218 -20.68 -39.97 0.36
CA THR C 218 -19.27 -39.71 0.64
C THR C 218 -18.87 -40.35 1.95
N PRO C 219 -17.60 -40.32 2.35
CA PRO C 219 -17.27 -40.73 3.73
C PRO C 219 -17.89 -39.78 4.74
N ARG C 220 -18.25 -40.33 5.88
CA ARG C 220 -18.92 -39.56 6.93
C ARG C 220 -17.95 -38.78 7.81
N TYR C 221 -16.64 -38.91 7.59
CA TYR C 221 -15.67 -38.38 8.55
C TYR C 221 -15.61 -36.86 8.53
N PHE C 222 -15.90 -36.23 7.39
CA PHE C 222 -15.83 -34.77 7.30
C PHE C 222 -16.88 -34.07 8.16
N LEU C 223 -17.89 -34.80 8.64
CA LEU C 223 -18.87 -34.20 9.54
C LEU C 223 -18.24 -33.76 10.84
N GLU C 224 -17.28 -34.56 11.36
CA GLU C 224 -16.68 -34.31 12.65
C GLU C 224 -15.18 -34.05 12.62
N SER C 225 -14.50 -34.40 11.53
CA SER C 225 -13.05 -34.34 11.51
C SER C 225 -12.55 -32.91 11.50
N LEU C 226 -11.29 -32.75 11.93
CA LEU C 226 -10.66 -31.43 11.90
C LEU C 226 -10.43 -30.95 10.48
N SER C 227 -10.13 -31.86 9.56
CA SER C 227 -9.85 -31.49 8.17
C SER C 227 -11.09 -30.92 7.49
N GLY C 228 -12.28 -31.30 7.94
CA GLY C 228 -13.51 -30.89 7.29
C GLY C 228 -14.07 -29.56 7.74
N LYS C 229 -13.36 -28.81 8.58
CA LYS C 229 -13.89 -27.55 9.09
C LYS C 229 -14.15 -26.55 7.96
N ASP C 230 -13.17 -26.39 7.05
CA ASP C 230 -13.35 -25.48 5.93
C ASP C 230 -14.45 -25.96 5.00
N LEU C 231 -14.51 -27.28 4.75
CA LEU C 231 -15.57 -27.82 3.91
C LEU C 231 -16.94 -27.61 4.55
N ARG C 232 -17.04 -27.80 5.87
CA ARG C 232 -18.30 -27.56 6.56
C ARG C 232 -18.72 -26.11 6.45
N GLU C 233 -17.77 -25.18 6.62
CA GLU C 233 -18.10 -23.77 6.46
C GLU C 233 -18.57 -23.46 5.05
N TYR C 234 -17.89 -24.04 4.04
CA TYR C 234 -18.27 -23.81 2.65
C TYR C 234 -19.68 -24.31 2.38
N ILE C 235 -19.99 -25.53 2.84
CA ILE C 235 -21.32 -26.11 2.64
C ILE C 235 -22.38 -25.27 3.34
N LYS C 236 -22.11 -24.86 4.58
CA LYS C 236 -23.09 -24.07 5.33
C LYS C 236 -23.35 -22.73 4.66
N SER C 237 -22.31 -22.06 4.17
CA SER C 237 -22.44 -20.72 3.63
C SER C 237 -22.80 -20.69 2.15
N ASN C 238 -22.81 -21.82 1.46
CA ASN C 238 -23.11 -21.83 0.03
C ASN C 238 -24.48 -22.39 -0.30
N VAL C 239 -24.86 -23.54 0.26
CA VAL C 239 -26.10 -24.21 -0.12
C VAL C 239 -26.91 -24.53 1.12
N ASN C 240 -28.21 -24.73 0.92
CA ASN C 240 -29.11 -25.22 1.96
C ASN C 240 -29.05 -26.74 1.99
N VAL C 241 -28.94 -27.31 3.18
CA VAL C 241 -28.83 -28.75 3.36
C VAL C 241 -30.22 -29.31 3.59
N GLN C 242 -30.65 -30.24 2.73
CA GLN C 242 -31.97 -30.83 2.86
C GLN C 242 -31.94 -32.02 3.82
N GLU C 243 -31.11 -33.01 3.54
CA GLU C 243 -31.13 -34.25 4.30
C GLU C 243 -29.74 -34.83 4.47
N ILE C 244 -29.49 -35.40 5.64
CA ILE C 244 -28.27 -36.14 5.95
C ILE C 244 -28.67 -37.54 6.40
N VAL C 245 -28.05 -38.56 5.82
CA VAL C 245 -28.23 -39.94 6.22
C VAL C 245 -26.87 -40.44 6.67
N ASP C 246 -26.73 -40.73 7.97
CA ASP C 246 -25.46 -41.11 8.58
C ASP C 246 -25.52 -42.60 8.93
N PHE C 247 -24.70 -43.40 8.26
CA PHE C 247 -24.65 -44.83 8.51
C PHE C 247 -23.68 -45.22 9.62
N LEU C 248 -22.96 -44.24 10.18
CA LEU C 248 -22.00 -44.46 11.27
C LEU C 248 -21.00 -45.52 10.82
N GLY C 249 -20.69 -46.52 11.63
CA GLY C 249 -19.70 -47.52 11.29
C GLY C 249 -20.18 -48.67 10.43
N ALA C 250 -21.44 -48.64 10.00
CA ALA C 250 -21.98 -49.72 9.18
C ALA C 250 -21.27 -49.79 7.83
N ASN C 251 -21.19 -51.00 7.28
CA ASN C 251 -20.52 -51.24 6.01
C ASN C 251 -21.54 -51.16 4.87
N ILE C 252 -21.48 -50.07 4.11
CA ILE C 252 -22.34 -49.94 2.94
C ILE C 252 -21.72 -50.56 1.70
N PHE C 253 -20.39 -50.52 1.59
CA PHE C 253 -19.68 -51.12 0.47
C PHE C 253 -19.02 -52.42 0.93
N LYS C 254 -19.24 -53.50 0.18
CA LYS C 254 -18.70 -54.79 0.55
C LYS C 254 -17.18 -54.81 0.41
N ASN C 255 -16.52 -55.39 1.41
CA ASN C 255 -15.07 -55.55 1.44
C ASN C 255 -14.32 -54.21 1.40
N ILE C 256 -14.98 -53.12 1.79
CA ILE C 256 -14.38 -51.79 1.79
C ILE C 256 -14.42 -51.25 3.20
N GLY C 257 -13.28 -50.82 3.71
CA GLY C 257 -13.19 -50.26 5.05
C GLY C 257 -13.49 -48.77 5.09
N VAL C 258 -14.74 -48.40 4.83
CA VAL C 258 -15.16 -47.00 4.84
C VAL C 258 -16.49 -46.91 5.60
N SER C 259 -16.77 -45.71 6.08
CA SER C 259 -18.04 -45.38 6.73
C SER C 259 -18.70 -44.28 5.93
N SER C 260 -19.90 -44.55 5.42
CA SER C 260 -20.53 -43.71 4.41
C SER C 260 -21.63 -42.82 5.01
N CYS C 261 -21.95 -41.78 4.26
CA CYS C 261 -23.10 -40.93 4.55
C CYS C 261 -23.62 -40.37 3.23
N ILE C 262 -24.89 -39.96 3.25
CA ILE C 262 -25.58 -39.45 2.08
C ILE C 262 -26.04 -38.03 2.37
N LEU C 263 -25.68 -37.10 1.49
CA LEU C 263 -26.03 -35.69 1.64
C LEU C 263 -26.89 -35.25 0.47
N THR C 264 -28.00 -34.59 0.78
CA THR C 264 -28.87 -33.96 -0.22
C THR C 264 -29.04 -32.49 0.14
N PHE C 265 -28.76 -31.62 -0.83
CA PHE C 265 -28.72 -30.17 -0.62
C PHE C 265 -29.29 -29.47 -1.84
N ASP C 266 -29.53 -28.17 -1.70
CA ASP C 266 -30.13 -27.39 -2.77
C ASP C 266 -29.63 -25.95 -2.71
N LYS C 267 -29.89 -25.22 -3.80
CA LYS C 267 -29.58 -23.80 -3.91
C LYS C 267 -30.85 -22.98 -4.13
N LYS C 268 -31.92 -23.34 -3.44
CA LYS C 268 -33.20 -22.69 -3.61
C LYS C 268 -33.39 -21.59 -2.57
N LYS C 269 -34.58 -20.99 -2.54
CA LYS C 269 -34.88 -19.94 -1.58
C LYS C 269 -34.86 -20.49 -0.15
N THR C 270 -34.33 -19.69 0.76
CA THR C 270 -34.18 -20.13 2.15
C THR C 270 -35.54 -20.28 2.82
N LYS C 271 -35.72 -21.38 3.52
CA LYS C 271 -36.93 -21.71 4.27
C LYS C 271 -36.57 -21.83 5.75
N GLU C 272 -37.51 -22.36 6.54
CA GLU C 272 -37.24 -22.61 7.95
C GLU C 272 -36.01 -23.49 8.12
N THR C 273 -35.73 -24.36 7.15
CA THR C 273 -34.46 -25.08 7.03
C THR C 273 -34.19 -25.95 8.27
N TYR C 274 -35.11 -26.89 8.50
CA TYR C 274 -34.91 -27.93 9.50
C TYR C 274 -34.36 -29.16 8.78
N ILE C 275 -33.03 -29.30 8.81
CA ILE C 275 -32.38 -30.45 8.19
C ILE C 275 -32.87 -31.72 8.85
N ASP C 276 -33.37 -32.66 8.04
CA ASP C 276 -33.75 -33.98 8.53
C ASP C 276 -32.51 -34.86 8.59
N VAL C 277 -32.15 -35.31 9.78
CA VAL C 277 -30.96 -36.11 10.00
C VAL C 277 -31.39 -37.51 10.41
N PHE C 278 -30.89 -38.51 9.70
CA PHE C 278 -31.14 -39.91 9.98
C PHE C 278 -29.82 -40.56 10.40
N LYS C 279 -29.72 -40.90 11.69
CA LYS C 279 -28.55 -41.60 12.22
C LYS C 279 -28.94 -43.04 12.51
N ILE C 280 -28.13 -43.98 12.02
CA ILE C 280 -28.47 -45.39 12.16
C ILE C 280 -28.34 -45.80 13.63
N LYS C 281 -29.16 -46.77 14.03
CA LYS C 281 -29.13 -47.29 15.40
C LYS C 281 -28.34 -48.59 15.52
N ASN C 282 -28.44 -49.47 14.53
CA ASN C 282 -27.73 -50.74 14.52
C ASN C 282 -26.73 -50.72 13.37
N GLU C 283 -25.45 -50.95 13.68
CA GLU C 283 -24.39 -50.93 12.69
C GLU C 283 -24.07 -52.31 12.13
N ASP C 284 -24.81 -53.34 12.53
CA ASP C 284 -24.57 -54.71 12.09
C ASP C 284 -25.64 -55.21 11.13
N ILE C 285 -26.42 -54.31 10.55
CA ILE C 285 -27.51 -54.69 9.65
C ILE C 285 -26.95 -54.82 8.24
N CYS C 286 -27.29 -55.93 7.58
CA CYS C 286 -26.89 -56.14 6.19
C CYS C 286 -27.73 -55.27 5.28
N ILE C 287 -27.09 -54.41 4.50
CA ILE C 287 -27.82 -53.48 3.65
C ILE C 287 -28.48 -54.21 2.47
N ASN C 288 -27.97 -55.36 2.07
CA ASN C 288 -28.54 -56.10 0.95
C ASN C 288 -29.81 -56.85 1.32
N LYS C 289 -30.05 -57.08 2.61
CA LYS C 289 -31.22 -57.83 3.04
C LYS C 289 -32.52 -57.05 2.91
N PHE C 290 -32.45 -55.75 2.61
CA PHE C 290 -33.62 -54.90 2.56
C PHE C 290 -33.88 -54.41 1.14
N GLU C 291 -35.12 -54.00 0.89
CA GLU C 291 -35.55 -53.62 -0.45
C GLU C 291 -35.17 -52.18 -0.78
N THR C 292 -35.71 -51.22 -0.01
CA THR C 292 -35.50 -49.81 -0.27
C THR C 292 -35.03 -49.11 0.99
N LEU C 293 -34.38 -47.96 0.79
CA LEU C 293 -33.80 -47.23 1.93
C LEU C 293 -34.87 -46.51 2.73
N GLU C 294 -35.99 -46.14 2.10
CA GLU C 294 -37.09 -45.54 2.86
C GLU C 294 -37.62 -46.50 3.91
N GLU C 295 -37.55 -47.81 3.64
CA GLU C 295 -37.94 -48.80 4.63
C GLU C 295 -37.09 -48.69 5.89
N LEU C 296 -35.78 -48.54 5.72
CA LEU C 296 -34.90 -48.37 6.88
C LEU C 296 -35.13 -47.03 7.56
N LEU C 297 -35.27 -45.96 6.76
CA LEU C 297 -35.37 -44.63 7.34
C LEU C 297 -36.66 -44.47 8.16
N LYS C 298 -37.76 -45.05 7.69
CA LYS C 298 -39.04 -44.98 8.42
C LYS C 298 -39.25 -46.18 9.34
N SER C 299 -38.17 -46.78 9.84
CA SER C 299 -38.30 -47.89 10.78
C SER C 299 -37.50 -47.62 12.05
N SER C 300 -37.40 -48.64 12.91
CA SER C 300 -36.62 -48.50 14.13
C SER C 300 -35.12 -48.51 13.86
N LYS C 301 -34.70 -48.95 12.68
CA LYS C 301 -33.27 -49.04 12.39
C LYS C 301 -32.58 -47.67 12.36
N PHE C 302 -33.34 -46.60 12.19
CA PHE C 302 -32.78 -45.25 12.12
C PHE C 302 -33.53 -44.33 13.08
N GLU C 303 -32.82 -43.32 13.57
CA GLU C 303 -33.38 -42.24 14.36
C GLU C 303 -33.34 -40.96 13.56
N HIS C 304 -34.47 -40.28 13.45
CA HIS C 304 -34.58 -39.04 12.70
C HIS C 304 -34.80 -37.87 13.66
N PHE C 305 -34.12 -36.75 13.38
CA PHE C 305 -34.35 -35.53 14.13
C PHE C 305 -34.03 -34.32 13.26
N ASN C 306 -34.55 -33.17 13.67
CA ASN C 306 -34.41 -31.93 12.91
C ASN C 306 -33.32 -31.06 13.53
N ILE C 307 -32.46 -30.52 12.69
CA ILE C 307 -31.38 -29.64 13.11
C ILE C 307 -31.51 -28.32 12.36
N ASN C 308 -31.44 -27.21 13.09
CA ASN C 308 -31.54 -25.89 12.48
C ASN C 308 -30.19 -25.52 11.88
N GLN C 309 -30.15 -25.35 10.56
CA GLN C 309 -28.90 -25.05 9.87
C GLN C 309 -28.35 -23.69 10.28
N ARG C 310 -29.24 -22.70 10.47
CA ARG C 310 -28.79 -21.35 10.82
C ARG C 310 -28.07 -21.32 12.17
N LEU C 311 -28.33 -22.28 13.05
CA LEU C 311 -27.67 -22.35 14.34
C LEU C 311 -26.43 -23.23 14.33
N LEU C 312 -26.04 -23.77 13.18
CA LEU C 312 -24.85 -24.61 13.09
C LEU C 312 -23.59 -23.75 13.16
N SER C 313 -22.64 -24.14 13.99
CA SER C 313 -21.36 -23.49 14.09
C SER C 313 -20.36 -24.19 13.18
N ASP C 314 -19.06 -23.87 13.34
CA ASP C 314 -18.03 -24.58 12.59
C ASP C 314 -17.97 -26.06 12.95
N GLU C 315 -18.43 -26.43 14.13
CA GLU C 315 -18.59 -27.83 14.53
C GLU C 315 -20.08 -28.15 14.52
N TRP C 316 -20.44 -29.24 13.83
CA TRP C 316 -21.84 -29.58 13.62
C TRP C 316 -22.35 -30.47 14.75
N ILE C 317 -23.33 -29.97 15.50
CA ILE C 317 -23.93 -30.72 16.60
C ILE C 317 -25.13 -31.47 16.03
N LEU C 318 -24.88 -32.67 15.55
CA LEU C 318 -25.92 -33.50 14.96
C LEU C 318 -26.46 -34.48 16.01
N VAL C 319 -27.10 -33.91 17.02
CA VAL C 319 -27.70 -34.67 18.11
C VAL C 319 -29.12 -34.16 18.35
N ASN C 320 -29.92 -35.00 18.99
CA ASN C 320 -31.28 -34.64 19.34
C ASN C 320 -31.28 -33.63 20.49
N LYS C 321 -32.49 -33.22 20.91
CA LYS C 321 -32.61 -32.21 21.94
C LYS C 321 -32.05 -32.69 23.28
N ASP C 322 -32.27 -33.95 23.62
CA ASP C 322 -31.79 -34.48 24.89
C ASP C 322 -30.27 -34.44 24.96
N ASP C 323 -29.60 -34.97 23.94
CA ASP C 323 -28.14 -34.95 23.92
C ASP C 323 -27.60 -33.52 23.81
N GLU C 324 -28.31 -32.66 23.07
CA GLU C 324 -27.89 -31.26 22.99
C GLU C 324 -27.91 -30.59 24.36
N THR C 325 -28.98 -30.80 25.12
CA THR C 325 -29.07 -30.22 26.46
C THR C 325 -28.01 -30.83 27.38
N PHE C 326 -27.79 -32.14 27.28
CA PHE C 326 -26.75 -32.80 28.07
C PHE C 326 -25.38 -32.19 27.81
N TYR C 327 -25.03 -32.05 26.52
CA TYR C 327 -23.75 -31.49 26.14
C TYR C 327 -23.62 -30.04 26.60
N ASN C 328 -24.68 -29.24 26.46
CA ASN C 328 -24.62 -27.85 26.89
C ASN C 328 -24.46 -27.73 28.40
N LYS C 329 -25.15 -28.59 29.16
CA LYS C 329 -24.98 -28.60 30.61
C LYS C 329 -23.54 -28.91 30.98
N ILE C 330 -22.96 -29.95 30.37
CA ILE C 330 -21.60 -30.33 30.73
C ILE C 330 -20.62 -29.24 30.33
N GLN C 331 -20.82 -28.61 29.17
CA GLN C 331 -19.93 -27.53 28.74
C GLN C 331 -20.01 -26.33 29.69
N GLU C 332 -21.22 -25.97 30.12
CA GLU C 332 -21.37 -24.79 30.97
C GLU C 332 -20.84 -25.04 32.38
N LYS C 333 -21.07 -26.24 32.92
CA LYS C 333 -20.70 -26.49 34.33
C LYS C 333 -19.19 -26.47 34.52
N CYS C 334 -18.44 -27.05 33.60
CA CYS C 334 -17.00 -27.18 33.77
C CYS C 334 -16.30 -25.88 33.39
N LYS C 335 -15.43 -25.39 34.28
CA LYS C 335 -14.68 -24.17 34.05
C LYS C 335 -13.28 -24.40 33.48
N TYR C 336 -12.76 -25.61 33.58
CA TYR C 336 -11.43 -25.95 33.08
C TYR C 336 -11.54 -26.84 31.85
N SER C 337 -10.39 -27.09 31.23
CA SER C 337 -10.30 -27.94 30.05
C SER C 337 -9.09 -28.84 30.16
N LEU C 338 -9.14 -29.98 29.48
CA LEU C 338 -7.99 -30.89 29.47
C LEU C 338 -6.77 -30.24 28.84
N GLU C 339 -6.98 -29.49 27.77
CA GLU C 339 -5.87 -28.78 27.13
C GLU C 339 -5.27 -27.75 28.07
N ASP C 340 -6.10 -27.10 28.89
CA ASP C 340 -5.63 -26.04 29.78
C ASP C 340 -4.69 -26.58 30.85
N ILE C 341 -5.00 -27.76 31.41
CA ILE C 341 -4.28 -28.26 32.57
C ILE C 341 -3.27 -29.34 32.23
N ALA C 342 -3.19 -29.78 30.97
CA ALA C 342 -2.37 -30.92 30.63
C ALA C 342 -1.54 -30.65 29.38
N ILE C 343 -0.45 -31.39 29.26
CA ILE C 343 0.41 -31.41 28.09
C ILE C 343 0.29 -32.77 27.44
N SER C 344 -0.10 -32.79 26.17
CA SER C 344 -0.40 -34.01 25.45
C SER C 344 0.60 -34.23 24.32
N PHE C 345 0.86 -35.49 24.02
CA PHE C 345 1.80 -35.83 22.96
C PHE C 345 1.47 -37.18 22.34
N GLN C 346 1.79 -37.28 21.05
CA GLN C 346 1.69 -38.49 20.27
C GLN C 346 2.91 -39.39 20.51
N GLY C 347 2.72 -40.69 20.33
CA GLY C 347 3.75 -41.65 20.66
C GLY C 347 4.88 -41.66 19.65
N ILE C 348 5.85 -42.56 19.94
CA ILE C 348 7.02 -42.70 19.09
C ILE C 348 6.60 -43.15 17.70
N ILE C 349 7.14 -42.50 16.68
CA ILE C 349 6.97 -42.94 15.29
C ILE C 349 8.35 -43.35 14.80
N THR C 350 8.62 -44.66 14.81
CA THR C 350 9.94 -45.13 14.43
C THR C 350 10.17 -45.02 12.92
N GLY C 351 9.11 -45.15 12.13
CA GLY C 351 9.21 -45.21 10.69
C GLY C 351 9.38 -46.60 10.12
N CYS C 352 9.83 -47.55 10.95
CA CYS C 352 9.83 -48.96 10.59
C CYS C 352 9.86 -49.74 11.92
N ASP C 353 8.69 -50.21 12.36
CA ASP C 353 8.61 -50.83 13.68
C ASP C 353 9.37 -52.15 13.73
N LYS C 354 9.46 -52.87 12.60
CA LYS C 354 10.16 -54.16 12.59
C LYS C 354 11.64 -54.03 12.88
N ALA C 355 12.23 -52.85 12.68
CA ALA C 355 13.66 -52.65 12.90
C ALA C 355 14.00 -52.16 14.29
N PHE C 356 13.02 -51.72 15.08
CA PHE C 356 13.27 -51.18 16.40
C PHE C 356 12.50 -51.87 17.52
N ILE C 357 11.48 -52.65 17.22
CA ILE C 357 10.62 -53.26 18.23
C ILE C 357 10.87 -54.77 18.23
N LEU C 358 11.16 -55.32 19.40
CA LEU C 358 11.37 -56.75 19.56
C LEU C 358 10.47 -57.28 20.66
N SER C 359 10.23 -58.58 20.64
CA SER C 359 9.55 -59.21 21.76
C SER C 359 10.49 -59.26 22.97
N LYS C 360 9.91 -59.13 24.16
CA LYS C 360 10.72 -59.20 25.37
C LYS C 360 11.35 -60.57 25.55
N ASP C 361 10.84 -61.58 24.86
CA ASP C 361 11.41 -62.93 24.87
C ASP C 361 12.41 -63.15 23.74
N ASP C 362 12.64 -62.15 22.90
CA ASP C 362 13.55 -62.31 21.77
C ASP C 362 14.99 -62.47 22.26
N VAL C 363 15.69 -63.44 21.67
CA VAL C 363 17.07 -63.69 22.06
C VAL C 363 17.98 -62.54 21.62
N LYS C 364 17.62 -61.86 20.53
CA LYS C 364 18.44 -60.75 20.04
C LYS C 364 18.53 -59.60 21.04
N LEU C 365 17.64 -59.56 22.03
CA LEU C 365 17.75 -58.56 23.08
C LEU C 365 19.03 -58.74 23.90
N ASN C 366 19.67 -59.89 23.81
CA ASN C 366 20.98 -60.07 24.43
C ASN C 366 22.04 -59.19 23.80
N LEU C 367 21.81 -58.72 22.57
CA LEU C 367 22.74 -57.84 21.88
C LEU C 367 22.55 -56.37 22.24
N VAL C 368 21.48 -56.03 22.96
CA VAL C 368 21.13 -54.65 23.26
C VAL C 368 21.33 -54.39 24.75
N ASP C 369 22.05 -53.33 25.07
CA ASP C 369 22.17 -52.90 26.45
C ASP C 369 20.82 -52.42 26.97
N ASP C 370 20.55 -52.68 28.24
CA ASP C 370 19.26 -52.32 28.83
C ASP C 370 19.07 -50.81 28.91
N LYS C 371 20.14 -50.02 28.77
CA LYS C 371 19.97 -48.57 28.76
C LYS C 371 19.26 -48.10 27.51
N PHE C 372 19.34 -48.87 26.43
CA PHE C 372 18.68 -48.53 25.17
C PHE C 372 17.28 -49.12 25.06
N LEU C 373 16.91 -50.03 25.95
CA LEU C 373 15.63 -50.73 25.85
C LEU C 373 14.56 -49.99 26.65
N LYS C 374 13.38 -49.85 26.04
CA LYS C 374 12.24 -49.20 26.67
C LYS C 374 11.03 -50.13 26.58
N CYS C 375 10.11 -49.98 27.54
CA CYS C 375 8.90 -50.78 27.53
C CYS C 375 7.94 -50.29 26.45
N TRP C 376 7.43 -51.20 25.63
CA TRP C 376 6.63 -50.88 24.47
C TRP C 376 5.25 -51.50 24.63
N ILE C 377 4.21 -50.68 24.49
CA ILE C 377 2.83 -51.13 24.64
C ILE C 377 2.04 -50.74 23.39
N LYS C 378 0.92 -51.42 23.20
CA LYS C 378 0.00 -51.18 22.10
C LYS C 378 -1.34 -50.67 22.64
N SER C 379 -2.25 -50.35 21.71
CA SER C 379 -3.57 -49.88 22.11
C SER C 379 -4.35 -50.96 22.85
N LYS C 380 -4.11 -52.23 22.53
CA LYS C 380 -4.79 -53.32 23.23
C LYS C 380 -4.35 -53.43 24.68
N ASN C 381 -3.22 -52.82 25.05
CA ASN C 381 -2.72 -52.89 26.42
C ASN C 381 -3.37 -51.87 27.34
N ILE C 382 -4.17 -50.94 26.81
CA ILE C 382 -4.77 -49.89 27.62
C ILE C 382 -6.17 -50.31 28.03
N ASN C 383 -6.37 -50.48 29.33
CA ASN C 383 -7.69 -50.70 29.93
C ASN C 383 -8.08 -49.44 30.70
N LYS C 384 -9.19 -49.52 31.42
CA LYS C 384 -9.59 -48.43 32.29
C LYS C 384 -8.74 -48.45 33.56
N TYR C 385 -8.07 -47.32 33.84
CA TYR C 385 -7.30 -47.06 35.05
C TYR C 385 -5.95 -47.77 35.10
N ILE C 386 -5.69 -48.70 34.19
CA ILE C 386 -4.49 -49.54 34.30
C ILE C 386 -4.00 -49.92 32.92
N VAL C 387 -2.68 -50.09 32.81
CA VAL C 387 -2.01 -50.53 31.59
C VAL C 387 -1.52 -51.96 31.81
N ASP C 388 -1.78 -52.82 30.83
CA ASP C 388 -1.27 -54.19 30.89
C ASP C 388 0.25 -54.19 30.86
N LYS C 389 0.85 -55.23 31.44
CA LYS C 389 2.29 -55.38 31.41
C LYS C 389 2.77 -55.48 29.96
N SER C 390 3.82 -54.72 29.64
CA SER C 390 4.29 -54.65 28.26
C SER C 390 4.93 -55.98 27.85
N GLU C 391 4.68 -56.37 26.61
CA GLU C 391 5.26 -57.58 26.04
C GLU C 391 6.35 -57.29 25.01
N TYR C 392 6.69 -56.02 24.78
CA TYR C 392 7.63 -55.64 23.75
C TYR C 392 8.65 -54.65 24.29
N ARG C 393 9.80 -54.62 23.63
CA ARG C 393 10.88 -53.70 23.95
C ARG C 393 11.21 -52.86 22.71
N LEU C 394 11.36 -51.56 22.91
CA LEU C 394 11.79 -50.62 21.88
C LEU C 394 13.28 -50.35 22.04
N ILE C 395 14.01 -50.42 20.94
CA ILE C 395 15.41 -50.04 20.91
C ILE C 395 15.47 -48.55 20.61
N TYR C 396 15.61 -47.73 21.66
CA TYR C 396 15.66 -46.28 21.50
C TYR C 396 17.04 -45.93 20.93
N SER C 397 17.16 -46.07 19.61
CA SER C 397 18.44 -45.93 18.93
C SER C 397 18.94 -44.49 18.89
N ASN C 398 18.11 -43.52 19.23
CA ASN C 398 18.57 -42.14 19.28
C ASN C 398 19.65 -41.92 20.34
N ASP C 399 19.70 -42.79 21.35
CA ASP C 399 20.72 -42.66 22.39
C ASP C 399 22.07 -43.25 21.99
N ILE C 400 22.12 -44.01 20.90
CA ILE C 400 23.39 -44.49 20.36
C ILE C 400 24.01 -43.34 19.58
N ASP C 401 25.12 -42.79 20.10
CA ASP C 401 25.70 -41.58 19.52
C ASP C 401 26.45 -41.87 18.23
N ASN C 402 27.49 -42.70 18.31
CA ASN C 402 28.33 -43.01 17.16
C ASN C 402 28.15 -44.46 16.74
N GLU C 403 28.39 -44.71 15.45
CA GLU C 403 28.29 -46.06 14.92
C GLU C 403 29.45 -46.96 15.34
N ASN C 404 30.54 -46.38 15.87
CA ASN C 404 31.72 -47.13 16.26
C ASN C 404 31.63 -47.71 17.67
N THR C 405 30.55 -47.44 18.40
CA THR C 405 30.41 -47.88 19.78
C THR C 405 29.63 -49.19 19.91
N ASN C 406 28.48 -49.29 19.26
CA ASN C 406 27.56 -50.41 19.40
C ASN C 406 27.21 -51.00 18.04
N LYS C 407 28.23 -51.27 17.23
CA LYS C 407 28.02 -51.76 15.87
C LYS C 407 27.20 -53.04 15.84
N ARG C 408 27.22 -53.81 16.93
CA ARG C 408 26.48 -55.07 16.97
C ARG C 408 24.99 -54.83 16.77
N ILE C 409 24.44 -53.83 17.46
CA ILE C 409 23.01 -53.55 17.38
C ILE C 409 22.62 -53.14 15.97
N LEU C 410 23.42 -52.26 15.35
CA LEU C 410 23.10 -51.78 14.01
C LEU C 410 23.21 -52.90 12.98
N ASP C 411 24.26 -53.72 13.08
CA ASP C 411 24.49 -54.73 12.05
C ASP C 411 23.56 -55.93 12.19
N GLU C 412 23.20 -56.31 13.42
CA GLU C 412 22.47 -57.56 13.63
C GLU C 412 20.97 -57.38 13.84
N ILE C 413 20.49 -56.16 14.12
CA ILE C 413 19.07 -55.96 14.37
C ILE C 413 18.50 -54.92 13.41
N ILE C 414 18.98 -53.67 13.53
CA ILE C 414 18.38 -52.57 12.78
C ILE C 414 18.72 -52.68 11.29
N GLY C 415 19.98 -53.01 10.98
CA GLY C 415 20.43 -52.99 9.60
C GLY C 415 19.69 -53.94 8.68
N LEU C 416 18.98 -54.92 9.24
CA LEU C 416 18.18 -55.81 8.42
C LEU C 416 17.14 -55.05 7.61
N TYR C 417 16.73 -53.87 8.09
CA TYR C 417 15.79 -53.03 7.36
C TYR C 417 16.43 -51.73 6.88
N LYS C 418 17.77 -51.69 6.85
CA LYS C 418 18.49 -50.44 6.60
C LYS C 418 18.00 -49.75 5.34
N THR C 419 17.93 -50.49 4.22
CA THR C 419 17.48 -49.90 2.97
C THR C 419 16.13 -49.20 3.14
N LYS C 420 15.17 -49.88 3.75
CA LYS C 420 13.87 -49.26 3.97
C LYS C 420 13.99 -48.03 4.86
N LEU C 421 14.81 -48.13 5.91
CA LEU C 421 15.03 -46.97 6.78
C LEU C 421 15.66 -45.82 6.00
N GLU C 422 16.44 -46.13 4.96
CA GLU C 422 17.03 -45.07 4.15
C GLU C 422 16.01 -44.39 3.25
N ASN C 423 14.86 -45.03 3.01
CA ASN C 423 13.84 -44.43 2.17
C ASN C 423 12.95 -43.44 2.93
N ARG C 424 13.14 -43.33 4.24
CA ARG C 424 12.38 -42.35 5.02
C ARG C 424 12.76 -40.94 4.60
N ARG C 425 11.81 -40.01 4.79
CA ARG C 425 11.99 -38.65 4.30
C ARG C 425 13.20 -37.98 4.94
N GLU C 426 13.33 -38.08 6.26
CA GLU C 426 14.39 -37.37 6.97
C GLU C 426 15.76 -38.01 6.78
N CYS C 427 15.80 -39.30 6.43
CA CYS C 427 17.08 -39.89 6.05
C CYS C 427 17.50 -39.48 4.65
N LYS C 428 16.53 -39.32 3.74
CA LYS C 428 16.84 -38.79 2.42
C LYS C 428 17.31 -37.35 2.50
N SER C 429 16.68 -36.53 3.35
CA SER C 429 17.10 -35.15 3.50
C SER C 429 18.41 -35.01 4.28
N GLY C 430 18.89 -36.08 4.90
CA GLY C 430 20.19 -36.09 5.54
C GLY C 430 20.24 -35.57 6.96
N ILE C 431 19.12 -35.09 7.50
CA ILE C 431 19.12 -34.57 8.87
C ILE C 431 19.04 -35.66 9.91
N ARG C 432 18.72 -36.89 9.52
CA ARG C 432 18.57 -37.99 10.46
C ARG C 432 19.35 -39.21 9.97
N LYS C 433 20.02 -39.88 10.88
CA LYS C 433 20.79 -41.07 10.54
C LYS C 433 19.86 -42.24 10.23
N TRP C 434 20.37 -43.19 9.44
CA TRP C 434 19.53 -44.28 8.96
C TRP C 434 19.05 -45.17 10.10
N TYR C 435 19.80 -45.23 11.20
CA TYR C 435 19.45 -46.10 12.31
C TYR C 435 18.67 -45.39 13.42
N GLU C 436 18.40 -44.10 13.28
CA GLU C 436 17.65 -43.37 14.29
C GLU C 436 16.15 -43.53 14.08
N LEU C 437 15.40 -43.33 15.16
CA LEU C 437 13.95 -43.27 15.07
C LEU C 437 13.54 -42.02 14.30
N GLN C 438 12.56 -42.16 13.41
CA GLN C 438 12.15 -41.03 12.58
C GLN C 438 11.64 -39.87 13.43
N TRP C 439 10.81 -40.18 14.44
CA TRP C 439 10.34 -39.19 15.40
C TRP C 439 10.49 -39.80 16.79
N GLY C 440 11.66 -39.59 17.40
CA GLY C 440 11.95 -40.17 18.70
C GLY C 440 11.33 -39.46 19.88
N ARG C 441 10.73 -38.29 19.66
CA ARG C 441 10.08 -37.52 20.72
C ARG C 441 11.03 -37.23 21.87
N GLU C 442 10.48 -36.97 23.06
CA GLU C 442 11.27 -36.69 24.25
C GLU C 442 11.06 -37.79 25.27
N LYS C 443 12.16 -38.38 25.75
CA LYS C 443 12.06 -39.43 26.76
C LYS C 443 11.53 -38.89 28.08
N LEU C 444 11.81 -37.63 28.40
CA LEU C 444 11.33 -37.06 29.66
C LEU C 444 9.81 -37.01 29.71
N PHE C 445 9.15 -36.95 28.55
CA PHE C 445 7.70 -37.01 28.52
C PHE C 445 7.20 -38.43 28.78
N PHE C 446 7.91 -39.44 28.26
CA PHE C 446 7.45 -40.81 28.40
C PHE C 446 7.87 -41.43 29.73
N GLU C 447 9.12 -41.20 30.14
CA GLU C 447 9.66 -41.79 31.37
C GLU C 447 9.23 -40.96 32.58
N ARG C 448 7.94 -41.05 32.89
CA ARG C 448 7.34 -40.35 34.02
C ARG C 448 5.95 -40.95 34.25
N LYS C 449 5.25 -40.39 35.23
CA LYS C 449 3.85 -40.74 35.46
C LYS C 449 2.97 -39.92 34.52
N LYS C 450 2.08 -40.60 33.80
CA LYS C 450 1.26 -39.94 32.80
C LYS C 450 -0.01 -40.75 32.61
N ILE C 451 -0.93 -40.21 31.80
CA ILE C 451 -2.16 -40.88 31.44
C ILE C 451 -2.10 -41.21 29.96
N MET C 452 -2.39 -42.46 29.62
CA MET C 452 -2.35 -42.95 28.25
C MET C 452 -3.73 -43.42 27.82
N TYR C 453 -4.01 -43.29 26.51
CA TYR C 453 -5.27 -43.77 25.97
C TYR C 453 -5.08 -44.18 24.51
N PRO C 454 -5.74 -45.25 24.07
CA PRO C 454 -5.61 -45.70 22.68
C PRO C 454 -6.20 -44.67 21.72
N TYR C 455 -5.64 -44.64 20.51
CA TYR C 455 -6.09 -43.67 19.52
C TYR C 455 -7.42 -44.07 18.87
N LYS C 456 -7.80 -45.34 18.97
CA LYS C 456 -9.08 -45.82 18.45
C LYS C 456 -9.61 -46.87 19.40
N SER C 457 -10.80 -46.65 19.95
CA SER C 457 -11.36 -47.56 20.93
C SER C 457 -12.88 -47.45 20.92
N ASN C 458 -13.52 -48.47 21.49
CA ASN C 458 -14.97 -48.53 21.59
C ASN C 458 -15.53 -47.72 22.74
N GLU C 459 -14.69 -47.31 23.69
CA GLU C 459 -15.16 -46.60 24.87
C GLU C 459 -13.98 -45.80 25.43
N ASN C 460 -14.26 -45.02 26.47
CA ASN C 460 -13.23 -44.25 27.14
C ASN C 460 -12.32 -45.20 27.93
N ARG C 461 -11.05 -45.26 27.56
CA ARG C 461 -10.05 -46.08 28.23
C ARG C 461 -8.84 -45.20 28.54
N PHE C 462 -8.89 -44.52 29.68
CA PHE C 462 -7.79 -43.68 30.16
C PHE C 462 -7.12 -44.39 31.32
N ALA C 463 -5.82 -44.65 31.20
CA ALA C 463 -5.08 -45.41 32.19
C ALA C 463 -3.89 -44.61 32.70
N ILE C 464 -3.47 -44.91 33.93
CA ILE C 464 -2.30 -44.28 34.53
C ILE C 464 -1.11 -45.22 34.32
N ASP C 465 -0.05 -44.68 33.71
CA ASP C 465 1.15 -45.45 33.42
C ASP C 465 2.16 -45.24 34.54
N TYR C 466 2.55 -46.32 35.22
CA TYR C 466 3.53 -46.26 36.29
C TYR C 466 4.88 -46.82 35.87
N ASP C 467 4.98 -47.48 34.71
CA ASP C 467 6.17 -48.22 34.32
C ASP C 467 6.98 -47.52 33.23
N ASN C 468 6.69 -46.24 32.95
CA ASN C 468 7.38 -45.49 31.91
C ASN C 468 7.26 -46.19 30.55
N ASN C 469 6.03 -46.52 30.18
CA ASN C 469 5.78 -47.23 28.94
C ASN C 469 5.89 -46.30 27.73
N PHE C 470 6.65 -46.72 26.74
CA PHE C 470 6.66 -46.07 25.44
C PHE C 470 5.63 -46.74 24.53
N SER C 471 5.13 -45.97 23.58
CA SER C 471 4.10 -46.49 22.67
C SER C 471 4.27 -45.84 21.31
N SER C 472 3.64 -46.44 20.31
CA SER C 472 3.62 -45.88 18.97
C SER C 472 2.58 -44.76 18.92
N ALA C 473 2.27 -44.28 17.71
CA ALA C 473 1.25 -43.27 17.58
C ALA C 473 -0.16 -43.82 17.74
N ASP C 474 -0.30 -45.11 18.08
CA ASP C 474 -1.61 -45.70 18.35
C ASP C 474 -2.06 -45.49 19.79
N VAL C 475 -1.19 -44.98 20.66
CA VAL C 475 -1.54 -44.62 22.03
C VAL C 475 -1.04 -43.21 22.29
N TYR C 476 -1.96 -42.30 22.59
CA TYR C 476 -1.59 -40.94 22.94
C TYR C 476 -1.39 -40.84 24.46
N SER C 477 -0.64 -39.82 24.88
CA SER C 477 -0.36 -39.64 26.29
C SER C 477 -0.53 -38.18 26.66
N PHE C 478 -0.71 -37.93 27.95
CA PHE C 478 -0.66 -36.58 28.47
C PHE C 478 -0.33 -36.62 29.95
N PHE C 479 0.38 -35.59 30.41
CA PHE C 479 0.66 -35.42 31.83
C PHE C 479 0.15 -34.07 32.29
N ILE C 480 0.14 -33.87 33.60
CA ILE C 480 -0.44 -32.68 34.21
C ILE C 480 0.65 -31.63 34.38
N LYS C 481 0.33 -30.39 34.02
CA LYS C 481 1.27 -29.29 34.18
C LYS C 481 1.55 -29.02 35.65
N GLU C 482 2.73 -28.46 35.92
CA GLU C 482 3.17 -28.27 37.30
C GLU C 482 2.25 -27.32 38.06
N GLU C 483 1.76 -26.27 37.38
CA GLU C 483 0.92 -25.29 38.05
C GLU C 483 -0.48 -25.82 38.35
N TYR C 484 -0.86 -26.98 37.80
CA TYR C 484 -2.17 -27.56 38.05
C TYR C 484 -2.11 -28.85 38.86
N LEU C 485 -0.93 -29.24 39.35
CA LEU C 485 -0.84 -30.45 40.15
C LEU C 485 -1.54 -30.28 41.49
N ASP C 486 -1.55 -29.07 42.05
CA ASP C 486 -2.22 -28.81 43.31
C ASP C 486 -3.74 -28.77 43.19
N LYS C 487 -4.27 -28.82 41.97
CA LYS C 487 -5.71 -28.79 41.75
C LYS C 487 -6.27 -30.07 41.15
N PHE C 488 -5.50 -30.78 40.34
CA PHE C 488 -5.96 -32.02 39.72
C PHE C 488 -4.90 -33.10 39.88
N SER C 489 -5.35 -34.32 40.13
CA SER C 489 -4.48 -35.48 40.23
C SER C 489 -4.85 -36.48 39.14
N TYR C 490 -3.89 -37.37 38.83
CA TYR C 490 -4.12 -38.35 37.79
C TYR C 490 -5.28 -39.28 38.14
N GLU C 491 -5.40 -39.63 39.44
CA GLU C 491 -6.48 -40.51 39.87
C GLU C 491 -7.85 -39.88 39.61
N TYR C 492 -8.01 -38.60 39.94
CA TYR C 492 -9.27 -37.92 39.70
C TYR C 492 -9.58 -37.83 38.22
N LEU C 493 -8.56 -37.55 37.40
CA LEU C 493 -8.78 -37.43 35.96
C LEU C 493 -9.22 -38.76 35.36
N VAL C 494 -8.54 -39.85 35.72
CA VAL C 494 -8.96 -41.14 35.17
C VAL C 494 -10.31 -41.56 35.75
N GLY C 495 -10.62 -41.13 36.97
CA GLY C 495 -11.93 -41.44 37.54
C GLY C 495 -13.05 -40.79 36.77
N ILE C 496 -12.91 -39.51 36.45
CA ILE C 496 -14.01 -38.82 35.77
C ILE C 496 -14.01 -39.14 34.27
N LEU C 497 -12.85 -39.35 33.66
CA LEU C 497 -12.81 -39.63 32.23
C LEU C 497 -13.32 -41.02 31.90
N ASN C 498 -13.20 -41.97 32.83
CA ASN C 498 -13.70 -43.32 32.63
C ASN C 498 -15.13 -43.50 33.07
N SER C 499 -15.74 -42.48 33.66
CA SER C 499 -17.15 -42.56 34.03
C SER C 499 -18.03 -42.62 32.79
N SER C 500 -19.19 -43.26 32.94
CA SER C 500 -20.14 -43.33 31.83
C SER C 500 -20.56 -41.94 31.39
N VAL C 501 -20.61 -40.99 32.32
CA VAL C 501 -20.98 -39.62 31.98
C VAL C 501 -20.04 -39.06 30.93
N TYR C 502 -18.72 -39.17 31.17
CA TYR C 502 -17.76 -38.63 30.22
C TYR C 502 -17.63 -39.49 28.98
N ASP C 503 -17.92 -40.79 29.07
CA ASP C 503 -18.00 -41.61 27.86
C ASP C 503 -19.07 -41.09 26.91
N LYS C 504 -20.29 -40.89 27.42
CA LYS C 504 -21.36 -40.33 26.62
C LYS C 504 -21.01 -38.92 26.15
N TYR C 505 -20.42 -38.11 27.04
CA TYR C 505 -20.10 -36.72 26.72
C TYR C 505 -19.09 -36.64 25.57
N PHE C 506 -18.06 -37.48 25.59
CA PHE C 506 -17.09 -37.49 24.50
C PHE C 506 -17.71 -38.03 23.22
N LYS C 507 -18.51 -39.09 23.31
CA LYS C 507 -19.07 -39.67 22.10
C LYS C 507 -20.11 -38.79 21.43
N ILE C 508 -20.54 -37.70 22.08
CA ILE C 508 -21.50 -36.79 21.46
C ILE C 508 -20.88 -36.15 20.22
N THR C 509 -19.62 -35.74 20.30
CA THR C 509 -18.97 -35.00 19.22
C THR C 509 -17.75 -35.73 18.66
N ALA C 510 -17.48 -36.95 19.10
CA ALA C 510 -16.30 -37.67 18.64
C ALA C 510 -16.49 -38.13 17.18
N LYS C 511 -15.39 -38.48 16.54
CA LYS C 511 -15.41 -38.94 15.16
C LYS C 511 -15.59 -40.46 15.15
N LYS C 512 -16.62 -40.92 14.44
CA LYS C 512 -16.93 -42.34 14.32
C LYS C 512 -16.21 -42.91 13.11
N MET C 513 -15.25 -43.82 13.37
CA MET C 513 -14.39 -44.34 12.31
C MET C 513 -14.99 -45.56 11.62
N SER C 514 -15.22 -46.62 12.38
CA SER C 514 -15.80 -47.85 11.83
C SER C 514 -16.77 -48.39 12.88
N LYS C 515 -17.21 -49.64 12.68
CA LYS C 515 -18.18 -50.24 13.57
C LYS C 515 -17.60 -50.38 14.97
N ASN C 516 -18.25 -49.75 15.94
CA ASN C 516 -17.87 -49.81 17.35
C ASN C 516 -16.47 -49.26 17.61
N ILE C 517 -16.00 -48.37 16.74
CA ILE C 517 -14.68 -47.76 16.88
C ILE C 517 -14.81 -46.24 16.74
N TYR C 518 -14.43 -45.51 17.78
CA TYR C 518 -14.34 -44.07 17.75
C TYR C 518 -12.89 -43.64 17.67
N ASP C 519 -12.68 -42.37 17.32
CA ASP C 519 -11.35 -41.80 17.19
C ASP C 519 -11.01 -41.02 18.45
N TYR C 520 -10.02 -41.49 19.20
CA TYR C 520 -9.54 -40.80 20.40
C TYR C 520 -8.23 -40.10 20.08
N TYR C 521 -8.34 -38.93 19.48
CA TYR C 521 -7.21 -38.10 19.11
C TYR C 521 -7.17 -36.84 19.98
N PRO C 522 -5.98 -36.28 20.22
CA PRO C 522 -5.89 -35.08 21.07
C PRO C 522 -6.68 -33.90 20.55
N ASN C 523 -6.91 -33.82 19.24
CA ASN C 523 -7.67 -32.68 18.70
C ASN C 523 -9.09 -32.64 19.24
N LYS C 524 -9.60 -33.77 19.74
CA LYS C 524 -10.89 -33.80 20.41
C LYS C 524 -10.83 -34.27 21.86
N VAL C 525 -9.87 -35.14 22.21
CA VAL C 525 -9.72 -35.55 23.61
C VAL C 525 -9.33 -34.36 24.47
N MET C 526 -8.40 -33.53 23.99
CA MET C 526 -7.96 -32.37 24.76
C MET C 526 -9.02 -31.28 24.86
N LYS C 527 -10.10 -31.37 24.09
CA LYS C 527 -11.21 -30.42 24.24
C LYS C 527 -12.19 -30.82 25.33
N ILE C 528 -11.98 -31.98 25.97
CA ILE C 528 -12.86 -32.40 27.05
C ILE C 528 -12.76 -31.43 28.21
N ARG C 529 -13.91 -30.98 28.70
CA ARG C 529 -13.96 -30.04 29.80
C ARG C 529 -13.95 -30.80 31.13
N ILE C 530 -13.26 -30.23 32.12
CA ILE C 530 -13.07 -30.86 33.43
C ILE C 530 -13.52 -29.89 34.50
N PHE C 531 -14.23 -30.41 35.50
CA PHE C 531 -14.73 -29.60 36.60
C PHE C 531 -13.93 -29.90 37.87
N ARG C 532 -14.19 -29.10 38.90
CA ARG C 532 -13.53 -29.27 40.19
C ARG C 532 -14.42 -28.66 41.26
N ASP C 533 -15.00 -29.49 42.10
CA ASP C 533 -15.92 -29.01 43.14
C ASP C 533 -15.80 -29.94 44.35
N ASN C 534 -16.79 -29.86 45.25
CA ASN C 534 -16.68 -30.49 46.56
C ASN C 534 -16.61 -32.01 46.49
N ASN C 535 -17.00 -32.61 45.37
CA ASN C 535 -16.93 -34.06 45.23
C ASN C 535 -15.55 -34.56 44.84
N TYR C 536 -14.57 -33.66 44.70
CA TYR C 536 -13.25 -34.04 44.21
C TYR C 536 -12.61 -35.09 45.11
N GLU C 537 -12.64 -34.87 46.43
CA GLU C 537 -11.95 -35.77 47.35
C GLU C 537 -12.54 -37.17 47.29
N GLU C 538 -13.87 -37.28 47.29
CA GLU C 538 -14.49 -38.60 47.31
C GLU C 538 -14.36 -39.30 45.97
N ILE C 539 -14.45 -38.55 44.86
CA ILE C 539 -14.22 -39.16 43.55
C ILE C 539 -12.80 -39.69 43.44
N GLU C 540 -11.83 -38.91 43.94
CA GLU C 540 -10.43 -39.34 43.93
C GLU C 540 -10.25 -40.60 44.80
N ASN C 541 -10.91 -40.63 45.96
CA ASN C 541 -10.79 -41.81 46.83
C ASN C 541 -11.41 -43.05 46.16
N LEU C 542 -12.55 -42.89 45.51
CA LEU C 542 -13.17 -44.01 44.80
C LEU C 542 -12.28 -44.49 43.67
N SER C 543 -11.67 -43.56 42.92
CA SER C 543 -10.75 -43.95 41.86
C SER C 543 -9.53 -44.68 42.41
N LYS C 544 -9.00 -44.22 43.55
CA LYS C 544 -7.90 -44.93 44.19
C LYS C 544 -8.30 -46.34 44.59
N GLN C 545 -9.51 -46.50 45.13
CA GLN C 545 -9.99 -47.83 45.49
C GLN C 545 -10.10 -48.73 44.26
N ILE C 546 -10.62 -48.18 43.16
CA ILE C 546 -10.76 -48.98 41.93
C ILE C 546 -9.38 -49.40 41.42
N ILE C 547 -8.42 -48.47 41.41
CA ILE C 547 -7.08 -48.80 40.94
C ILE C 547 -6.45 -49.86 41.82
N SER C 548 -6.60 -49.74 43.15
CA SER C 548 -6.04 -50.73 44.06
C SER C 548 -6.67 -52.10 43.84
N ILE C 549 -7.98 -52.15 43.59
CA ILE C 549 -8.64 -53.43 43.34
C ILE C 549 -8.14 -54.04 42.05
N LEU C 550 -8.01 -53.23 40.99
CA LEU C 550 -7.59 -53.77 39.71
C LEU C 550 -6.17 -54.32 39.73
N LEU C 551 -5.33 -53.80 40.62
CA LEU C 551 -3.95 -54.26 40.75
C LEU C 551 -3.79 -55.40 41.76
N ASN C 552 -4.89 -55.89 42.32
CA ASN C 552 -4.83 -56.97 43.29
C ASN C 552 -4.63 -58.31 42.59
N LYS C 553 -4.37 -59.35 43.39
CA LYS C 553 -4.13 -60.68 42.84
C LYS C 553 -5.36 -61.22 42.12
N SER C 554 -6.50 -61.21 42.81
CA SER C 554 -7.77 -61.65 42.23
C SER C 554 -8.77 -60.52 42.34
N ILE C 555 -9.41 -60.18 41.22
CA ILE C 555 -10.27 -59.01 41.12
C ILE C 555 -11.73 -59.42 41.28
N ASP C 556 -12.43 -58.77 42.21
CA ASP C 556 -13.87 -58.92 42.36
C ASP C 556 -14.53 -57.77 41.61
N LYS C 557 -15.07 -58.06 40.44
CA LYS C 557 -15.59 -57.01 39.56
C LYS C 557 -16.84 -56.35 40.13
N GLY C 558 -17.56 -57.00 41.05
CA GLY C 558 -18.75 -56.38 41.61
C GLY C 558 -18.42 -55.13 42.43
N LYS C 559 -17.35 -55.21 43.23
CA LYS C 559 -16.91 -54.04 43.98
C LYS C 559 -16.51 -52.91 43.04
N VAL C 560 -15.80 -53.24 41.96
CA VAL C 560 -15.42 -52.23 40.99
C VAL C 560 -16.66 -51.58 40.37
N GLU C 561 -17.64 -52.40 40.01
CA GLU C 561 -18.85 -51.86 39.39
C GLU C 561 -19.61 -50.93 40.33
N LYS C 562 -19.76 -51.34 41.60
CA LYS C 562 -20.51 -50.50 42.53
C LYS C 562 -19.76 -49.22 42.85
N LEU C 563 -18.43 -49.28 42.96
CA LEU C 563 -17.64 -48.07 43.16
C LEU C 563 -17.75 -47.14 41.97
N GLN C 564 -17.72 -47.69 40.75
CA GLN C 564 -17.88 -46.88 39.55
C GLN C 564 -19.25 -46.24 39.51
N ILE C 565 -20.29 -46.96 39.94
CA ILE C 565 -21.64 -46.40 39.98
C ILE C 565 -21.73 -45.25 40.97
N LYS C 566 -21.11 -45.41 42.15
CA LYS C 566 -21.08 -44.31 43.12
C LYS C 566 -20.37 -43.09 42.53
N MET C 567 -19.23 -43.32 41.86
CA MET C 567 -18.50 -42.22 41.24
C MET C 567 -19.33 -41.53 40.17
N ASP C 568 -20.04 -42.32 39.36
CA ASP C 568 -20.89 -41.74 38.31
C ASP C 568 -22.00 -40.90 38.92
N ASN C 569 -22.61 -41.38 40.01
CA ASN C 569 -23.63 -40.60 40.69
C ASN C 569 -23.06 -39.29 41.21
N LEU C 570 -21.85 -39.33 41.79
CA LEU C 570 -21.22 -38.11 42.26
C LEU C 570 -20.96 -37.13 41.12
N ILE C 571 -20.50 -37.64 39.98
CA ILE C 571 -20.21 -36.77 38.84
C ILE C 571 -21.51 -36.16 38.29
N MET C 572 -22.58 -36.96 38.21
CA MET C 572 -23.86 -36.44 37.76
C MET C 572 -24.38 -35.35 38.70
N ASP C 573 -24.23 -35.56 40.01
CA ASP C 573 -24.61 -34.54 40.96
C ASP C 573 -23.77 -33.28 40.79
N SER C 574 -22.47 -33.44 40.52
CA SER C 574 -21.60 -32.30 40.31
C SER C 574 -22.00 -31.49 39.09
N LEU C 575 -22.33 -32.18 37.99
CA LEU C 575 -22.73 -31.51 36.76
C LEU C 575 -24.21 -31.16 36.71
N GLY C 576 -25.00 -31.63 37.67
CA GLY C 576 -26.42 -31.31 37.68
C GLY C 576 -27.18 -31.85 36.50
N ILE C 577 -26.91 -33.08 36.09
CA ILE C 577 -27.57 -33.68 34.94
C ILE C 577 -28.51 -34.79 35.39
#